data_9EFJ
# 
_entry.id   9EFJ 
# 
_audit_conform.dict_name       mmcif_pdbx.dic 
_audit_conform.dict_version    5.408 
_audit_conform.dict_location   http://mmcif.pdb.org/dictionaries/ascii/mmcif_pdbx.dic 
# 
loop_
_database_2.database_id 
_database_2.database_code 
_database_2.pdbx_database_accession 
_database_2.pdbx_DOI 
PDB   9EFJ         pdb_00009efj 10.2210/pdb9efj/pdb 
WWPDB D_1000290296 ?            ?                   
# 
loop_
_pdbx_audit_revision_history.ordinal 
_pdbx_audit_revision_history.data_content_type 
_pdbx_audit_revision_history.major_revision 
_pdbx_audit_revision_history.minor_revision 
_pdbx_audit_revision_history.revision_date 
_pdbx_audit_revision_history.part_number 
1 'Structure model' 1 0 2025-11-19 ? 
2 'Structure model' 1 1 2025-11-26 ? 
3 'Structure model' 1 2 2025-12-10 ? 
# 
_pdbx_audit_revision_details.ordinal             1 
_pdbx_audit_revision_details.revision_ordinal    1 
_pdbx_audit_revision_details.data_content_type   'Structure model' 
_pdbx_audit_revision_details.provider            repository 
_pdbx_audit_revision_details.type                'Initial release' 
_pdbx_audit_revision_details.description         ? 
_pdbx_audit_revision_details.details             ? 
# 
loop_
_pdbx_audit_revision_group.ordinal 
_pdbx_audit_revision_group.revision_ordinal 
_pdbx_audit_revision_group.data_content_type 
_pdbx_audit_revision_group.group 
1 2 'Structure model' 'Database references' 
2 3 'Structure model' 'Database references' 
# 
loop_
_pdbx_audit_revision_category.ordinal 
_pdbx_audit_revision_category.revision_ordinal 
_pdbx_audit_revision_category.data_content_type 
_pdbx_audit_revision_category.category 
1 2 'Structure model' citation 
2 3 'Structure model' citation 
# 
loop_
_pdbx_audit_revision_item.ordinal 
_pdbx_audit_revision_item.revision_ordinal 
_pdbx_audit_revision_item.data_content_type 
_pdbx_audit_revision_item.item 
1 2 'Structure model' '_citation.pdbx_database_id_PubMed' 
2 2 'Structure model' '_citation.title'                   
3 3 'Structure model' '_citation.journal_volume'          
4 3 'Structure model' '_citation.page_first'              
5 3 'Structure model' '_citation.page_last'               
# 
_pdbx_database_status.status_code                     REL 
_pdbx_database_status.status_code_sf                  REL 
_pdbx_database_status.status_code_mr                  ? 
_pdbx_database_status.entry_id                        9EFJ 
_pdbx_database_status.recvd_initial_deposition_date   2024-11-20 
_pdbx_database_status.SG_entry                        N 
_pdbx_database_status.deposit_site                    RCSB 
_pdbx_database_status.process_site                    RCSB 
_pdbx_database_status.status_code_cs                  ? 
_pdbx_database_status.status_code_nmr_data            ? 
_pdbx_database_status.methods_development_category    ? 
_pdbx_database_status.pdb_format_compatible           N 
# 
_pdbx_contact_author.id                 4 
_pdbx_contact_author.email              maurizio.pellecchia@ucr.edu 
_pdbx_contact_author.name_first         Maurizio 
_pdbx_contact_author.name_last          Pellecchia 
_pdbx_contact_author.name_mi            ? 
_pdbx_contact_author.role               'principal investigator/group leader' 
_pdbx_contact_author.identifier_ORCID   0000-0001-5179-470X 
# 
loop_
_audit_author.name 
_audit_author.pdbx_ordinal 
_audit_author.identifier_ORCID 
'Muzzarelli, K.M.' 1 0000-0003-1488-0750 
'Assar, Z.'        2 0000-0001-6008-6203 
'Udompholkul, P.'  3 ?                   
'Pellecchia, M.'   4 0000-0001-5179-470X 
'Baggio, C.'       5 ?                   
'Prentiss, A.M.'   6 ?                   
# 
_citation.abstract                  ? 
_citation.abstract_id_CAS           ? 
_citation.book_id_ISBN              ? 
_citation.book_publisher            ? 
_citation.book_publisher_city       ? 
_citation.book_title                ? 
_citation.coordinate_linkage        ? 
_citation.country                   US 
_citation.database_id_Medline       ? 
_citation.details                   ? 
_citation.id                        primary 
_citation.journal_abbrev            J.Med.Chem. 
_citation.journal_id_ASTM           JMCMAR 
_citation.journal_id_CSD            0151 
_citation.journal_id_ISSN           0022-2623 
_citation.journal_full              ? 
_citation.journal_issue             ? 
_citation.journal_volume            68 
_citation.language                  ? 
_citation.page_first                24305 
_citation.page_last                 24315 
_citation.title                     
'A Fragment-Based Electrophile-First Approach to Target Histidine with Aryl-Fluorosulfates: Application to hMcl-1.' 
_citation.year                      2025 
_citation.database_id_CSD           ? 
_citation.pdbx_database_id_DOI      10.1021/acs.jmedchem.5c02199 
_citation.pdbx_database_id_PubMed   41223148 
_citation.pdbx_database_id_patent   ? 
_citation.unpublished_flag          ? 
# 
loop_
_citation_author.citation_id 
_citation_author.name 
_citation_author.ordinal 
_citation_author.identifier_ORCID 
primary 'Alboreggia, G.' 1 ? 
primary 'Muzzarelli, K.' 2 ? 
primary 'Assar, Z.'      3 ? 
primary 'Pellecchia, M.' 4 ? 
# 
loop_
_entity.id 
_entity.type 
_entity.src_method 
_entity.pdbx_description 
_entity.formula_weight 
_entity.pdbx_number_of_molecules 
_entity.pdbx_ec 
_entity.pdbx_mutation 
_entity.pdbx_fragment 
_entity.details 
1 polymer     man 'Induced myeloid leukemia cell differentiation protein Mcl-1'                                    17436.854 1  ? 
? ? ? 
2 non-polymer syn '(1R)-N-{5-[(dihydroxy-lambda~4~-sulfanyl)oxy]pyridin-3-yl}-2,3-dihydro-1H-indene-1-carboxamide' 334.347   1  ? 
? ? ? 
3 water       nat water                                                                                            18.015    19 ? 
? ? ? 
# 
_entity_name_com.entity_id   1 
_entity_name_com.name        'Bcl-2-like protein 3,Bcl2-L-3,Bcl-2-related protein EAT/mcl1,mcl1/EAT' 
# 
_entity_poly.entity_id                      1 
_entity_poly.type                           'polypeptide(L)' 
_entity_poly.nstd_linkage                   no 
_entity_poly.nstd_monomer                   no 
_entity_poly.pdbx_seq_one_letter_code       
;DELYRQSLEIISRYLREQATGAKDTKPMGRSGATSRKALETLRRVGDGVQRNHETAFQGMLRKLDIKNEDDVKSLSRVMI
HVFSDGVTNWGRIVTLISFGAFVAKHLKTINQESCIEPLAESITDVLVRTKRDWLVKQRGWDGFVEFFHVED
;
_entity_poly.pdbx_seq_one_letter_code_can   
;DELYRQSLEIISRYLREQATGAKDTKPMGRSGATSRKALETLRRVGDGVQRNHETAFQGMLRKLDIKNEDDVKSLSRVMI
HVFSDGVTNWGRIVTLISFGAFVAKHLKTINQESCIEPLAESITDVLVRTKRDWLVKQRGWDGFVEFFHVED
;
_entity_poly.pdbx_strand_id                 A 
_entity_poly.pdbx_target_identifier         ? 
# 
loop_
_pdbx_entity_nonpoly.entity_id 
_pdbx_entity_nonpoly.name 
_pdbx_entity_nonpoly.comp_id 
2 '(1R)-N-{5-[(dihydroxy-lambda~4~-sulfanyl)oxy]pyridin-3-yl}-2,3-dihydro-1H-indene-1-carboxamide' A1BI3 
3 water                                                                                            HOH   
# 
loop_
_entity_poly_seq.entity_id 
_entity_poly_seq.num 
_entity_poly_seq.mon_id 
_entity_poly_seq.hetero 
1 1   ASP n 
1 2   GLU n 
1 3   LEU n 
1 4   TYR n 
1 5   ARG n 
1 6   GLN n 
1 7   SER n 
1 8   LEU n 
1 9   GLU n 
1 10  ILE n 
1 11  ILE n 
1 12  SER n 
1 13  ARG n 
1 14  TYR n 
1 15  LEU n 
1 16  ARG n 
1 17  GLU n 
1 18  GLN n 
1 19  ALA n 
1 20  THR n 
1 21  GLY n 
1 22  ALA n 
1 23  LYS n 
1 24  ASP n 
1 25  THR n 
1 26  LYS n 
1 27  PRO n 
1 28  MET n 
1 29  GLY n 
1 30  ARG n 
1 31  SER n 
1 32  GLY n 
1 33  ALA n 
1 34  THR n 
1 35  SER n 
1 36  ARG n 
1 37  LYS n 
1 38  ALA n 
1 39  LEU n 
1 40  GLU n 
1 41  THR n 
1 42  LEU n 
1 43  ARG n 
1 44  ARG n 
1 45  VAL n 
1 46  GLY n 
1 47  ASP n 
1 48  GLY n 
1 49  VAL n 
1 50  GLN n 
1 51  ARG n 
1 52  ASN n 
1 53  HIS n 
1 54  GLU n 
1 55  THR n 
1 56  ALA n 
1 57  PHE n 
1 58  GLN n 
1 59  GLY n 
1 60  MET n 
1 61  LEU n 
1 62  ARG n 
1 63  LYS n 
1 64  LEU n 
1 65  ASP n 
1 66  ILE n 
1 67  LYS n 
1 68  ASN n 
1 69  GLU n 
1 70  ASP n 
1 71  ASP n 
1 72  VAL n 
1 73  LYS n 
1 74  SER n 
1 75  LEU n 
1 76  SER n 
1 77  ARG n 
1 78  VAL n 
1 79  MET n 
1 80  ILE n 
1 81  HIS n 
1 82  VAL n 
1 83  PHE n 
1 84  SER n 
1 85  ASP n 
1 86  GLY n 
1 87  VAL n 
1 88  THR n 
1 89  ASN n 
1 90  TRP n 
1 91  GLY n 
1 92  ARG n 
1 93  ILE n 
1 94  VAL n 
1 95  THR n 
1 96  LEU n 
1 97  ILE n 
1 98  SER n 
1 99  PHE n 
1 100 GLY n 
1 101 ALA n 
1 102 PHE n 
1 103 VAL n 
1 104 ALA n 
1 105 LYS n 
1 106 HIS n 
1 107 LEU n 
1 108 LYS n 
1 109 THR n 
1 110 ILE n 
1 111 ASN n 
1 112 GLN n 
1 113 GLU n 
1 114 SER n 
1 115 CYS n 
1 116 ILE n 
1 117 GLU n 
1 118 PRO n 
1 119 LEU n 
1 120 ALA n 
1 121 GLU n 
1 122 SER n 
1 123 ILE n 
1 124 THR n 
1 125 ASP n 
1 126 VAL n 
1 127 LEU n 
1 128 VAL n 
1 129 ARG n 
1 130 THR n 
1 131 LYS n 
1 132 ARG n 
1 133 ASP n 
1 134 TRP n 
1 135 LEU n 
1 136 VAL n 
1 137 LYS n 
1 138 GLN n 
1 139 ARG n 
1 140 GLY n 
1 141 TRP n 
1 142 ASP n 
1 143 GLY n 
1 144 PHE n 
1 145 VAL n 
1 146 GLU n 
1 147 PHE n 
1 148 PHE n 
1 149 HIS n 
1 150 VAL n 
1 151 GLU n 
1 152 ASP n 
# 
_entity_src_gen.entity_id                          1 
_entity_src_gen.pdbx_src_id                        1 
_entity_src_gen.pdbx_alt_source_flag               sample 
_entity_src_gen.pdbx_seq_type                      'Biological sequence' 
_entity_src_gen.pdbx_beg_seq_num                   1 
_entity_src_gen.pdbx_end_seq_num                   152 
_entity_src_gen.gene_src_common_name               human 
_entity_src_gen.gene_src_genus                     ? 
_entity_src_gen.pdbx_gene_src_gene                 'MCL1, BCL2L3' 
_entity_src_gen.gene_src_species                   ? 
_entity_src_gen.gene_src_strain                    ? 
_entity_src_gen.gene_src_tissue                    ? 
_entity_src_gen.gene_src_tissue_fraction           ? 
_entity_src_gen.gene_src_details                   ? 
_entity_src_gen.pdbx_gene_src_fragment             ? 
_entity_src_gen.pdbx_gene_src_scientific_name      'Homo sapiens' 
_entity_src_gen.pdbx_gene_src_ncbi_taxonomy_id     9606 
_entity_src_gen.pdbx_gene_src_variant              ? 
_entity_src_gen.pdbx_gene_src_cell_line            ? 
_entity_src_gen.pdbx_gene_src_atcc                 ? 
_entity_src_gen.pdbx_gene_src_organ                ? 
_entity_src_gen.pdbx_gene_src_organelle            ? 
_entity_src_gen.pdbx_gene_src_cell                 ? 
_entity_src_gen.pdbx_gene_src_cellular_location    ? 
_entity_src_gen.host_org_common_name               ? 
_entity_src_gen.pdbx_host_org_scientific_name      'Escherichia coli' 
_entity_src_gen.pdbx_host_org_ncbi_taxonomy_id     562 
_entity_src_gen.host_org_genus                     ? 
_entity_src_gen.pdbx_host_org_gene                 ? 
_entity_src_gen.pdbx_host_org_organ                ? 
_entity_src_gen.host_org_species                   ? 
_entity_src_gen.pdbx_host_org_tissue               ? 
_entity_src_gen.pdbx_host_org_tissue_fraction      ? 
_entity_src_gen.pdbx_host_org_strain               ? 
_entity_src_gen.pdbx_host_org_variant              ? 
_entity_src_gen.pdbx_host_org_cell_line            ? 
_entity_src_gen.pdbx_host_org_atcc                 ? 
_entity_src_gen.pdbx_host_org_culture_collection   ? 
_entity_src_gen.pdbx_host_org_cell                 ? 
_entity_src_gen.pdbx_host_org_organelle            ? 
_entity_src_gen.pdbx_host_org_cellular_location    ? 
_entity_src_gen.pdbx_host_org_vector_type          ? 
_entity_src_gen.pdbx_host_org_vector               ? 
_entity_src_gen.host_org_details                   ? 
_entity_src_gen.expression_system_id               ? 
_entity_src_gen.plasmid_name                       ? 
_entity_src_gen.plasmid_details                    ? 
_entity_src_gen.pdbx_description                   ? 
# 
loop_
_chem_comp.id 
_chem_comp.type 
_chem_comp.mon_nstd_flag 
_chem_comp.name 
_chem_comp.pdbx_synonyms 
_chem_comp.formula 
_chem_comp.formula_weight 
A1BI3 non-polymer         . '(1R)-N-{5-[(dihydroxy-lambda~4~-sulfanyl)oxy]pyridin-3-yl}-2,3-dihydro-1H-indene-1-carboxamide' ? 
'C15 H14 N2 O5 S' 334.347 
ALA   'L-peptide linking' y ALANINE                                                                                          ? 
'C3 H7 N O2'      89.093  
ARG   'L-peptide linking' y ARGININE                                                                                         ? 
'C6 H15 N4 O2 1'  175.209 
ASN   'L-peptide linking' y ASPARAGINE                                                                                       ? 
'C4 H8 N2 O3'     132.118 
ASP   'L-peptide linking' y 'ASPARTIC ACID'                                                                                  ? 
'C4 H7 N O4'      133.103 
CYS   'L-peptide linking' y CYSTEINE                                                                                         ? 
'C3 H7 N O2 S'    121.158 
GLN   'L-peptide linking' y GLUTAMINE                                                                                        ? 
'C5 H10 N2 O3'    146.144 
GLU   'L-peptide linking' y 'GLUTAMIC ACID'                                                                                  ? 
'C5 H9 N O4'      147.129 
GLY   'peptide linking'   y GLYCINE                                                                                          ? 
'C2 H5 N O2'      75.067  
HIS   'L-peptide linking' y HISTIDINE                                                                                        ? 
'C6 H10 N3 O2 1'  156.162 
HOH   non-polymer         . WATER                                                                                            ? 
'H2 O'            18.015  
ILE   'L-peptide linking' y ISOLEUCINE                                                                                       ? 
'C6 H13 N O2'     131.173 
LEU   'L-peptide linking' y LEUCINE                                                                                          ? 
'C6 H13 N O2'     131.173 
LYS   'L-peptide linking' y LYSINE                                                                                           ? 
'C6 H15 N2 O2 1'  147.195 
MET   'L-peptide linking' y METHIONINE                                                                                       ? 
'C5 H11 N O2 S'   149.211 
PHE   'L-peptide linking' y PHENYLALANINE                                                                                    ? 
'C9 H11 N O2'     165.189 
PRO   'L-peptide linking' y PROLINE                                                                                          ? 
'C5 H9 N O2'      115.130 
SER   'L-peptide linking' y SERINE                                                                                           ? 
'C3 H7 N O3'      105.093 
THR   'L-peptide linking' y THREONINE                                                                                        ? 
'C4 H9 N O3'      119.119 
TRP   'L-peptide linking' y TRYPTOPHAN                                                                                       ? 
'C11 H12 N2 O2'   204.225 
TYR   'L-peptide linking' y TYROSINE                                                                                         ? 
'C9 H11 N O3'     181.189 
VAL   'L-peptide linking' y VALINE                                                                                           ? 
'C5 H11 N O2'     117.146 
# 
loop_
_pdbx_poly_seq_scheme.asym_id 
_pdbx_poly_seq_scheme.entity_id 
_pdbx_poly_seq_scheme.seq_id 
_pdbx_poly_seq_scheme.mon_id 
_pdbx_poly_seq_scheme.ndb_seq_num 
_pdbx_poly_seq_scheme.pdb_seq_num 
_pdbx_poly_seq_scheme.auth_seq_num 
_pdbx_poly_seq_scheme.pdb_mon_id 
_pdbx_poly_seq_scheme.auth_mon_id 
_pdbx_poly_seq_scheme.pdb_strand_id 
_pdbx_poly_seq_scheme.pdb_ins_code 
_pdbx_poly_seq_scheme.hetero 
A 1 1   ASP 1   172 172 ASP ASP A . n 
A 1 2   GLU 2   173 173 GLU GLU A . n 
A 1 3   LEU 3   174 174 LEU LEU A . n 
A 1 4   TYR 4   175 175 TYR TYR A . n 
A 1 5   ARG 5   176 176 ARG ARG A . n 
A 1 6   GLN 6   177 177 GLN GLN A . n 
A 1 7   SER 7   178 178 SER SER A . n 
A 1 8   LEU 8   179 179 LEU LEU A . n 
A 1 9   GLU 9   180 180 GLU GLU A . n 
A 1 10  ILE 10  181 181 ILE ILE A . n 
A 1 11  ILE 11  182 182 ILE ILE A . n 
A 1 12  SER 12  183 183 SER SER A . n 
A 1 13  ARG 13  184 184 ARG ARG A . n 
A 1 14  TYR 14  185 185 TYR TYR A . n 
A 1 15  LEU 15  186 186 LEU LEU A . n 
A 1 16  ARG 16  187 187 ARG ARG A . n 
A 1 17  GLU 17  188 188 GLU GLU A . n 
A 1 18  GLN 18  189 189 GLN GLN A . n 
A 1 19  ALA 19  190 190 ALA ALA A . n 
A 1 20  THR 20  191 191 THR THR A . n 
A 1 21  GLY 21  192 192 GLY GLY A . n 
A 1 22  ALA 22  193 193 ALA ALA A . n 
A 1 23  LYS 23  194 194 LYS LYS A . n 
A 1 24  ASP 24  195 195 ASP ASP A . n 
A 1 25  THR 25  196 196 THR THR A . n 
A 1 26  LYS 26  197 197 LYS LYS A . n 
A 1 27  PRO 27  198 198 PRO PRO A . n 
A 1 28  MET 28  199 199 MET MET A . n 
A 1 29  GLY 29  200 200 GLY GLY A . n 
A 1 30  ARG 30  201 201 ARG ARG A . n 
A 1 31  SER 31  202 202 SER SER A . n 
A 1 32  GLY 32  203 203 GLY GLY A . n 
A 1 33  ALA 33  204 204 ALA ALA A . n 
A 1 34  THR 34  205 205 THR THR A . n 
A 1 35  SER 35  206 206 SER SER A . n 
A 1 36  ARG 36  207 207 ARG ARG A . n 
A 1 37  LYS 37  208 208 LYS LYS A . n 
A 1 38  ALA 38  209 209 ALA ALA A . n 
A 1 39  LEU 39  210 210 LEU LEU A . n 
A 1 40  GLU 40  211 211 GLU GLU A . n 
A 1 41  THR 41  212 212 THR THR A . n 
A 1 42  LEU 42  213 213 LEU LEU A . n 
A 1 43  ARG 43  214 214 ARG ARG A . n 
A 1 44  ARG 44  215 215 ARG ARG A . n 
A 1 45  VAL 45  216 216 VAL VAL A . n 
A 1 46  GLY 46  217 217 GLY GLY A . n 
A 1 47  ASP 47  218 218 ASP ASP A . n 
A 1 48  GLY 48  219 219 GLY GLY A . n 
A 1 49  VAL 49  220 220 VAL VAL A . n 
A 1 50  GLN 50  221 221 GLN GLN A . n 
A 1 51  ARG 51  222 222 ARG ARG A . n 
A 1 52  ASN 52  223 223 ASN ASN A . n 
A 1 53  HIS 53  224 224 HIS HIS A . n 
A 1 54  GLU 54  225 225 GLU GLU A . n 
A 1 55  THR 55  226 226 THR THR A . n 
A 1 56  ALA 56  227 227 ALA ALA A . n 
A 1 57  PHE 57  228 228 PHE PHE A . n 
A 1 58  GLN 58  229 229 GLN GLN A . n 
A 1 59  GLY 59  230 230 GLY GLY A . n 
A 1 60  MET 60  231 231 MET MET A . n 
A 1 61  LEU 61  232 232 LEU LEU A . n 
A 1 62  ARG 62  233 233 ARG ARG A . n 
A 1 63  LYS 63  234 234 LYS LYS A . n 
A 1 64  LEU 64  235 235 LEU LEU A . n 
A 1 65  ASP 65  236 236 ASP ASP A . n 
A 1 66  ILE 66  237 237 ILE ILE A . n 
A 1 67  LYS 67  238 238 LYS LYS A . n 
A 1 68  ASN 68  239 239 ASN ASN A . n 
A 1 69  GLU 69  240 240 GLU GLU A . n 
A 1 70  ASP 70  241 241 ASP ASP A . n 
A 1 71  ASP 71  242 242 ASP ASP A . n 
A 1 72  VAL 72  243 243 VAL VAL A . n 
A 1 73  LYS 73  244 244 LYS LYS A . n 
A 1 74  SER 74  245 245 SER SER A . n 
A 1 75  LEU 75  246 246 LEU LEU A . n 
A 1 76  SER 76  247 247 SER SER A . n 
A 1 77  ARG 77  248 248 ARG ARG A . n 
A 1 78  VAL 78  249 249 VAL VAL A . n 
A 1 79  MET 79  250 250 MET MET A . n 
A 1 80  ILE 80  251 251 ILE ILE A . n 
A 1 81  HIS 81  252 252 HIS HIS A . n 
A 1 82  VAL 82  253 253 VAL VAL A . n 
A 1 83  PHE 83  254 254 PHE PHE A . n 
A 1 84  SER 84  255 255 SER SER A . n 
A 1 85  ASP 85  256 256 ASP ASP A . n 
A 1 86  GLY 86  257 257 GLY GLY A . n 
A 1 87  VAL 87  258 258 VAL VAL A . n 
A 1 88  THR 88  259 259 THR THR A . n 
A 1 89  ASN 89  260 260 ASN ASN A . n 
A 1 90  TRP 90  261 261 TRP TRP A . n 
A 1 91  GLY 91  262 262 GLY GLY A . n 
A 1 92  ARG 92  263 263 ARG ARG A . n 
A 1 93  ILE 93  264 264 ILE ILE A . n 
A 1 94  VAL 94  265 265 VAL VAL A . n 
A 1 95  THR 95  266 266 THR THR A . n 
A 1 96  LEU 96  267 267 LEU LEU A . n 
A 1 97  ILE 97  268 268 ILE ILE A . n 
A 1 98  SER 98  269 269 SER SER A . n 
A 1 99  PHE 99  270 270 PHE PHE A . n 
A 1 100 GLY 100 271 271 GLY GLY A . n 
A 1 101 ALA 101 272 272 ALA ALA A . n 
A 1 102 PHE 102 273 273 PHE PHE A . n 
A 1 103 VAL 103 274 274 VAL VAL A . n 
A 1 104 ALA 104 275 275 ALA ALA A . n 
A 1 105 LYS 105 276 276 LYS LYS A . n 
A 1 106 HIS 106 277 277 HIS HIS A . n 
A 1 107 LEU 107 278 278 LEU LEU A . n 
A 1 108 LYS 108 279 279 LYS LYS A . n 
A 1 109 THR 109 280 280 THR THR A . n 
A 1 110 ILE 110 281 281 ILE ILE A . n 
A 1 111 ASN 111 282 282 ASN ASN A . n 
A 1 112 GLN 112 283 283 GLN GLN A . n 
A 1 113 GLU 113 284 284 GLU GLU A . n 
A 1 114 SER 114 285 285 SER SER A . n 
A 1 115 CYS 115 286 286 CYS CYS A . n 
A 1 116 ILE 116 287 287 ILE ILE A . n 
A 1 117 GLU 117 288 288 GLU GLU A . n 
A 1 118 PRO 118 289 289 PRO PRO A . n 
A 1 119 LEU 119 290 290 LEU LEU A . n 
A 1 120 ALA 120 291 291 ALA ALA A . n 
A 1 121 GLU 121 292 292 GLU GLU A . n 
A 1 122 SER 122 293 293 SER SER A . n 
A 1 123 ILE 123 294 294 ILE ILE A . n 
A 1 124 THR 124 295 295 THR THR A . n 
A 1 125 ASP 125 296 296 ASP ASP A . n 
A 1 126 VAL 126 297 297 VAL VAL A . n 
A 1 127 LEU 127 298 298 LEU LEU A . n 
A 1 128 VAL 128 299 299 VAL VAL A . n 
A 1 129 ARG 129 300 300 ARG ARG A . n 
A 1 130 THR 130 301 301 THR THR A . n 
A 1 131 LYS 131 302 302 LYS LYS A . n 
A 1 132 ARG 132 303 303 ARG ARG A . n 
A 1 133 ASP 133 304 304 ASP ASP A . n 
A 1 134 TRP 134 305 305 TRP TRP A . n 
A 1 135 LEU 135 306 306 LEU LEU A . n 
A 1 136 VAL 136 307 307 VAL VAL A . n 
A 1 137 LYS 137 308 308 LYS LYS A . n 
A 1 138 GLN 138 309 309 GLN GLN A . n 
A 1 139 ARG 139 310 310 ARG ARG A . n 
A 1 140 GLY 140 311 311 GLY GLY A . n 
A 1 141 TRP 141 312 312 TRP TRP A . n 
A 1 142 ASP 142 313 313 ASP ASP A . n 
A 1 143 GLY 143 314 314 GLY GLY A . n 
A 1 144 PHE 144 315 315 PHE PHE A . n 
A 1 145 VAL 145 316 316 VAL VAL A . n 
A 1 146 GLU 146 317 317 GLU GLU A . n 
A 1 147 PHE 147 318 318 PHE PHE A . n 
A 1 148 PHE 148 319 319 PHE PHE A . n 
A 1 149 HIS 149 320 320 HIS HIS A . n 
A 1 150 VAL 150 321 321 VAL VAL A . n 
A 1 151 GLU 151 322 ?   ?   ?   A . n 
A 1 152 ASP 152 323 ?   ?   ?   A . n 
# 
_pdbx_entity_instance_feature.ordinal        1 
_pdbx_entity_instance_feature.comp_id        A1BI3 
_pdbx_entity_instance_feature.asym_id        ? 
_pdbx_entity_instance_feature.seq_num        ? 
_pdbx_entity_instance_feature.auth_comp_id   A1BI3 
_pdbx_entity_instance_feature.auth_asym_id   ? 
_pdbx_entity_instance_feature.auth_seq_num   ? 
_pdbx_entity_instance_feature.feature_type   'SUBJECT OF INVESTIGATION' 
_pdbx_entity_instance_feature.details        ? 
# 
loop_
_pdbx_nonpoly_scheme.asym_id 
_pdbx_nonpoly_scheme.entity_id 
_pdbx_nonpoly_scheme.mon_id 
_pdbx_nonpoly_scheme.ndb_seq_num 
_pdbx_nonpoly_scheme.pdb_seq_num 
_pdbx_nonpoly_scheme.auth_seq_num 
_pdbx_nonpoly_scheme.pdb_mon_id 
_pdbx_nonpoly_scheme.auth_mon_id 
_pdbx_nonpoly_scheme.pdb_strand_id 
_pdbx_nonpoly_scheme.pdb_ins_code 
B 2 A1BI3 1  401 401 A1BI3 DRG A . 
C 3 HOH   1  501 8   HOH   HOH A . 
C 3 HOH   2  502 21  HOH   HOH A . 
C 3 HOH   3  503 19  HOH   HOH A . 
C 3 HOH   4  504 5   HOH   HOH A . 
C 3 HOH   5  505 4   HOH   HOH A . 
C 3 HOH   6  506 15  HOH   HOH A . 
C 3 HOH   7  507 9   HOH   HOH A . 
C 3 HOH   8  508 13  HOH   HOH A . 
C 3 HOH   9  509 22  HOH   HOH A . 
C 3 HOH   10 510 3   HOH   HOH A . 
C 3 HOH   11 511 23  HOH   HOH A . 
C 3 HOH   12 512 6   HOH   HOH A . 
C 3 HOH   13 513 11  HOH   HOH A . 
C 3 HOH   14 514 10  HOH   HOH A . 
C 3 HOH   15 515 14  HOH   HOH A . 
C 3 HOH   16 516 24  HOH   HOH A . 
C 3 HOH   17 517 2   HOH   HOH A . 
C 3 HOH   18 518 17  HOH   HOH A . 
C 3 HOH   19 519 18  HOH   HOH A . 
# 
loop_
_software.citation_id 
_software.classification 
_software.compiler_name 
_software.compiler_version 
_software.contact_author 
_software.contact_author_email 
_software.date 
_software.description 
_software.dependencies 
_software.hardware 
_software.language 
_software.location 
_software.mods 
_software.name 
_software.os 
_software.os_version 
_software.type 
_software.version 
_software.pdbx_reference_DOI 
_software.pdbx_ordinal 
? refinement       ? ? ? ? ? ? ? ? ? ? ? PHENIX ? ? ? 1.20.1_4487 ? 1 
? refinement       ? ? ? ? ? ? ? ? ? ? ? PHENIX ? ? ? 1.20.1_4487 ? 2 
? 'data reduction' ? ? ? ? ? ? ? ? ? ? ? xia2   ? ? ? .           ? 3 
? 'data scaling'   ? ? ? ? ? ? ? ? ? ? ? xia2   ? ? ? .           ? 4 
? phasing          ? ? ? ? ? ? ? ? ? ? ? PHASER ? ? ? .           ? 5 
# 
_cell.angle_alpha                  90.000 
_cell.angle_alpha_esd              ? 
_cell.angle_beta                   111.870 
_cell.angle_beta_esd               ? 
_cell.angle_gamma                  90.000 
_cell.angle_gamma_esd              ? 
_cell.entry_id                     9EFJ 
_cell.details                      ? 
_cell.formula_units_Z              ? 
_cell.length_a                     41.556 
_cell.length_a_esd                 ? 
_cell.length_b                     40.135 
_cell.length_b_esd                 ? 
_cell.length_c                     42.052 
_cell.length_c_esd                 ? 
_cell.volume                       65088.812 
_cell.volume_esd                   ? 
_cell.Z_PDB                        2 
_cell.reciprocal_angle_alpha       ? 
_cell.reciprocal_angle_beta        ? 
_cell.reciprocal_angle_gamma       ? 
_cell.reciprocal_angle_alpha_esd   ? 
_cell.reciprocal_angle_beta_esd    ? 
_cell.reciprocal_angle_gamma_esd   ? 
_cell.reciprocal_length_a          ? 
_cell.reciprocal_length_b          ? 
_cell.reciprocal_length_c          ? 
_cell.reciprocal_length_a_esd      ? 
_cell.reciprocal_length_b_esd      ? 
_cell.reciprocal_length_c_esd      ? 
_cell.pdbx_unique_axis             ? 
_cell.pdbx_esd_method              ? 
# 
_symmetry.entry_id                         9EFJ 
_symmetry.cell_setting                     ? 
_symmetry.Int_Tables_number                4 
_symmetry.space_group_name_Hall            'P 2yb' 
_symmetry.space_group_name_H-M             'P 1 21 1' 
_symmetry.pdbx_full_space_group_name_H-M   ? 
# 
_exptl.absorpt_coefficient_mu     ? 
_exptl.absorpt_correction_T_max   ? 
_exptl.absorpt_correction_T_min   ? 
_exptl.absorpt_correction_type    ? 
_exptl.absorpt_process_details    ? 
_exptl.entry_id                   9EFJ 
_exptl.crystals_number            1 
_exptl.details                    ? 
_exptl.method                     'X-RAY DIFFRACTION' 
_exptl.method_details             ? 
# 
_exptl_crystal.colour                       ? 
_exptl_crystal.density_diffrn               ? 
_exptl_crystal.density_Matthews             1.87 
_exptl_crystal.density_method               ? 
_exptl_crystal.density_percent_sol          34.10 
_exptl_crystal.description                  ? 
_exptl_crystal.F_000                        ? 
_exptl_crystal.id                           1 
_exptl_crystal.preparation                  ? 
_exptl_crystal.size_max                     ? 
_exptl_crystal.size_mid                     ? 
_exptl_crystal.size_min                     ? 
_exptl_crystal.size_rad                     ? 
_exptl_crystal.colour_lustre                ? 
_exptl_crystal.colour_modifier              ? 
_exptl_crystal.colour_primary               ? 
_exptl_crystal.density_meas                 ? 
_exptl_crystal.density_meas_esd             ? 
_exptl_crystal.density_meas_gt              ? 
_exptl_crystal.density_meas_lt              ? 
_exptl_crystal.density_meas_temp            ? 
_exptl_crystal.density_meas_temp_esd        ? 
_exptl_crystal.density_meas_temp_gt         ? 
_exptl_crystal.density_meas_temp_lt         ? 
_exptl_crystal.pdbx_crystal_image_url       ? 
_exptl_crystal.pdbx_crystal_image_format    ? 
_exptl_crystal.pdbx_mosaicity               ? 
_exptl_crystal.pdbx_mosaicity_esd           ? 
_exptl_crystal.pdbx_mosaic_method           ? 
_exptl_crystal.pdbx_mosaic_block_size       ? 
_exptl_crystal.pdbx_mosaic_block_size_esd   ? 
# 
_exptl_crystal_grow.apparatus       ? 
_exptl_crystal_grow.atmosphere      ? 
_exptl_crystal_grow.crystal_id      1 
_exptl_crystal_grow.details         ? 
_exptl_crystal_grow.method          'VAPOR DIFFUSION, SITTING DROP' 
_exptl_crystal_grow.method_ref      ? 
_exptl_crystal_grow.pH              ? 
_exptl_crystal_grow.pressure        ? 
_exptl_crystal_grow.pressure_esd    ? 
_exptl_crystal_grow.seeding         ? 
_exptl_crystal_grow.seeding_ref     ? 
_exptl_crystal_grow.temp_details    ? 
_exptl_crystal_grow.temp_esd        ? 
_exptl_crystal_grow.time            ? 
_exptl_crystal_grow.pdbx_details    '0.15 M Potassium Bromide and 30 % (w/v) PEG 2000 MME' 
_exptl_crystal_grow.pdbx_pH_range   ? 
_exptl_crystal_grow.temp            277 
# 
_diffrn.ambient_environment              ? 
_diffrn.ambient_temp                     100 
_diffrn.ambient_temp_details             ? 
_diffrn.ambient_temp_esd                 ? 
_diffrn.crystal_id                       1 
_diffrn.crystal_support                  ? 
_diffrn.crystal_treatment                ? 
_diffrn.details                          ? 
_diffrn.id                               1 
_diffrn.ambient_pressure                 ? 
_diffrn.ambient_pressure_esd             ? 
_diffrn.ambient_pressure_gt              ? 
_diffrn.ambient_pressure_lt              ? 
_diffrn.ambient_temp_gt                  ? 
_diffrn.ambient_temp_lt                  ? 
_diffrn.pdbx_serial_crystal_experiment   N 
# 
_diffrn_detector.details                      ? 
_diffrn_detector.detector                     PIXEL 
_diffrn_detector.diffrn_id                    1 
_diffrn_detector.type                         'DECTRIS EIGER X 16M' 
_diffrn_detector.area_resol_mean              ? 
_diffrn_detector.dtime                        ? 
_diffrn_detector.pdbx_frames_total            ? 
_diffrn_detector.pdbx_collection_time_total   ? 
_diffrn_detector.pdbx_collection_date         2024-10-08 
_diffrn_detector.pdbx_frequency               ? 
_diffrn_detector.id                           ? 
_diffrn_detector.number_of_axes               ? 
# 
_diffrn_radiation.collimation                      ? 
_diffrn_radiation.diffrn_id                        1 
_diffrn_radiation.filter_edge                      ? 
_diffrn_radiation.inhomogeneity                    ? 
_diffrn_radiation.monochromator                    ? 
_diffrn_radiation.polarisn_norm                    ? 
_diffrn_radiation.polarisn_ratio                   ? 
_diffrn_radiation.probe                            ? 
_diffrn_radiation.type                             ? 
_diffrn_radiation.xray_symbol                      ? 
_diffrn_radiation.wavelength_id                    1 
_diffrn_radiation.pdbx_monochromatic_or_laue_m_l   M 
_diffrn_radiation.pdbx_wavelength_list             ? 
_diffrn_radiation.pdbx_wavelength                  ? 
_diffrn_radiation.pdbx_diffrn_protocol             'SINGLE WAVELENGTH' 
_diffrn_radiation.pdbx_analyzer                    ? 
_diffrn_radiation.pdbx_scattering_type             x-ray 
# 
_diffrn_radiation_wavelength.id           1 
_diffrn_radiation_wavelength.wavelength   0.7460 
_diffrn_radiation_wavelength.wt           1.0 
# 
_diffrn_source.current                     ? 
_diffrn_source.details                     ? 
_diffrn_source.diffrn_id                   1 
_diffrn_source.power                       ? 
_diffrn_source.size                        ? 
_diffrn_source.source                      SYNCHROTRON 
_diffrn_source.target                      ? 
_diffrn_source.type                        'DIAMOND BEAMLINE I04' 
_diffrn_source.voltage                     ? 
_diffrn_source.take-off_angle              ? 
_diffrn_source.pdbx_wavelength_list        0.7460 
_diffrn_source.pdbx_wavelength             ? 
_diffrn_source.pdbx_synchrotron_beamline   I04 
_diffrn_source.pdbx_synchrotron_site       Diamond 
# 
_reflns.B_iso_Wilson_estimate                          27.99 
_reflns.entry_id                                       9EFJ 
_reflns.data_reduction_details                         ? 
_reflns.data_reduction_method                          ? 
_reflns.d_resolution_high                              1.82 
_reflns.d_resolution_low                               39.03 
_reflns.details                                        ? 
_reflns.limit_h_max                                    ? 
_reflns.limit_h_min                                    ? 
_reflns.limit_k_max                                    ? 
_reflns.limit_k_min                                    ? 
_reflns.limit_l_max                                    ? 
_reflns.limit_l_min                                    ? 
_reflns.number_all                                     ? 
_reflns.number_obs                                     11680 
_reflns.observed_criterion                             ? 
_reflns.observed_criterion_F_max                       ? 
_reflns.observed_criterion_F_min                       ? 
_reflns.observed_criterion_I_max                       ? 
_reflns.observed_criterion_I_min                       ? 
_reflns.observed_criterion_sigma_F                     ? 
_reflns.observed_criterion_sigma_I                     ? 
_reflns.percent_possible_obs                           96.96 
_reflns.R_free_details                                 ? 
_reflns.Rmerge_F_all                                   ? 
_reflns.Rmerge_F_obs                                   ? 
_reflns.Friedel_coverage                               ? 
_reflns.number_gt                                      ? 
_reflns.threshold_expression                           ? 
_reflns.pdbx_redundancy                                8 
_reflns.pdbx_netI_over_av_sigmaI                       ? 
_reflns.pdbx_netI_over_sigmaI                          12.29 
_reflns.pdbx_res_netI_over_av_sigmaI_2                 ? 
_reflns.pdbx_res_netI_over_sigmaI_2                    ? 
_reflns.pdbx_chi_squared                               ? 
_reflns.pdbx_scaling_rejects                           ? 
_reflns.pdbx_d_res_high_opt                            ? 
_reflns.pdbx_d_res_low_opt                             ? 
_reflns.pdbx_d_res_opt_method                          ? 
_reflns.phase_calculation_details                      ? 
_reflns.pdbx_Rrim_I_all                                ? 
_reflns.pdbx_Rpim_I_all                                ? 
_reflns.pdbx_d_opt                                     ? 
_reflns.pdbx_number_measured_all                       ? 
_reflns.pdbx_diffrn_id                                 1 
_reflns.pdbx_ordinal                                   1 
_reflns.pdbx_CC_half                                   ? 
_reflns.pdbx_CC_star                                   ? 
_reflns.pdbx_R_split                                   ? 
_reflns.pdbx_Rmerge_I_obs                              0.085 
_reflns.pdbx_Rmerge_I_all                              ? 
_reflns.pdbx_Rsym_value                                ? 
_reflns.pdbx_CC_split_method                           ? 
_reflns.pdbx_aniso_diffraction_limit_axis_1_ortho[1]   ? 
_reflns.pdbx_aniso_diffraction_limit_axis_1_ortho[2]   ? 
_reflns.pdbx_aniso_diffraction_limit_axis_1_ortho[3]   ? 
_reflns.pdbx_aniso_diffraction_limit_axis_2_ortho[1]   ? 
_reflns.pdbx_aniso_diffraction_limit_axis_2_ortho[2]   ? 
_reflns.pdbx_aniso_diffraction_limit_axis_2_ortho[3]   ? 
_reflns.pdbx_aniso_diffraction_limit_axis_3_ortho[1]   ? 
_reflns.pdbx_aniso_diffraction_limit_axis_3_ortho[2]   ? 
_reflns.pdbx_aniso_diffraction_limit_axis_3_ortho[3]   ? 
_reflns.pdbx_aniso_diffraction_limit_1                 ? 
_reflns.pdbx_aniso_diffraction_limit_2                 ? 
_reflns.pdbx_aniso_diffraction_limit_3                 ? 
_reflns.pdbx_aniso_B_tensor_eigenvector_1_ortho[1]     ? 
_reflns.pdbx_aniso_B_tensor_eigenvector_1_ortho[2]     ? 
_reflns.pdbx_aniso_B_tensor_eigenvector_1_ortho[3]     ? 
_reflns.pdbx_aniso_B_tensor_eigenvector_2_ortho[1]     ? 
_reflns.pdbx_aniso_B_tensor_eigenvector_2_ortho[2]     ? 
_reflns.pdbx_aniso_B_tensor_eigenvector_2_ortho[3]     ? 
_reflns.pdbx_aniso_B_tensor_eigenvector_3_ortho[1]     ? 
_reflns.pdbx_aniso_B_tensor_eigenvector_3_ortho[2]     ? 
_reflns.pdbx_aniso_B_tensor_eigenvector_3_ortho[3]     ? 
_reflns.pdbx_aniso_B_tensor_eigenvalue_1               ? 
_reflns.pdbx_aniso_B_tensor_eigenvalue_2               ? 
_reflns.pdbx_aniso_B_tensor_eigenvalue_3               ? 
_reflns.pdbx_orthogonalization_convention              ? 
_reflns.pdbx_percent_possible_ellipsoidal              ? 
_reflns.pdbx_percent_possible_spherical                ? 
_reflns.pdbx_percent_possible_ellipsoidal_anomalous    ? 
_reflns.pdbx_percent_possible_spherical_anomalous      ? 
_reflns.pdbx_redundancy_anomalous                      ? 
_reflns.pdbx_CC_half_anomalous                         ? 
_reflns.pdbx_absDiff_over_sigma_anomalous              ? 
_reflns.pdbx_percent_possible_anomalous                ? 
_reflns.pdbx_observed_signal_threshold                 ? 
_reflns.pdbx_signal_type                               ? 
_reflns.pdbx_signal_details                            ? 
_reflns.pdbx_signal_software_id                        ? 
# 
_reflns_shell.d_res_high                                    1.82 
_reflns_shell.d_res_low                                     1.88 
_reflns_shell.meanI_over_sigI_all                           ? 
_reflns_shell.meanI_over_sigI_obs                           ? 
_reflns_shell.number_measured_all                           ? 
_reflns_shell.number_measured_obs                           ? 
_reflns_shell.number_possible                               ? 
_reflns_shell.number_unique_all                             ? 
_reflns_shell.number_unique_obs                             834 
_reflns_shell.percent_possible_obs                          ? 
_reflns_shell.Rmerge_F_all                                  ? 
_reflns_shell.Rmerge_F_obs                                  ? 
_reflns_shell.meanI_over_sigI_gt                            ? 
_reflns_shell.meanI_over_uI_all                             ? 
_reflns_shell.meanI_over_uI_gt                              ? 
_reflns_shell.number_measured_gt                            ? 
_reflns_shell.number_unique_gt                              ? 
_reflns_shell.percent_possible_gt                           ? 
_reflns_shell.Rmerge_F_gt                                   ? 
_reflns_shell.Rmerge_I_gt                                   ? 
_reflns_shell.pdbx_redundancy                               ? 
_reflns_shell.pdbx_chi_squared                              ? 
_reflns_shell.pdbx_netI_over_sigmaI_all                     ? 
_reflns_shell.pdbx_netI_over_sigmaI_obs                     ? 
_reflns_shell.pdbx_Rrim_I_all                               ? 
_reflns_shell.pdbx_Rpim_I_all                               ? 
_reflns_shell.pdbx_rejects                                  ? 
_reflns_shell.pdbx_ordinal                                  1 
_reflns_shell.pdbx_diffrn_id                                1 
_reflns_shell.pdbx_CC_half                                  ? 
_reflns_shell.pdbx_CC_star                                  ? 
_reflns_shell.pdbx_R_split                                  ? 
_reflns_shell.percent_possible_all                          73.39 
_reflns_shell.Rmerge_I_all                                  ? 
_reflns_shell.Rmerge_I_obs                                  4.64 
_reflns_shell.pdbx_Rsym_value                               ? 
_reflns_shell.pdbx_percent_possible_ellipsoidal             ? 
_reflns_shell.pdbx_percent_possible_spherical               ? 
_reflns_shell.pdbx_percent_possible_ellipsoidal_anomalous   ? 
_reflns_shell.pdbx_percent_possible_spherical_anomalous     ? 
_reflns_shell.pdbx_redundancy_anomalous                     ? 
_reflns_shell.pdbx_CC_half_anomalous                        ? 
_reflns_shell.pdbx_absDiff_over_sigma_anomalous             ? 
_reflns_shell.pdbx_percent_possible_anomalous               ? 
# 
_refine.aniso_B[1][1]                            ? 
_refine.aniso_B[1][2]                            ? 
_refine.aniso_B[1][3]                            ? 
_refine.aniso_B[2][2]                            ? 
_refine.aniso_B[2][3]                            ? 
_refine.aniso_B[3][3]                            ? 
_refine.B_iso_max                                ? 
_refine.B_iso_mean                               41.01 
_refine.B_iso_min                                ? 
_refine.correlation_coeff_Fo_to_Fc               ? 
_refine.correlation_coeff_Fo_to_Fc_free          ? 
_refine.details                                  ? 
_refine.diff_density_max                         ? 
_refine.diff_density_max_esd                     ? 
_refine.diff_density_min                         ? 
_refine.diff_density_min_esd                     ? 
_refine.diff_density_rms                         ? 
_refine.diff_density_rms_esd                     ? 
_refine.entry_id                                 9EFJ 
_refine.pdbx_refine_id                           'X-RAY DIFFRACTION' 
_refine.ls_abs_structure_details                 ? 
_refine.ls_abs_structure_Flack                   ? 
_refine.ls_abs_structure_Flack_esd               ? 
_refine.ls_abs_structure_Rogers                  ? 
_refine.ls_abs_structure_Rogers_esd              ? 
_refine.ls_d_res_high                            1.82 
_refine.ls_d_res_low                             39.03 
_refine.ls_extinction_coef                       ? 
_refine.ls_extinction_coef_esd                   ? 
_refine.ls_extinction_expression                 ? 
_refine.ls_extinction_method                     ? 
_refine.ls_goodness_of_fit_all                   ? 
_refine.ls_goodness_of_fit_all_esd               ? 
_refine.ls_goodness_of_fit_obs                   ? 
_refine.ls_goodness_of_fit_obs_esd               ? 
_refine.ls_hydrogen_treatment                    ? 
_refine.ls_matrix_type                           ? 
_refine.ls_number_constraints                    ? 
_refine.ls_number_parameters                     ? 
_refine.ls_number_reflns_all                     ? 
_refine.ls_number_reflns_obs                     11314 
_refine.ls_number_reflns_R_free                  553 
_refine.ls_number_reflns_R_work                  10761 
_refine.ls_number_restraints                     ? 
_refine.ls_percent_reflns_obs                    96.54 
_refine.ls_percent_reflns_R_free                 4.89 
_refine.ls_R_factor_all                          ? 
_refine.ls_R_factor_obs                          0.2617 
_refine.ls_R_factor_R_free                       0.2947 
_refine.ls_R_factor_R_free_error                 ? 
_refine.ls_R_factor_R_free_error_details         ? 
_refine.ls_R_factor_R_work                       0.2599 
_refine.ls_R_Fsqd_factor_obs                     ? 
_refine.ls_R_I_factor_obs                        ? 
_refine.ls_redundancy_reflns_all                 ? 
_refine.ls_redundancy_reflns_obs                 ? 
_refine.ls_restrained_S_all                      ? 
_refine.ls_restrained_S_obs                      ? 
_refine.ls_shift_over_esd_max                    ? 
_refine.ls_shift_over_esd_mean                   ? 
_refine.ls_structure_factor_coef                 ? 
_refine.ls_weighting_details                     ? 
_refine.ls_weighting_scheme                      ? 
_refine.ls_wR_factor_all                         ? 
_refine.ls_wR_factor_obs                         ? 
_refine.ls_wR_factor_R_free                      ? 
_refine.ls_wR_factor_R_work                      ? 
_refine.occupancy_max                            ? 
_refine.occupancy_min                            ? 
_refine.solvent_model_details                    'FLAT BULK SOLVENT MODEL' 
_refine.solvent_model_param_bsol                 ? 
_refine.solvent_model_param_ksol                 ? 
_refine.correlation_coeff_I_to_Fcsqd_work        ? 
_refine.correlation_coeff_I_to_Fcsqd_free        ? 
_refine.pdbx_R_complete                          ? 
_refine.ls_R_factor_gt                           ? 
_refine.ls_goodness_of_fit_gt                    ? 
_refine.ls_goodness_of_fit_ref                   ? 
_refine.ls_shift_over_su_max                     ? 
_refine.ls_shift_over_su_max_lt                  ? 
_refine.ls_shift_over_su_mean                    ? 
_refine.ls_shift_over_su_mean_lt                 ? 
_refine.pdbx_ls_sigma_I                          ? 
_refine.pdbx_ls_sigma_F                          1.33 
_refine.pdbx_ls_sigma_Fsqd                       ? 
_refine.pdbx_data_cutoff_high_absF               ? 
_refine.pdbx_data_cutoff_high_rms_absF           ? 
_refine.pdbx_data_cutoff_low_absF                ? 
_refine.pdbx_isotropic_thermal_model             ? 
_refine.pdbx_ls_cross_valid_method               'FREE R-VALUE' 
_refine.pdbx_method_to_determine_struct          'MOLECULAR REPLACEMENT' 
_refine.pdbx_starting_model                      ? 
_refine.pdbx_stereochemistry_target_values       'GeoStd + Monomer Library + CDL v1.2' 
_refine.pdbx_R_Free_selection_details            ? 
_refine.pdbx_stereochem_target_val_spec_case     ? 
_refine.pdbx_overall_ESU_R                       ? 
_refine.pdbx_overall_ESU_R_Free                  ? 
_refine.pdbx_solvent_vdw_probe_radii             1.1000 
_refine.pdbx_solvent_ion_probe_radii             ? 
_refine.pdbx_solvent_shrinkage_radii             0.9000 
_refine.pdbx_real_space_R                        ? 
_refine.pdbx_density_correlation                 ? 
_refine.pdbx_pd_number_of_powder_patterns        ? 
_refine.pdbx_pd_number_of_points                 ? 
_refine.pdbx_pd_meas_number_of_points            ? 
_refine.pdbx_pd_proc_ls_prof_R_factor            ? 
_refine.pdbx_pd_proc_ls_prof_wR_factor           ? 
_refine.pdbx_pd_Marquardt_correlation_coeff      ? 
_refine.pdbx_pd_Fsqrd_R_factor                   ? 
_refine.pdbx_pd_ls_matrix_band_width             ? 
_refine.pdbx_overall_phase_error                 43.8243 
_refine.pdbx_overall_SU_R_free_Cruickshank_DPI   ? 
_refine.pdbx_overall_SU_R_free_Blow_DPI          ? 
_refine.pdbx_overall_SU_R_Blow_DPI               ? 
_refine.pdbx_TLS_residual_ADP_flag               ? 
_refine.pdbx_diffrn_id                           1 
_refine.overall_SU_B                             ? 
_refine.overall_SU_ML                            0.2598 
_refine.overall_SU_R_Cruickshank_DPI             ? 
_refine.overall_SU_R_free                        ? 
_refine.overall_FOM_free_R_set                   ? 
_refine.overall_FOM_work_R_set                   ? 
_refine.pdbx_average_fsc_overall                 ? 
_refine.pdbx_average_fsc_work                    ? 
_refine.pdbx_average_fsc_free                    ? 
# 
_refine_hist.pdbx_refine_id                   'X-RAY DIFFRACTION' 
_refine_hist.cycle_id                         LAST 
_refine_hist.details                          ? 
_refine_hist.d_res_high                       1.82 
_refine_hist.d_res_low                        39.03 
_refine_hist.number_atoms_solvent             19 
_refine_hist.number_atoms_total               1249 
_refine_hist.number_reflns_all                ? 
_refine_hist.number_reflns_obs                ? 
_refine_hist.number_reflns_R_free             ? 
_refine_hist.number_reflns_R_work             ? 
_refine_hist.R_factor_all                     ? 
_refine_hist.R_factor_obs                     ? 
_refine_hist.R_factor_R_free                  ? 
_refine_hist.R_factor_R_work                  ? 
_refine_hist.pdbx_number_residues_total       ? 
_refine_hist.pdbx_B_iso_mean_ligand           ? 
_refine_hist.pdbx_B_iso_mean_solvent          ? 
_refine_hist.pdbx_number_atoms_protein        1208 
_refine_hist.pdbx_number_atoms_nucleic_acid   0 
_refine_hist.pdbx_number_atoms_ligand         22 
_refine_hist.pdbx_number_atoms_lipid          ? 
_refine_hist.pdbx_number_atoms_carb           ? 
_refine_hist.pdbx_pseudo_atom_details         ? 
# 
loop_
_refine_ls_restr.pdbx_refine_id 
_refine_ls_restr.criterion 
_refine_ls_restr.dev_ideal 
_refine_ls_restr.dev_ideal_target 
_refine_ls_restr.number 
_refine_ls_restr.rejects 
_refine_ls_restr.type 
_refine_ls_restr.weight 
_refine_ls_restr.pdbx_Zscore 
_refine_ls_restr.pdbx_restraint_function 
'X-RAY DIFFRACTION' ? 0.0025  ? 1252 ? f_bond_d           ? ? ? 
'X-RAY DIFFRACTION' ? 0.5186  ? 1684 ? f_angle_d          ? ? ? 
'X-RAY DIFFRACTION' ? 0.0355  ? 185  ? f_chiral_restr     ? ? ? 
'X-RAY DIFFRACTION' ? 0.0030  ? 214  ? f_plane_restr      ? ? ? 
'X-RAY DIFFRACTION' ? 17.4418 ? 466  ? f_dihedral_angle_d ? ? ? 
# 
loop_
_refine_ls_shell.pdbx_refine_id 
_refine_ls_shell.d_res_high 
_refine_ls_shell.d_res_low 
_refine_ls_shell.number_reflns_all 
_refine_ls_shell.number_reflns_obs 
_refine_ls_shell.number_reflns_R_free 
_refine_ls_shell.number_reflns_R_work 
_refine_ls_shell.percent_reflns_obs 
_refine_ls_shell.percent_reflns_R_free 
_refine_ls_shell.R_factor_all 
_refine_ls_shell.R_factor_obs 
_refine_ls_shell.R_factor_R_free_error 
_refine_ls_shell.R_factor_R_work 
_refine_ls_shell.redundancy_reflns_all 
_refine_ls_shell.redundancy_reflns_obs 
_refine_ls_shell.wR_factor_all 
_refine_ls_shell.wR_factor_obs 
_refine_ls_shell.wR_factor_R_free 
_refine_ls_shell.wR_factor_R_work 
_refine_ls_shell.pdbx_R_complete 
_refine_ls_shell.correlation_coeff_Fo_to_Fc 
_refine_ls_shell.correlation_coeff_Fo_to_Fc_free 
_refine_ls_shell.correlation_coeff_I_to_Fcsqd_work 
_refine_ls_shell.correlation_coeff_I_to_Fcsqd_free 
_refine_ls_shell.pdbx_total_number_of_bins_used 
_refine_ls_shell.pdbx_phase_error 
_refine_ls_shell.pdbx_fsc_work 
_refine_ls_shell.pdbx_fsc_free 
_refine_ls_shell.R_factor_R_free 
'X-RAY DIFFRACTION' 1.82 2.00  . . 109 2425 87.32 . . . . 0.3625 . . . . . . . . . . . . . . . 0.4487 
'X-RAY DIFFRACTION' 2.00 2.29  . . 128 2737 99.13 . . . . 0.3125 . . . . . . . . . . . . . . . 0.3487 
'X-RAY DIFFRACTION' 2.29 2.88  . . 147 2780 99.66 . . . . 0.3025 . . . . . . . . . . . . . . . 0.2894 
'X-RAY DIFFRACTION' 2.88 39.03 . . 169 2819 99.90 . . . . 0.2226 . . . . . . . . . . . . . . . 0.2736 
# 
_struct.entry_id                     9EFJ 
_struct.title                        'Irreversible Mcl-1/HIT2 Complex' 
_struct.pdbx_model_details           ? 
_struct.pdbx_formula_weight          ? 
_struct.pdbx_formula_weight_method   ? 
_struct.pdbx_model_type_details      ? 
_struct.pdbx_CASP_flag               N 
# 
_struct_keywords.entry_id        9EFJ 
_struct_keywords.text            'Histidine-covalent stapled alpha-helical peptides, APOPTOSIS' 
_struct_keywords.pdbx_keywords   APOPTOSIS 
# 
loop_
_struct_asym.id 
_struct_asym.pdbx_blank_PDB_chainid_flag 
_struct_asym.pdbx_modified 
_struct_asym.entity_id 
_struct_asym.details 
A N N 1 ? 
B N N 2 ? 
C N N 3 ? 
# 
_struct_ref.id                         1 
_struct_ref.db_name                    UNP 
_struct_ref.db_code                    MCL1_HUMAN 
_struct_ref.pdbx_db_accession          Q07820 
_struct_ref.pdbx_db_isoform            ? 
_struct_ref.entity_id                  1 
_struct_ref.pdbx_seq_one_letter_code   
;DELYRQSLEIISRYLREQATGAKDTKPMGRSGATSRKALETLRRVGDGVQRNHETAFQGMLRKLDIKNEDDVKSLSRVMI
HVFSDGVTNWGRIVTLISFGAFVAKHLKTINQESCIEPLAESITDVLVRTKRDWLVKQRGWDGFVEFFHVED
;
_struct_ref.pdbx_align_begin           172 
# 
_struct_ref_seq.align_id                      1 
_struct_ref_seq.ref_id                        1 
_struct_ref_seq.pdbx_PDB_id_code              9EFJ 
_struct_ref_seq.pdbx_strand_id                A 
_struct_ref_seq.seq_align_beg                 1 
_struct_ref_seq.pdbx_seq_align_beg_ins_code   ? 
_struct_ref_seq.seq_align_end                 152 
_struct_ref_seq.pdbx_seq_align_end_ins_code   ? 
_struct_ref_seq.pdbx_db_accession             Q07820 
_struct_ref_seq.db_align_beg                  172 
_struct_ref_seq.pdbx_db_align_beg_ins_code    ? 
_struct_ref_seq.db_align_end                  323 
_struct_ref_seq.pdbx_db_align_end_ins_code    ? 
_struct_ref_seq.pdbx_auth_seq_align_beg       172 
_struct_ref_seq.pdbx_auth_seq_align_end       323 
# 
_pdbx_struct_assembly.id                   1 
_pdbx_struct_assembly.details              author_and_software_defined_assembly 
_pdbx_struct_assembly.method_details       PISA 
_pdbx_struct_assembly.oligomeric_details   monomeric 
_pdbx_struct_assembly.oligomeric_count     1 
# 
_pdbx_struct_assembly_gen.assembly_id       1 
_pdbx_struct_assembly_gen.oper_expression   1 
_pdbx_struct_assembly_gen.asym_id_list      A,B,C 
# 
_pdbx_struct_assembly_auth_evidence.id                     1 
_pdbx_struct_assembly_auth_evidence.assembly_id            1 
_pdbx_struct_assembly_auth_evidence.experimental_support   'gel filtration' 
_pdbx_struct_assembly_auth_evidence.details                ? 
# 
_pdbx_struct_oper_list.id                   1 
_pdbx_struct_oper_list.type                 'identity operation' 
_pdbx_struct_oper_list.name                 1_555 
_pdbx_struct_oper_list.symmetry_operation   x,y,z 
_pdbx_struct_oper_list.matrix[1][1]         1.0000000000 
_pdbx_struct_oper_list.matrix[1][2]         0.0000000000 
_pdbx_struct_oper_list.matrix[1][3]         0.0000000000 
_pdbx_struct_oper_list.vector[1]            0.0000000000 
_pdbx_struct_oper_list.matrix[2][1]         0.0000000000 
_pdbx_struct_oper_list.matrix[2][2]         1.0000000000 
_pdbx_struct_oper_list.matrix[2][3]         0.0000000000 
_pdbx_struct_oper_list.vector[2]            0.0000000000 
_pdbx_struct_oper_list.matrix[3][1]         0.0000000000 
_pdbx_struct_oper_list.matrix[3][2]         0.0000000000 
_pdbx_struct_oper_list.matrix[3][3]         1.0000000000 
_pdbx_struct_oper_list.vector[3]            0.0000000000 
# 
loop_
_struct_conf.conf_type_id 
_struct_conf.id 
_struct_conf.pdbx_PDB_helix_id 
_struct_conf.beg_label_comp_id 
_struct_conf.beg_label_asym_id 
_struct_conf.beg_label_seq_id 
_struct_conf.pdbx_beg_PDB_ins_code 
_struct_conf.end_label_comp_id 
_struct_conf.end_label_asym_id 
_struct_conf.end_label_seq_id 
_struct_conf.pdbx_end_PDB_ins_code 
_struct_conf.beg_auth_comp_id 
_struct_conf.beg_auth_asym_id 
_struct_conf.beg_auth_seq_id 
_struct_conf.end_auth_comp_id 
_struct_conf.end_auth_asym_id 
_struct_conf.end_auth_seq_id 
_struct_conf.pdbx_PDB_helix_class 
_struct_conf.details 
_struct_conf.pdbx_PDB_helix_length 
HELX_P HELX_P1 AA1 ASP A 1   ? GLY A 21  ? ASP A 172 GLY A 192 1 ? 21 
HELX_P HELX_P2 AA2 SER A 31  ? HIS A 53  ? SER A 202 HIS A 224 1 ? 23 
HELX_P HELX_P3 AA3 HIS A 53  ? ASP A 65  ? HIS A 224 ASP A 236 1 ? 13 
HELX_P HELX_P4 AA4 ASN A 68  ? LYS A 73  ? ASN A 239 LYS A 244 1 ? 6  
HELX_P HELX_P5 AA5 ARG A 77  ? PHE A 83  ? ARG A 248 PHE A 254 1 ? 7  
HELX_P HELX_P6 AA6 ASN A 89  ? ILE A 110 ? ASN A 260 ILE A 281 1 ? 22 
HELX_P HELX_P7 AA7 GLN A 112 ? SER A 114 ? GLN A 283 SER A 285 5 ? 3  
HELX_P HELX_P8 AA8 CYS A 115 ? GLN A 138 ? CYS A 286 GLN A 309 1 ? 24 
HELX_P HELX_P9 AA9 ARG A 139 ? PHE A 148 ? ARG A 310 PHE A 319 1 ? 10 
# 
_struct_conf_type.id          HELX_P 
_struct_conf_type.criteria    ? 
_struct_conf_type.reference   ? 
# 
_struct_conn.id                            covale1 
_struct_conn.conn_type_id                  covale 
_struct_conn.pdbx_leaving_atom_flag        one 
_struct_conn.pdbx_PDB_id                   ? 
_struct_conn.ptnr1_label_asym_id           A 
_struct_conn.ptnr1_label_comp_id           HIS 
_struct_conn.ptnr1_label_seq_id            53 
_struct_conn.ptnr1_label_atom_id           NE2 
_struct_conn.pdbx_ptnr1_label_alt_id       ? 
_struct_conn.pdbx_ptnr1_PDB_ins_code       ? 
_struct_conn.pdbx_ptnr1_standard_comp_id   ? 
_struct_conn.ptnr1_symmetry                1_555 
_struct_conn.ptnr2_label_asym_id           B 
_struct_conn.ptnr2_label_comp_id           A1BI3 
_struct_conn.ptnr2_label_seq_id            . 
_struct_conn.ptnr2_label_atom_id           S10 
_struct_conn.pdbx_ptnr2_label_alt_id       ? 
_struct_conn.pdbx_ptnr2_PDB_ins_code       ? 
_struct_conn.ptnr1_auth_asym_id            A 
_struct_conn.ptnr1_auth_comp_id            HIS 
_struct_conn.ptnr1_auth_seq_id             224 
_struct_conn.ptnr2_auth_asym_id            A 
_struct_conn.ptnr2_auth_comp_id            A1BI3 
_struct_conn.ptnr2_auth_seq_id             401 
_struct_conn.ptnr2_symmetry                1_555 
_struct_conn.pdbx_ptnr3_label_atom_id      ? 
_struct_conn.pdbx_ptnr3_label_seq_id       ? 
_struct_conn.pdbx_ptnr3_label_comp_id      ? 
_struct_conn.pdbx_ptnr3_label_asym_id      ? 
_struct_conn.pdbx_ptnr3_label_alt_id       ? 
_struct_conn.pdbx_ptnr3_PDB_ins_code       ? 
_struct_conn.details                       ? 
_struct_conn.pdbx_dist_value               1.743 
_struct_conn.pdbx_value_order              ? 
_struct_conn.pdbx_role                     ? 
# 
_struct_conn_type.id          covale 
_struct_conn_type.criteria    ? 
_struct_conn_type.reference   ? 
# 
_pdbx_modification_feature.ordinal                            1 
_pdbx_modification_feature.label_comp_id                      A1BI3 
_pdbx_modification_feature.label_asym_id                      B 
_pdbx_modification_feature.label_seq_id                       . 
_pdbx_modification_feature.label_alt_id                       ? 
_pdbx_modification_feature.modified_residue_label_comp_id     HIS 
_pdbx_modification_feature.modified_residue_label_asym_id     A 
_pdbx_modification_feature.modified_residue_label_seq_id      53 
_pdbx_modification_feature.modified_residue_label_alt_id      ? 
_pdbx_modification_feature.auth_comp_id                       A1BI3 
_pdbx_modification_feature.auth_asym_id                       A 
_pdbx_modification_feature.auth_seq_id                        401 
_pdbx_modification_feature.PDB_ins_code                       ? 
_pdbx_modification_feature.symmetry                           1_555 
_pdbx_modification_feature.modified_residue_auth_comp_id      HIS 
_pdbx_modification_feature.modified_residue_auth_asym_id      A 
_pdbx_modification_feature.modified_residue_auth_seq_id       224 
_pdbx_modification_feature.modified_residue_PDB_ins_code      ? 
_pdbx_modification_feature.modified_residue_symmetry          1_555 
_pdbx_modification_feature.comp_id_linking_atom               S10 
_pdbx_modification_feature.modified_residue_id_linking_atom   NE2 
_pdbx_modification_feature.modified_residue_id                HIS 
_pdbx_modification_feature.ref_pcm_id                         1 
_pdbx_modification_feature.ref_comp_id                        A1BI3 
_pdbx_modification_feature.type                               None 
_pdbx_modification_feature.category                           'Covalent chemical modification' 
# 
_pdbx_entry_details.entry_id                   9EFJ 
_pdbx_entry_details.nonpolymer_details         ? 
_pdbx_entry_details.sequence_details           ? 
_pdbx_entry_details.compound_details           ? 
_pdbx_entry_details.source_details             ? 
_pdbx_entry_details.has_ligand_of_interest     Y 
_pdbx_entry_details.has_protein_modification   Y 
# 
loop_
_pdbx_validate_torsion.id 
_pdbx_validate_torsion.PDB_model_num 
_pdbx_validate_torsion.auth_comp_id 
_pdbx_validate_torsion.auth_asym_id 
_pdbx_validate_torsion.auth_seq_id 
_pdbx_validate_torsion.PDB_ins_code 
_pdbx_validate_torsion.label_alt_id 
_pdbx_validate_torsion.phi 
_pdbx_validate_torsion.psi 
1 1 SER A 202 ? ? -101.23 76.28   
2 1 LYS A 238 ? ? -154.88 -9.73   
3 1 LYS A 244 ? ? -87.42  49.60   
4 1 SER A 245 ? ? -168.07 57.12   
5 1 SER A 247 ? ? -85.55  -158.99 
6 1 ARG A 248 ? ? 59.46   -54.78  
# 
loop_
_space_group_symop.id 
_space_group_symop.operation_xyz 
1 x,y,z       
2 -x,y+1/2,-z 
# 
loop_
_pdbx_unobs_or_zero_occ_residues.id 
_pdbx_unobs_or_zero_occ_residues.PDB_model_num 
_pdbx_unobs_or_zero_occ_residues.polymer_flag 
_pdbx_unobs_or_zero_occ_residues.occupancy_flag 
_pdbx_unobs_or_zero_occ_residues.auth_asym_id 
_pdbx_unobs_or_zero_occ_residues.auth_comp_id 
_pdbx_unobs_or_zero_occ_residues.auth_seq_id 
_pdbx_unobs_or_zero_occ_residues.PDB_ins_code 
_pdbx_unobs_or_zero_occ_residues.label_asym_id 
_pdbx_unobs_or_zero_occ_residues.label_comp_id 
_pdbx_unobs_or_zero_occ_residues.label_seq_id 
1 1 Y 1 A GLU 322 ? A GLU 151 
2 1 Y 1 A ASP 323 ? A ASP 152 
# 
loop_
_chem_comp_atom.comp_id 
_chem_comp_atom.atom_id 
_chem_comp_atom.type_symbol 
_chem_comp_atom.pdbx_aromatic_flag 
_chem_comp_atom.pdbx_stereo_config 
_chem_comp_atom.pdbx_ordinal 
A1BI3 C14  C Y N 1   
A1BI3 N    N N N 2   
A1BI3 C    C N N 3   
A1BI3 O    O N N 4   
A1BI3 C04  C Y N 5   
A1BI3 C05  C Y N 6   
A1BI3 C07  C Y N 7   
A1BI3 C08  C Y N 8   
A1BI3 C15  C N R 9   
A1BI3 C16  C N N 10  
A1BI3 C17  C N N 11  
A1BI3 C18  C Y N 12  
A1BI3 C19  C Y N 13  
A1BI3 C20  C Y N 14  
A1BI3 C21  C Y N 15  
A1BI3 C22  C Y N 16  
A1BI3 C23  C Y N 17  
A1BI3 N06  N Y N 18  
A1BI3 O09  O N N 19  
A1BI3 O12  O N N 20  
A1BI3 O13  O N N 21  
A1BI3 S10  S N N 22  
A1BI3 H141 H N N 23  
A1BI3 HN1  H N N 24  
A1BI3 H051 H N N 25  
A1BI3 H071 H N N 26  
A1BI3 H151 H N N 27  
A1BI3 H161 H N N 28  
A1BI3 H162 H N N 29  
A1BI3 H171 H N N 30  
A1BI3 H172 H N N 31  
A1BI3 H191 H N N 32  
A1BI3 H201 H N N 33  
A1BI3 H211 H N N 34  
A1BI3 H221 H N N 35  
A1BI3 O1   O N N 36  
A1BI3 H1   H N N 37  
ALA   N    N N N 38  
ALA   CA   C N S 39  
ALA   C    C N N 40  
ALA   O    O N N 41  
ALA   CB   C N N 42  
ALA   OXT  O N N 43  
ALA   H    H N N 44  
ALA   H2   H N N 45  
ALA   HA   H N N 46  
ALA   HB1  H N N 47  
ALA   HB2  H N N 48  
ALA   HB3  H N N 49  
ALA   HXT  H N N 50  
ARG   N    N N N 51  
ARG   CA   C N S 52  
ARG   C    C N N 53  
ARG   O    O N N 54  
ARG   CB   C N N 55  
ARG   CG   C N N 56  
ARG   CD   C N N 57  
ARG   NE   N N N 58  
ARG   CZ   C N N 59  
ARG   NH1  N N N 60  
ARG   NH2  N N N 61  
ARG   OXT  O N N 62  
ARG   H    H N N 63  
ARG   H2   H N N 64  
ARG   HA   H N N 65  
ARG   HB2  H N N 66  
ARG   HB3  H N N 67  
ARG   HG2  H N N 68  
ARG   HG3  H N N 69  
ARG   HD2  H N N 70  
ARG   HD3  H N N 71  
ARG   HE   H N N 72  
ARG   HH11 H N N 73  
ARG   HH12 H N N 74  
ARG   HH21 H N N 75  
ARG   HH22 H N N 76  
ARG   HXT  H N N 77  
ASN   N    N N N 78  
ASN   CA   C N S 79  
ASN   C    C N N 80  
ASN   O    O N N 81  
ASN   CB   C N N 82  
ASN   CG   C N N 83  
ASN   OD1  O N N 84  
ASN   ND2  N N N 85  
ASN   OXT  O N N 86  
ASN   H    H N N 87  
ASN   H2   H N N 88  
ASN   HA   H N N 89  
ASN   HB2  H N N 90  
ASN   HB3  H N N 91  
ASN   HD21 H N N 92  
ASN   HD22 H N N 93  
ASN   HXT  H N N 94  
ASP   N    N N N 95  
ASP   CA   C N S 96  
ASP   C    C N N 97  
ASP   O    O N N 98  
ASP   CB   C N N 99  
ASP   CG   C N N 100 
ASP   OD1  O N N 101 
ASP   OD2  O N N 102 
ASP   OXT  O N N 103 
ASP   H    H N N 104 
ASP   H2   H N N 105 
ASP   HA   H N N 106 
ASP   HB2  H N N 107 
ASP   HB3  H N N 108 
ASP   HD2  H N N 109 
ASP   HXT  H N N 110 
CYS   N    N N N 111 
CYS   CA   C N R 112 
CYS   C    C N N 113 
CYS   O    O N N 114 
CYS   CB   C N N 115 
CYS   SG   S N N 116 
CYS   OXT  O N N 117 
CYS   H    H N N 118 
CYS   H2   H N N 119 
CYS   HA   H N N 120 
CYS   HB2  H N N 121 
CYS   HB3  H N N 122 
CYS   HG   H N N 123 
CYS   HXT  H N N 124 
GLN   N    N N N 125 
GLN   CA   C N S 126 
GLN   C    C N N 127 
GLN   O    O N N 128 
GLN   CB   C N N 129 
GLN   CG   C N N 130 
GLN   CD   C N N 131 
GLN   OE1  O N N 132 
GLN   NE2  N N N 133 
GLN   OXT  O N N 134 
GLN   H    H N N 135 
GLN   H2   H N N 136 
GLN   HA   H N N 137 
GLN   HB2  H N N 138 
GLN   HB3  H N N 139 
GLN   HG2  H N N 140 
GLN   HG3  H N N 141 
GLN   HE21 H N N 142 
GLN   HE22 H N N 143 
GLN   HXT  H N N 144 
GLU   N    N N N 145 
GLU   CA   C N S 146 
GLU   C    C N N 147 
GLU   O    O N N 148 
GLU   CB   C N N 149 
GLU   CG   C N N 150 
GLU   CD   C N N 151 
GLU   OE1  O N N 152 
GLU   OE2  O N N 153 
GLU   OXT  O N N 154 
GLU   H    H N N 155 
GLU   H2   H N N 156 
GLU   HA   H N N 157 
GLU   HB2  H N N 158 
GLU   HB3  H N N 159 
GLU   HG2  H N N 160 
GLU   HG3  H N N 161 
GLU   HE2  H N N 162 
GLU   HXT  H N N 163 
GLY   N    N N N 164 
GLY   CA   C N N 165 
GLY   C    C N N 166 
GLY   O    O N N 167 
GLY   OXT  O N N 168 
GLY   H    H N N 169 
GLY   H2   H N N 170 
GLY   HA2  H N N 171 
GLY   HA3  H N N 172 
GLY   HXT  H N N 173 
HIS   N    N N N 174 
HIS   CA   C N S 175 
HIS   C    C N N 176 
HIS   O    O N N 177 
HIS   CB   C N N 178 
HIS   CG   C Y N 179 
HIS   ND1  N Y N 180 
HIS   CD2  C Y N 181 
HIS   CE1  C Y N 182 
HIS   NE2  N Y N 183 
HIS   OXT  O N N 184 
HIS   H    H N N 185 
HIS   H2   H N N 186 
HIS   HA   H N N 187 
HIS   HB2  H N N 188 
HIS   HB3  H N N 189 
HIS   HD1  H N N 190 
HIS   HD2  H N N 191 
HIS   HE1  H N N 192 
HIS   HE2  H N N 193 
HIS   HXT  H N N 194 
HOH   O    O N N 195 
HOH   H1   H N N 196 
HOH   H2   H N N 197 
ILE   N    N N N 198 
ILE   CA   C N S 199 
ILE   C    C N N 200 
ILE   O    O N N 201 
ILE   CB   C N S 202 
ILE   CG1  C N N 203 
ILE   CG2  C N N 204 
ILE   CD1  C N N 205 
ILE   OXT  O N N 206 
ILE   H    H N N 207 
ILE   H2   H N N 208 
ILE   HA   H N N 209 
ILE   HB   H N N 210 
ILE   HG12 H N N 211 
ILE   HG13 H N N 212 
ILE   HG21 H N N 213 
ILE   HG22 H N N 214 
ILE   HG23 H N N 215 
ILE   HD11 H N N 216 
ILE   HD12 H N N 217 
ILE   HD13 H N N 218 
ILE   HXT  H N N 219 
LEU   N    N N N 220 
LEU   CA   C N S 221 
LEU   C    C N N 222 
LEU   O    O N N 223 
LEU   CB   C N N 224 
LEU   CG   C N N 225 
LEU   CD1  C N N 226 
LEU   CD2  C N N 227 
LEU   OXT  O N N 228 
LEU   H    H N N 229 
LEU   H2   H N N 230 
LEU   HA   H N N 231 
LEU   HB2  H N N 232 
LEU   HB3  H N N 233 
LEU   HG   H N N 234 
LEU   HD11 H N N 235 
LEU   HD12 H N N 236 
LEU   HD13 H N N 237 
LEU   HD21 H N N 238 
LEU   HD22 H N N 239 
LEU   HD23 H N N 240 
LEU   HXT  H N N 241 
LYS   N    N N N 242 
LYS   CA   C N S 243 
LYS   C    C N N 244 
LYS   O    O N N 245 
LYS   CB   C N N 246 
LYS   CG   C N N 247 
LYS   CD   C N N 248 
LYS   CE   C N N 249 
LYS   NZ   N N N 250 
LYS   OXT  O N N 251 
LYS   H    H N N 252 
LYS   H2   H N N 253 
LYS   HA   H N N 254 
LYS   HB2  H N N 255 
LYS   HB3  H N N 256 
LYS   HG2  H N N 257 
LYS   HG3  H N N 258 
LYS   HD2  H N N 259 
LYS   HD3  H N N 260 
LYS   HE2  H N N 261 
LYS   HE3  H N N 262 
LYS   HZ1  H N N 263 
LYS   HZ2  H N N 264 
LYS   HZ3  H N N 265 
LYS   HXT  H N N 266 
MET   N    N N N 267 
MET   CA   C N S 268 
MET   C    C N N 269 
MET   O    O N N 270 
MET   CB   C N N 271 
MET   CG   C N N 272 
MET   SD   S N N 273 
MET   CE   C N N 274 
MET   OXT  O N N 275 
MET   H    H N N 276 
MET   H2   H N N 277 
MET   HA   H N N 278 
MET   HB2  H N N 279 
MET   HB3  H N N 280 
MET   HG2  H N N 281 
MET   HG3  H N N 282 
MET   HE1  H N N 283 
MET   HE2  H N N 284 
MET   HE3  H N N 285 
MET   HXT  H N N 286 
PHE   N    N N N 287 
PHE   CA   C N S 288 
PHE   C    C N N 289 
PHE   O    O N N 290 
PHE   CB   C N N 291 
PHE   CG   C Y N 292 
PHE   CD1  C Y N 293 
PHE   CD2  C Y N 294 
PHE   CE1  C Y N 295 
PHE   CE2  C Y N 296 
PHE   CZ   C Y N 297 
PHE   OXT  O N N 298 
PHE   H    H N N 299 
PHE   H2   H N N 300 
PHE   HA   H N N 301 
PHE   HB2  H N N 302 
PHE   HB3  H N N 303 
PHE   HD1  H N N 304 
PHE   HD2  H N N 305 
PHE   HE1  H N N 306 
PHE   HE2  H N N 307 
PHE   HZ   H N N 308 
PHE   HXT  H N N 309 
PRO   N    N N N 310 
PRO   CA   C N S 311 
PRO   C    C N N 312 
PRO   O    O N N 313 
PRO   CB   C N N 314 
PRO   CG   C N N 315 
PRO   CD   C N N 316 
PRO   OXT  O N N 317 
PRO   H    H N N 318 
PRO   HA   H N N 319 
PRO   HB2  H N N 320 
PRO   HB3  H N N 321 
PRO   HG2  H N N 322 
PRO   HG3  H N N 323 
PRO   HD2  H N N 324 
PRO   HD3  H N N 325 
PRO   HXT  H N N 326 
SER   N    N N N 327 
SER   CA   C N S 328 
SER   C    C N N 329 
SER   O    O N N 330 
SER   CB   C N N 331 
SER   OG   O N N 332 
SER   OXT  O N N 333 
SER   H    H N N 334 
SER   H2   H N N 335 
SER   HA   H N N 336 
SER   HB2  H N N 337 
SER   HB3  H N N 338 
SER   HG   H N N 339 
SER   HXT  H N N 340 
THR   N    N N N 341 
THR   CA   C N S 342 
THR   C    C N N 343 
THR   O    O N N 344 
THR   CB   C N R 345 
THR   OG1  O N N 346 
THR   CG2  C N N 347 
THR   OXT  O N N 348 
THR   H    H N N 349 
THR   H2   H N N 350 
THR   HA   H N N 351 
THR   HB   H N N 352 
THR   HG1  H N N 353 
THR   HG21 H N N 354 
THR   HG22 H N N 355 
THR   HG23 H N N 356 
THR   HXT  H N N 357 
TRP   N    N N N 358 
TRP   CA   C N S 359 
TRP   C    C N N 360 
TRP   O    O N N 361 
TRP   CB   C N N 362 
TRP   CG   C Y N 363 
TRP   CD1  C Y N 364 
TRP   CD2  C Y N 365 
TRP   NE1  N Y N 366 
TRP   CE2  C Y N 367 
TRP   CE3  C Y N 368 
TRP   CZ2  C Y N 369 
TRP   CZ3  C Y N 370 
TRP   CH2  C Y N 371 
TRP   OXT  O N N 372 
TRP   H    H N N 373 
TRP   H2   H N N 374 
TRP   HA   H N N 375 
TRP   HB2  H N N 376 
TRP   HB3  H N N 377 
TRP   HD1  H N N 378 
TRP   HE1  H N N 379 
TRP   HE3  H N N 380 
TRP   HZ2  H N N 381 
TRP   HZ3  H N N 382 
TRP   HH2  H N N 383 
TRP   HXT  H N N 384 
TYR   N    N N N 385 
TYR   CA   C N S 386 
TYR   C    C N N 387 
TYR   O    O N N 388 
TYR   CB   C N N 389 
TYR   CG   C Y N 390 
TYR   CD1  C Y N 391 
TYR   CD2  C Y N 392 
TYR   CE1  C Y N 393 
TYR   CE2  C Y N 394 
TYR   CZ   C Y N 395 
TYR   OH   O N N 396 
TYR   OXT  O N N 397 
TYR   H    H N N 398 
TYR   H2   H N N 399 
TYR   HA   H N N 400 
TYR   HB2  H N N 401 
TYR   HB3  H N N 402 
TYR   HD1  H N N 403 
TYR   HD2  H N N 404 
TYR   HE1  H N N 405 
TYR   HE2  H N N 406 
TYR   HH   H N N 407 
TYR   HXT  H N N 408 
VAL   N    N N N 409 
VAL   CA   C N S 410 
VAL   C    C N N 411 
VAL   O    O N N 412 
VAL   CB   C N N 413 
VAL   CG1  C N N 414 
VAL   CG2  C N N 415 
VAL   OXT  O N N 416 
VAL   H    H N N 417 
VAL   H2   H N N 418 
VAL   HA   H N N 419 
VAL   HB   H N N 420 
VAL   HG11 H N N 421 
VAL   HG12 H N N 422 
VAL   HG13 H N N 423 
VAL   HG21 H N N 424 
VAL   HG22 H N N 425 
VAL   HG23 H N N 426 
VAL   HXT  H N N 427 
# 
loop_
_chem_comp_bond.comp_id 
_chem_comp_bond.atom_id_1 
_chem_comp_bond.atom_id_2 
_chem_comp_bond.value_order 
_chem_comp_bond.pdbx_aromatic_flag 
_chem_comp_bond.pdbx_stereo_config 
_chem_comp_bond.pdbx_ordinal 
A1BI3 N   C    sing N N 1   
A1BI3 N   C04  sing N N 2   
A1BI3 C   O    doub N N 3   
A1BI3 C   C15  sing N N 4   
A1BI3 C04 C05  doub Y N 5   
A1BI3 C04 C14  sing Y N 6   
A1BI3 C05 N06  sing Y N 7   
A1BI3 N06 C07  doub Y N 8   
A1BI3 C07 C08  sing Y N 9   
A1BI3 C08 O09  sing N N 10  
A1BI3 C08 C14  doub Y N 11  
A1BI3 O09 S10  sing N N 12  
A1BI3 S10 O12  doub N N 13  
A1BI3 S10 O13  doub N N 14  
A1BI3 C15 C16  sing N N 15  
A1BI3 C15 C23  sing N N 16  
A1BI3 C16 C17  sing N N 17  
A1BI3 C17 C18  sing N N 18  
A1BI3 C18 C19  doub Y N 19  
A1BI3 C18 C23  sing Y N 20  
A1BI3 C19 C20  sing Y N 21  
A1BI3 C20 C21  doub Y N 22  
A1BI3 C21 C22  sing Y N 23  
A1BI3 C22 C23  doub Y N 24  
A1BI3 C14 H141 sing N N 25  
A1BI3 N   HN1  sing N N 26  
A1BI3 C05 H051 sing N N 27  
A1BI3 C07 H071 sing N N 28  
A1BI3 C15 H151 sing N N 29  
A1BI3 C16 H161 sing N N 30  
A1BI3 C16 H162 sing N N 31  
A1BI3 C17 H171 sing N N 32  
A1BI3 C17 H172 sing N N 33  
A1BI3 C19 H191 sing N N 34  
A1BI3 C20 H201 sing N N 35  
A1BI3 C21 H211 sing N N 36  
A1BI3 C22 H221 sing N N 37  
A1BI3 S10 O1   sing N N 38  
A1BI3 O1  H1   sing N N 39  
ALA   N   CA   sing N N 40  
ALA   N   H    sing N N 41  
ALA   N   H2   sing N N 42  
ALA   CA  C    sing N N 43  
ALA   CA  CB   sing N N 44  
ALA   CA  HA   sing N N 45  
ALA   C   O    doub N N 46  
ALA   C   OXT  sing N N 47  
ALA   CB  HB1  sing N N 48  
ALA   CB  HB2  sing N N 49  
ALA   CB  HB3  sing N N 50  
ALA   OXT HXT  sing N N 51  
ARG   N   CA   sing N N 52  
ARG   N   H    sing N N 53  
ARG   N   H2   sing N N 54  
ARG   CA  C    sing N N 55  
ARG   CA  CB   sing N N 56  
ARG   CA  HA   sing N N 57  
ARG   C   O    doub N N 58  
ARG   C   OXT  sing N N 59  
ARG   CB  CG   sing N N 60  
ARG   CB  HB2  sing N N 61  
ARG   CB  HB3  sing N N 62  
ARG   CG  CD   sing N N 63  
ARG   CG  HG2  sing N N 64  
ARG   CG  HG3  sing N N 65  
ARG   CD  NE   sing N N 66  
ARG   CD  HD2  sing N N 67  
ARG   CD  HD3  sing N N 68  
ARG   NE  CZ   sing N N 69  
ARG   NE  HE   sing N N 70  
ARG   CZ  NH1  sing N N 71  
ARG   CZ  NH2  doub N N 72  
ARG   NH1 HH11 sing N N 73  
ARG   NH1 HH12 sing N N 74  
ARG   NH2 HH21 sing N N 75  
ARG   NH2 HH22 sing N N 76  
ARG   OXT HXT  sing N N 77  
ASN   N   CA   sing N N 78  
ASN   N   H    sing N N 79  
ASN   N   H2   sing N N 80  
ASN   CA  C    sing N N 81  
ASN   CA  CB   sing N N 82  
ASN   CA  HA   sing N N 83  
ASN   C   O    doub N N 84  
ASN   C   OXT  sing N N 85  
ASN   CB  CG   sing N N 86  
ASN   CB  HB2  sing N N 87  
ASN   CB  HB3  sing N N 88  
ASN   CG  OD1  doub N N 89  
ASN   CG  ND2  sing N N 90  
ASN   ND2 HD21 sing N N 91  
ASN   ND2 HD22 sing N N 92  
ASN   OXT HXT  sing N N 93  
ASP   N   CA   sing N N 94  
ASP   N   H    sing N N 95  
ASP   N   H2   sing N N 96  
ASP   CA  C    sing N N 97  
ASP   CA  CB   sing N N 98  
ASP   CA  HA   sing N N 99  
ASP   C   O    doub N N 100 
ASP   C   OXT  sing N N 101 
ASP   CB  CG   sing N N 102 
ASP   CB  HB2  sing N N 103 
ASP   CB  HB3  sing N N 104 
ASP   CG  OD1  doub N N 105 
ASP   CG  OD2  sing N N 106 
ASP   OD2 HD2  sing N N 107 
ASP   OXT HXT  sing N N 108 
CYS   N   CA   sing N N 109 
CYS   N   H    sing N N 110 
CYS   N   H2   sing N N 111 
CYS   CA  C    sing N N 112 
CYS   CA  CB   sing N N 113 
CYS   CA  HA   sing N N 114 
CYS   C   O    doub N N 115 
CYS   C   OXT  sing N N 116 
CYS   CB  SG   sing N N 117 
CYS   CB  HB2  sing N N 118 
CYS   CB  HB3  sing N N 119 
CYS   SG  HG   sing N N 120 
CYS   OXT HXT  sing N N 121 
GLN   N   CA   sing N N 122 
GLN   N   H    sing N N 123 
GLN   N   H2   sing N N 124 
GLN   CA  C    sing N N 125 
GLN   CA  CB   sing N N 126 
GLN   CA  HA   sing N N 127 
GLN   C   O    doub N N 128 
GLN   C   OXT  sing N N 129 
GLN   CB  CG   sing N N 130 
GLN   CB  HB2  sing N N 131 
GLN   CB  HB3  sing N N 132 
GLN   CG  CD   sing N N 133 
GLN   CG  HG2  sing N N 134 
GLN   CG  HG3  sing N N 135 
GLN   CD  OE1  doub N N 136 
GLN   CD  NE2  sing N N 137 
GLN   NE2 HE21 sing N N 138 
GLN   NE2 HE22 sing N N 139 
GLN   OXT HXT  sing N N 140 
GLU   N   CA   sing N N 141 
GLU   N   H    sing N N 142 
GLU   N   H2   sing N N 143 
GLU   CA  C    sing N N 144 
GLU   CA  CB   sing N N 145 
GLU   CA  HA   sing N N 146 
GLU   C   O    doub N N 147 
GLU   C   OXT  sing N N 148 
GLU   CB  CG   sing N N 149 
GLU   CB  HB2  sing N N 150 
GLU   CB  HB3  sing N N 151 
GLU   CG  CD   sing N N 152 
GLU   CG  HG2  sing N N 153 
GLU   CG  HG3  sing N N 154 
GLU   CD  OE1  doub N N 155 
GLU   CD  OE2  sing N N 156 
GLU   OE2 HE2  sing N N 157 
GLU   OXT HXT  sing N N 158 
GLY   N   CA   sing N N 159 
GLY   N   H    sing N N 160 
GLY   N   H2   sing N N 161 
GLY   CA  C    sing N N 162 
GLY   CA  HA2  sing N N 163 
GLY   CA  HA3  sing N N 164 
GLY   C   O    doub N N 165 
GLY   C   OXT  sing N N 166 
GLY   OXT HXT  sing N N 167 
HIS   N   CA   sing N N 168 
HIS   N   H    sing N N 169 
HIS   N   H2   sing N N 170 
HIS   CA  C    sing N N 171 
HIS   CA  CB   sing N N 172 
HIS   CA  HA   sing N N 173 
HIS   C   O    doub N N 174 
HIS   C   OXT  sing N N 175 
HIS   CB  CG   sing N N 176 
HIS   CB  HB2  sing N N 177 
HIS   CB  HB3  sing N N 178 
HIS   CG  ND1  sing Y N 179 
HIS   CG  CD2  doub Y N 180 
HIS   ND1 CE1  doub Y N 181 
HIS   ND1 HD1  sing N N 182 
HIS   CD2 NE2  sing Y N 183 
HIS   CD2 HD2  sing N N 184 
HIS   CE1 NE2  sing Y N 185 
HIS   CE1 HE1  sing N N 186 
HIS   NE2 HE2  sing N N 187 
HIS   OXT HXT  sing N N 188 
HOH   O   H1   sing N N 189 
HOH   O   H2   sing N N 190 
ILE   N   CA   sing N N 191 
ILE   N   H    sing N N 192 
ILE   N   H2   sing N N 193 
ILE   CA  C    sing N N 194 
ILE   CA  CB   sing N N 195 
ILE   CA  HA   sing N N 196 
ILE   C   O    doub N N 197 
ILE   C   OXT  sing N N 198 
ILE   CB  CG1  sing N N 199 
ILE   CB  CG2  sing N N 200 
ILE   CB  HB   sing N N 201 
ILE   CG1 CD1  sing N N 202 
ILE   CG1 HG12 sing N N 203 
ILE   CG1 HG13 sing N N 204 
ILE   CG2 HG21 sing N N 205 
ILE   CG2 HG22 sing N N 206 
ILE   CG2 HG23 sing N N 207 
ILE   CD1 HD11 sing N N 208 
ILE   CD1 HD12 sing N N 209 
ILE   CD1 HD13 sing N N 210 
ILE   OXT HXT  sing N N 211 
LEU   N   CA   sing N N 212 
LEU   N   H    sing N N 213 
LEU   N   H2   sing N N 214 
LEU   CA  C    sing N N 215 
LEU   CA  CB   sing N N 216 
LEU   CA  HA   sing N N 217 
LEU   C   O    doub N N 218 
LEU   C   OXT  sing N N 219 
LEU   CB  CG   sing N N 220 
LEU   CB  HB2  sing N N 221 
LEU   CB  HB3  sing N N 222 
LEU   CG  CD1  sing N N 223 
LEU   CG  CD2  sing N N 224 
LEU   CG  HG   sing N N 225 
LEU   CD1 HD11 sing N N 226 
LEU   CD1 HD12 sing N N 227 
LEU   CD1 HD13 sing N N 228 
LEU   CD2 HD21 sing N N 229 
LEU   CD2 HD22 sing N N 230 
LEU   CD2 HD23 sing N N 231 
LEU   OXT HXT  sing N N 232 
LYS   N   CA   sing N N 233 
LYS   N   H    sing N N 234 
LYS   N   H2   sing N N 235 
LYS   CA  C    sing N N 236 
LYS   CA  CB   sing N N 237 
LYS   CA  HA   sing N N 238 
LYS   C   O    doub N N 239 
LYS   C   OXT  sing N N 240 
LYS   CB  CG   sing N N 241 
LYS   CB  HB2  sing N N 242 
LYS   CB  HB3  sing N N 243 
LYS   CG  CD   sing N N 244 
LYS   CG  HG2  sing N N 245 
LYS   CG  HG3  sing N N 246 
LYS   CD  CE   sing N N 247 
LYS   CD  HD2  sing N N 248 
LYS   CD  HD3  sing N N 249 
LYS   CE  NZ   sing N N 250 
LYS   CE  HE2  sing N N 251 
LYS   CE  HE3  sing N N 252 
LYS   NZ  HZ1  sing N N 253 
LYS   NZ  HZ2  sing N N 254 
LYS   NZ  HZ3  sing N N 255 
LYS   OXT HXT  sing N N 256 
MET   N   CA   sing N N 257 
MET   N   H    sing N N 258 
MET   N   H2   sing N N 259 
MET   CA  C    sing N N 260 
MET   CA  CB   sing N N 261 
MET   CA  HA   sing N N 262 
MET   C   O    doub N N 263 
MET   C   OXT  sing N N 264 
MET   CB  CG   sing N N 265 
MET   CB  HB2  sing N N 266 
MET   CB  HB3  sing N N 267 
MET   CG  SD   sing N N 268 
MET   CG  HG2  sing N N 269 
MET   CG  HG3  sing N N 270 
MET   SD  CE   sing N N 271 
MET   CE  HE1  sing N N 272 
MET   CE  HE2  sing N N 273 
MET   CE  HE3  sing N N 274 
MET   OXT HXT  sing N N 275 
PHE   N   CA   sing N N 276 
PHE   N   H    sing N N 277 
PHE   N   H2   sing N N 278 
PHE   CA  C    sing N N 279 
PHE   CA  CB   sing N N 280 
PHE   CA  HA   sing N N 281 
PHE   C   O    doub N N 282 
PHE   C   OXT  sing N N 283 
PHE   CB  CG   sing N N 284 
PHE   CB  HB2  sing N N 285 
PHE   CB  HB3  sing N N 286 
PHE   CG  CD1  doub Y N 287 
PHE   CG  CD2  sing Y N 288 
PHE   CD1 CE1  sing Y N 289 
PHE   CD1 HD1  sing N N 290 
PHE   CD2 CE2  doub Y N 291 
PHE   CD2 HD2  sing N N 292 
PHE   CE1 CZ   doub Y N 293 
PHE   CE1 HE1  sing N N 294 
PHE   CE2 CZ   sing Y N 295 
PHE   CE2 HE2  sing N N 296 
PHE   CZ  HZ   sing N N 297 
PHE   OXT HXT  sing N N 298 
PRO   N   CA   sing N N 299 
PRO   N   CD   sing N N 300 
PRO   N   H    sing N N 301 
PRO   CA  C    sing N N 302 
PRO   CA  CB   sing N N 303 
PRO   CA  HA   sing N N 304 
PRO   C   O    doub N N 305 
PRO   C   OXT  sing N N 306 
PRO   CB  CG   sing N N 307 
PRO   CB  HB2  sing N N 308 
PRO   CB  HB3  sing N N 309 
PRO   CG  CD   sing N N 310 
PRO   CG  HG2  sing N N 311 
PRO   CG  HG3  sing N N 312 
PRO   CD  HD2  sing N N 313 
PRO   CD  HD3  sing N N 314 
PRO   OXT HXT  sing N N 315 
SER   N   CA   sing N N 316 
SER   N   H    sing N N 317 
SER   N   H2   sing N N 318 
SER   CA  C    sing N N 319 
SER   CA  CB   sing N N 320 
SER   CA  HA   sing N N 321 
SER   C   O    doub N N 322 
SER   C   OXT  sing N N 323 
SER   CB  OG   sing N N 324 
SER   CB  HB2  sing N N 325 
SER   CB  HB3  sing N N 326 
SER   OG  HG   sing N N 327 
SER   OXT HXT  sing N N 328 
THR   N   CA   sing N N 329 
THR   N   H    sing N N 330 
THR   N   H2   sing N N 331 
THR   CA  C    sing N N 332 
THR   CA  CB   sing N N 333 
THR   CA  HA   sing N N 334 
THR   C   O    doub N N 335 
THR   C   OXT  sing N N 336 
THR   CB  OG1  sing N N 337 
THR   CB  CG2  sing N N 338 
THR   CB  HB   sing N N 339 
THR   OG1 HG1  sing N N 340 
THR   CG2 HG21 sing N N 341 
THR   CG2 HG22 sing N N 342 
THR   CG2 HG23 sing N N 343 
THR   OXT HXT  sing N N 344 
TRP   N   CA   sing N N 345 
TRP   N   H    sing N N 346 
TRP   N   H2   sing N N 347 
TRP   CA  C    sing N N 348 
TRP   CA  CB   sing N N 349 
TRP   CA  HA   sing N N 350 
TRP   C   O    doub N N 351 
TRP   C   OXT  sing N N 352 
TRP   CB  CG   sing N N 353 
TRP   CB  HB2  sing N N 354 
TRP   CB  HB3  sing N N 355 
TRP   CG  CD1  doub Y N 356 
TRP   CG  CD2  sing Y N 357 
TRP   CD1 NE1  sing Y N 358 
TRP   CD1 HD1  sing N N 359 
TRP   CD2 CE2  doub Y N 360 
TRP   CD2 CE3  sing Y N 361 
TRP   NE1 CE2  sing Y N 362 
TRP   NE1 HE1  sing N N 363 
TRP   CE2 CZ2  sing Y N 364 
TRP   CE3 CZ3  doub Y N 365 
TRP   CE3 HE3  sing N N 366 
TRP   CZ2 CH2  doub Y N 367 
TRP   CZ2 HZ2  sing N N 368 
TRP   CZ3 CH2  sing Y N 369 
TRP   CZ3 HZ3  sing N N 370 
TRP   CH2 HH2  sing N N 371 
TRP   OXT HXT  sing N N 372 
TYR   N   CA   sing N N 373 
TYR   N   H    sing N N 374 
TYR   N   H2   sing N N 375 
TYR   CA  C    sing N N 376 
TYR   CA  CB   sing N N 377 
TYR   CA  HA   sing N N 378 
TYR   C   O    doub N N 379 
TYR   C   OXT  sing N N 380 
TYR   CB  CG   sing N N 381 
TYR   CB  HB2  sing N N 382 
TYR   CB  HB3  sing N N 383 
TYR   CG  CD1  doub Y N 384 
TYR   CG  CD2  sing Y N 385 
TYR   CD1 CE1  sing Y N 386 
TYR   CD1 HD1  sing N N 387 
TYR   CD2 CE2  doub Y N 388 
TYR   CD2 HD2  sing N N 389 
TYR   CE1 CZ   doub Y N 390 
TYR   CE1 HE1  sing N N 391 
TYR   CE2 CZ   sing Y N 392 
TYR   CE2 HE2  sing N N 393 
TYR   CZ  OH   sing N N 394 
TYR   OH  HH   sing N N 395 
TYR   OXT HXT  sing N N 396 
VAL   N   CA   sing N N 397 
VAL   N   H    sing N N 398 
VAL   N   H2   sing N N 399 
VAL   CA  C    sing N N 400 
VAL   CA  CB   sing N N 401 
VAL   CA  HA   sing N N 402 
VAL   C   O    doub N N 403 
VAL   C   OXT  sing N N 404 
VAL   CB  CG1  sing N N 405 
VAL   CB  CG2  sing N N 406 
VAL   CB  HB   sing N N 407 
VAL   CG1 HG11 sing N N 408 
VAL   CG1 HG12 sing N N 409 
VAL   CG1 HG13 sing N N 410 
VAL   CG2 HG21 sing N N 411 
VAL   CG2 HG22 sing N N 412 
VAL   CG2 HG23 sing N N 413 
VAL   OXT HXT  sing N N 414 
# 
_pdbx_audit_support.funding_organization   'National Institutes of Health/National Cancer Institute (NIH/NCI)' 
_pdbx_audit_support.country                'United States' 
_pdbx_audit_support.grant_number           ? 
_pdbx_audit_support.ordinal                1 
# 
_pdbx_initial_refinement_model.id               1 
_pdbx_initial_refinement_model.entity_id_list   ? 
_pdbx_initial_refinement_model.type             'experimental model' 
_pdbx_initial_refinement_model.source_name      PDB 
_pdbx_initial_refinement_model.accession_code   6vbx 
_pdbx_initial_refinement_model.details          ? 
# 
_space_group.name_H-M_alt     'P 1 21 1' 
_space_group.name_Hall        'P 2yb' 
_space_group.IT_number        4 
_space_group.crystal_system   monoclinic 
_space_group.id               1 
# 
_atom_sites.entry_id                    9EFJ 
_atom_sites.Cartn_transf_matrix[1][1]   ? 
_atom_sites.Cartn_transf_matrix[1][2]   ? 
_atom_sites.Cartn_transf_matrix[1][3]   ? 
_atom_sites.Cartn_transf_matrix[2][1]   ? 
_atom_sites.Cartn_transf_matrix[2][2]   ? 
_atom_sites.Cartn_transf_matrix[2][3]   ? 
_atom_sites.Cartn_transf_matrix[3][1]   ? 
_atom_sites.Cartn_transf_matrix[3][2]   ? 
_atom_sites.Cartn_transf_matrix[3][3]   ? 
_atom_sites.Cartn_transf_vector[1]      ? 
_atom_sites.Cartn_transf_vector[2]      ? 
_atom_sites.Cartn_transf_vector[3]      ? 
_atom_sites.Cartn_transform_axes        ? 
_atom_sites.fract_transf_matrix[1][1]   0.00136430 
_atom_sites.fract_transf_matrix[1][2]   0.02394468 
_atom_sites.fract_transf_matrix[1][3]   0.00985715 
_atom_sites.fract_transf_matrix[2][1]   -0.01457828 
_atom_sites.fract_transf_matrix[2][2]   0.00839650 
_atom_sites.fract_transf_matrix[2][3]   -0.01837878 
_atom_sites.fract_transf_matrix[3][1]   -0.01874179 
_atom_sites.fract_transf_matrix[3][2]   0.00444787 
_atom_sites.fract_transf_matrix[3][3]   0.01689826 
_atom_sites.fract_transf_vector[1]      0.246499 
_atom_sites.fract_transf_vector[2]      -0.077168 
_atom_sites.fract_transf_vector[3]      0.231232 
_atom_sites.solution_primary            ? 
_atom_sites.solution_secondary          ? 
_atom_sites.solution_hydrogens          ? 
_atom_sites.special_details             ? 
# 
loop_
_atom_type.symbol 
_atom_type.scat_dispersion_real 
_atom_type.scat_dispersion_imag 
_atom_type.scat_Cromer_Mann_a1 
_atom_type.scat_Cromer_Mann_a2 
_atom_type.scat_Cromer_Mann_a3 
_atom_type.scat_Cromer_Mann_a4 
_atom_type.scat_Cromer_Mann_b1 
_atom_type.scat_Cromer_Mann_b2 
_atom_type.scat_Cromer_Mann_b3 
_atom_type.scat_Cromer_Mann_b4 
_atom_type.scat_Cromer_Mann_c 
_atom_type.scat_source 
_atom_type.scat_dispersion_source 
C ? ? 3.54356 2.42580 ? ? 25.62398 1.50364  ? ? 0.0 
;2-Gaussian fit: Grosse-Kunstleve RW, Sauter NK, Adams PD: Newsletter of the IUCr Commission on Crystallographic Computing 2004, 3, 22-31.
;
? 
N ? ? 4.01032 2.96436 ? ? 19.97189 1.75589  ? ? 0.0 
;2-Gaussian fit: Grosse-Kunstleve RW, Sauter NK, Adams PD: Newsletter of the IUCr Commission on Crystallographic Computing 2004, 3, 22-31.
;
? 
O ? ? 4.49882 3.47563 ? ? 15.80542 1.70748  ? ? 0.0 
;2-Gaussian fit: Grosse-Kunstleve RW, Sauter NK, Adams PD: Newsletter of the IUCr Commission on Crystallographic Computing 2004, 3, 22-31.
;
? 
S ? ? 9.55732 6.39887 ? ? 1.23737  29.19336 ? ? 0.0 
;2-Gaussian fit: Grosse-Kunstleve RW, Sauter NK, Adams PD: Newsletter of the IUCr Commission on Crystallographic Computing 2004, 3, 22-31.
;
? 
# 
loop_
_atom_site.group_PDB 
_atom_site.id 
_atom_site.type_symbol 
_atom_site.label_atom_id 
_atom_site.label_alt_id 
_atom_site.label_comp_id 
_atom_site.label_asym_id 
_atom_site.label_entity_id 
_atom_site.label_seq_id 
_atom_site.pdbx_PDB_ins_code 
_atom_site.Cartn_x 
_atom_site.Cartn_y 
_atom_site.Cartn_z 
_atom_site.occupancy 
_atom_site.B_iso_or_equiv 
_atom_site.pdbx_formal_charge 
_atom_site.auth_seq_id 
_atom_site.auth_comp_id 
_atom_site.auth_asym_id 
_atom_site.auth_atom_id 
_atom_site.pdbx_PDB_model_num 
ATOM   1    N N   . ASP   A 1 1   ? -16.72752 -2.60065  -0.81791  1.000 40.45000  ? 172 ASP   A N   1 
ATOM   2    C CA  . ASP   A 1 1   ? -17.41626 -1.45577  -0.22575  1.000 42.84000  ? 172 ASP   A CA  1 
ATOM   3    C C   . ASP   A 1 1   ? -16.80162 -1.11795  1.13431   1.000 39.36000  ? 172 ASP   A C   1 
ATOM   4    O O   . ASP   A 1 1   ? -16.01137 -0.18182  1.24425   1.000 37.21000  ? 172 ASP   A O   1 
ATOM   5    C CB  . ASP   A 1 1   ? -18.91596 -1.73724  -0.08935  1.000 44.92000  ? 172 ASP   A CB  1 
ATOM   6    C CG  . ASP   A 1 1   ? -19.68685 -0.55977  0.50017   1.000 51.48000  ? 172 ASP   A CG  1 
ATOM   7    O OD1 . ASP   A 1 1   ? -19.12837 0.55544   0.57887   1.000 52.88000  ? 172 ASP   A OD1 1 
ATOM   8    O OD2 . ASP   A 1 1   ? -20.86057 -0.75239  0.88224   1.000 46.55000  ? 172 ASP   A OD2 1 
ATOM   9    N N   . GLU   A 1 2   ? -17.17664 -1.87122  2.17220   1.000 39.22000  ? 173 GLU   A N   1 
ATOM   10   C CA  . GLU   A 1 2   ? -16.51562 -1.71007  3.46491   1.000 38.49000  ? 173 GLU   A CA  1 
ATOM   11   C C   . GLU   A 1 2   ? -15.08522 -2.22662  3.40256   1.000 34.48000  ? 173 GLU   A C   1 
ATOM   12   O O   . GLU   A 1 2   ? -14.18314 -1.65567  4.02835   1.000 35.60000  ? 173 GLU   A O   1 
ATOM   13   C CB  . GLU   A 1 2   ? -17.30690 -2.43126  4.55887   1.000 39.63000  ? 173 GLU   A CB  1 
ATOM   14   C CG  . GLU   A 1 2   ? -16.65384 -2.44690  5.94388   1.000 42.72000  ? 173 GLU   A CG  1 
ATOM   15   C CD  . GLU   A 1 2   ? -16.19633 -1.07488  6.40709   1.000 44.56000  ? 173 GLU   A CD  1 
ATOM   16   O OE1 . GLU   A 1 2   ? -16.96363 -0.10309  6.24499   1.000 44.23000  ? 173 GLU   A OE1 1 
ATOM   17   O OE2 . GLU   A 1 2   ? -15.07501 -0.97167  6.95031   1.000 41.12000  ? 173 GLU   A OE2 1 
ATOM   18   N N   . LEU   A 1 3   ? -14.86128 -3.30924  2.65304   1.000 32.96000  ? 174 LEU   A N   1 
ATOM   19   C CA  . LEU   A 1 3   ? -13.50123 -3.77629  2.41017   1.000 35.00000  ? 174 LEU   A CA  1 
ATOM   20   C C   . LEU   A 1 3   ? -12.67035 -2.69746  1.73152   1.000 33.33000  ? 174 LEU   A C   1 
ATOM   21   O O   . LEU   A 1 3   ? -11.50671 -2.48200  2.09046   1.000 32.86000  ? 174 LEU   A O   1 
ATOM   22   C CB  . LEU   A 1 3   ? -13.52855 -5.04933  1.56554   1.000 34.42000  ? 174 LEU   A CB  1 
ATOM   23   C CG  . LEU   A 1 3   ? -12.18668 -5.61504  1.09951   1.000 33.26000  ? 174 LEU   A CG  1 
ATOM   24   C CD1 . LEU   A 1 3   ? -11.27501 -5.91579  2.27927   1.000 33.23000  ? 174 LEU   A CD1 1 
ATOM   25   C CD2 . LEU   A 1 3   ? -12.40428 -6.85948  0.25619   1.000 32.67000  ? 174 LEU   A CD2 1 
ATOM   26   N N   . TYR   A 1 4   ? -13.25448 -2.00112  0.75330   1.000 34.12000  ? 175 TYR   A N   1 
ATOM   27   C CA  . TYR   A 1 4   ? -12.55263 -0.89774  0.10552   1.000 30.34000  ? 175 TYR   A CA  1 
ATOM   28   C C   . TYR   A 1 4   ? -12.27086 0.22503   1.09450   1.000 31.71000  ? 175 TYR   A C   1 
ATOM   29   O O   . TYR   A 1 4   ? -11.14028 0.71611   1.18803   1.000 32.26000  ? 175 TYR   A O   1 
ATOM   30   C CB  . TYR   A 1 4   ? -13.36714 -0.37466  -1.07957  1.000 33.39000  ? 175 TYR   A CB  1 
ATOM   31   C CG  . TYR   A 1 4   ? -12.63904 0.66548   -1.90449  1.000 30.76000  ? 175 TYR   A CG  1 
ATOM   32   C CD1 . TYR   A 1 4   ? -12.63686 2.00544   -1.52995  1.000 31.25000  ? 175 TYR   A CD1 1 
ATOM   33   C CD2 . TYR   A 1 4   ? -11.94138 0.30717   -3.04863  1.000 33.24000  ? 175 TYR   A CD2 1 
ATOM   34   C CE1 . TYR   A 1 4   ? -11.96566 2.95621   -2.27465  1.000 34.27000  ? 175 TYR   A CE1 1 
ATOM   35   C CE2 . TYR   A 1 4   ? -11.26710 1.25277   -3.80221  1.000 34.63000  ? 175 TYR   A CE2 1 
ATOM   36   C CZ  . TYR   A 1 4   ? -11.28310 2.57408   -3.40955  1.000 37.34000  ? 175 TYR   A CZ  1 
ATOM   37   O OH  . TYR   A 1 4   ? -10.61508 3.51855   -4.15461  1.000 39.11000  ? 175 TYR   A OH  1 
ATOM   38   N N   . ARG   A 1 5   ? -13.29784 0.65201   1.83712   1.000 32.92000  ? 176 ARG   A N   1 
ATOM   39   C CA  . ARG   A 1 5   ? -13.12364 1.74296   2.79250   1.000 33.10000  ? 176 ARG   A CA  1 
ATOM   40   C C   . ARG   A 1 5   ? -12.03182 1.41614   3.79983   1.000 31.60000  ? 176 ARG   A C   1 
ATOM   41   O O   . ARG   A 1 5   ? -11.18921 2.26337   4.12317   1.000 29.85000  ? 176 ARG   A O   1 
ATOM   42   C CB  . ARG   A 1 5   ? -14.43835 2.02454   3.51660   1.000 32.92000  ? 176 ARG   A CB  1 
ATOM   43   C CG  . ARG   A 1 5   ? -14.43985 3.33778   4.27773   1.000 34.47000  ? 176 ARG   A CG  1 
ATOM   44   C CD  . ARG   A 1 5   ? -15.46052 3.31927   5.40695   1.000 39.61000  ? 176 ARG   A CD  1 
ATOM   45   N NE  . ARG   A 1 5   ? -15.13372 2.31259   6.41498   1.000 40.72000  ? 176 ARG   A NE  1 
ATOM   46   C CZ  . ARG   A 1 5   ? -14.02825 2.30278   7.15233   1.000 41.99000  ? 176 ARG   A CZ  1 
ATOM   47   N NH1 . ARG   A 1 5   ? -13.12402 3.26560   7.06475   1.000 40.27000  ? 176 ARG   A NH1 1 
ATOM   48   N NH2 . ARG   A 1 5   ? -13.82814 1.30229   8.00609   1.000 45.32000  ? 176 ARG   A NH2 1 
ATOM   49   N N   . GLN   A 1 6   ? -12.03075 0.18431   4.30721   1.000 30.37000  ? 177 GLN   A N   1 
ATOM   50   C CA  . GLN   A 1 6   ? -11.02067 -0.22010  5.27615   1.000 32.61000  ? 177 GLN   A CA  1 
ATOM   51   C C   . GLN   A 1 6   ? -9.64499  -0.30953  4.62672   1.000 25.63000  ? 177 GLN   A C   1 
ATOM   52   O O   . GLN   A 1 6   ? -8.65264  0.17576   5.18108   1.000 33.34000  ? 177 GLN   A O   1 
ATOM   53   C CB  . GLN   A 1 6   ? -11.40945 -1.55807  5.89921   1.000 30.29000  ? 177 GLN   A CB  1 
ATOM   54   C CG  . GLN   A 1 6   ? -10.40051 -2.08080  6.89500   1.000 30.67000  ? 177 GLN   A CG  1 
ATOM   55   C CD  . GLN   A 1 6   ? -10.94766 -3.22005  7.72226   1.000 34.50000  ? 177 GLN   A CD  1 
ATOM   56   O OE1 . GLN   A 1 6   ? -11.32251 -4.26436  7.18866   1.000 33.89000  ? 177 GLN   A OE1 1 
ATOM   57   N NE2 . GLN   A 1 6   ? -11.00965 -3.02255  9.03298   1.000 40.70000  ? 177 GLN   A NE2 1 
ATOM   58   N N   . SER   A 1 7   ? -9.56838  -0.93298  3.44737   1.000 28.12000  ? 178 SER   A N   1 
ATOM   59   C CA  . SER   A 1 7   ? -8.29095  -1.03672  2.74732   1.000 27.77000  ? 178 SER   A CA  1 
ATOM   60   C C   . SER   A 1 7   ? -7.73925  0.34085   2.40220   1.000 26.36000  ? 178 SER   A C   1 
ATOM   61   O O   . SER   A 1 7   ? -6.53294  0.58598   2.53072   1.000 23.00000  ? 178 SER   A O   1 
ATOM   62   C CB  . SER   A 1 7   ? -8.45102  -1.88019  1.48166   1.000 28.25000  ? 178 SER   A CB  1 
ATOM   63   O OG  . SER   A 1 7   ? -8.99937  -3.15292  1.77712   1.000 27.36000  ? 178 SER   A OG  1 
ATOM   64   N N   . LEU   A 1 8   ? -8.60901  1.25562   1.96860   1.000 26.24000  ? 179 LEU   A N   1 
ATOM   65   C CA  . LEU   A 1 8   ? -8.16442  2.60684   1.64354   1.000 26.27000  ? 179 LEU   A CA  1 
ATOM   66   C C   . LEU   A 1 8   ? -7.68842  3.34137   2.88946   1.000 28.07000  ? 179 LEU   A C   1 
ATOM   67   O O   . LEU   A 1 8   ? -6.65530  4.01902   2.86219   1.000 21.76000  ? 179 LEU   A O   1 
ATOM   68   C CB  . LEU   A 1 8   ? -9.28847  3.38062   0.95137   1.000 24.40000  ? 179 LEU   A CB  1 
ATOM   69   C CG  . LEU   A 1 8   ? -8.95104  4.81951   0.56020   1.000 36.96000  ? 179 LEU   A CG  1 
ATOM   70   C CD1 . LEU   A 1 8   ? -7.87602  4.83788   -0.51323  1.000 27.27000  ? 179 LEU   A CD1 1 
ATOM   71   C CD2 . LEU   A 1 8   ? -10.19328 5.55252   0.08280   1.000 36.93000  ? 179 LEU   A CD2 1 
ATOM   72   N N   . GLU   A 1 9   ? -8.43384  3.22166   3.99272   1.000 25.08000  ? 180 GLU   A N   1 
ATOM   73   C CA  . GLU   A 1 9   ? -8.00428  3.80478   5.26188   1.000 27.59000  ? 180 GLU   A CA  1 
ATOM   74   C C   . GLU   A 1 9   ? -6.59689  3.36084   5.62648   1.000 22.11000  ? 180 GLU   A C   1 
ATOM   75   O O   . GLU   A 1 9   ? -5.74108  4.18006   5.97942   1.000 31.28000  ? 180 GLU   A O   1 
ATOM   76   C CB  . GLU   A 1 9   ? -8.96903  3.40585   6.38038   1.000 23.23000  ? 180 GLU   A CB  1 
ATOM   77   C CG  . GLU   A 1 9   ? -8.68121  4.08509   7.70964   1.000 34.89000  ? 180 GLU   A CG  1 
ATOM   78   C CD  . GLU   A 1 9   ? -9.89323  4.12909   8.61927   1.000 41.77000  ? 180 GLU   A CD  1 
ATOM   79   O OE1 . GLU   A 1 9   ? -10.38590 3.04596   8.99785   1.000 43.11000  ? 180 GLU   A OE1 1 
ATOM   80   O OE2 . GLU   A 1 9   ? -10.35179 5.24238   8.95341   1.000 45.48000  ? 180 GLU   A OE2 1 
ATOM   81   N N   . ILE   A 1 10  ? -6.34489  2.05561   5.54745   1.000 22.01000  ? 181 ILE   A N   1 
ATOM   82   C CA  . ILE   A 1 10  ? -5.06233  1.51345   5.97839   1.000 18.33000  ? 181 ILE   A CA  1 
ATOM   83   C C   . ILE   A 1 10  ? -3.94884  1.96716   5.04078   1.000 21.44000  ? 181 ILE   A C   1 
ATOM   84   O O   . ILE   A 1 10  ? -2.88932  2.42267   5.48489   1.000 23.33000  ? 181 ILE   A O   1 
ATOM   85   C CB  . ILE   A 1 10  ? -5.14414  -0.01993  6.06533   1.000 17.73000  ? 181 ILE   A CB  1 
ATOM   86   C CG1 . ILE   A 1 10  ? -6.10242  -0.43488  7.18764   1.000 12.92000  ? 181 ILE   A CG1 1 
ATOM   87   C CG2 . ILE   A 1 10  ? -3.76494  -0.61633  6.30536   1.000 15.72000  ? 181 ILE   A CG2 1 
ATOM   88   C CD1 . ILE   A 1 10  ? -6.51652  -1.88215  7.11385   1.000 20.05000  ? 181 ILE   A CD1 1 
ATOM   89   N N   . ILE   A 1 11  ? -4.18274  1.86859   3.73069   1.000 22.17000  ? 182 ILE   A N   1 
ATOM   90   C CA  . ILE   A 1 11  ? -3.12838  2.16750   2.76520   1.000 21.04000  ? 182 ILE   A CA  1 
ATOM   91   C C   . ILE   A 1 11  ? -2.86740  3.66810   2.69605   1.000 26.81000  ? 182 ILE   A C   1 
ATOM   92   O O   . ILE   A 1 11  ? -1.72034  4.10308   2.54211   1.000 22.92000  ? 182 ILE   A O   1 
ATOM   93   C CB  . ILE   A 1 11  ? -3.48958  1.58172   1.38908   1.000 21.97000  ? 182 ILE   A CB  1 
ATOM   94   C CG1 . ILE   A 1 11  ? -3.57191  0.05590   1.47041   1.000 20.67000  ? 182 ILE   A CG1 1 
ATOM   95   C CG2 . ILE   A 1 11  ? -2.45435  1.98001   0.34589   1.000 21.19000  ? 182 ILE   A CG2 1 
ATOM   96   C CD1 . ILE   A 1 11  ? -4.25000  -0.58546  0.28365   1.000 12.95000  ? 182 ILE   A CD1 1 
ATOM   97   N N   . SER   A 1 12  ? -3.91722  4.48540   2.81627   1.000 25.91000  ? 183 SER   A N   1 
ATOM   98   C CA  . SER   A 1 12  ? -3.72530  5.93306   2.79668   1.000 29.94000  ? 183 SER   A CA  1 
ATOM   99   C C   . SER   A 1 12  ? -2.89740  6.39720   3.98700   1.000 32.38000  ? 183 SER   A C   1 
ATOM   100  O O   . SER   A 1 12  ? -2.03799  7.27635   3.85201   1.000 33.58000  ? 183 SER   A O   1 
ATOM   101  C CB  . SER   A 1 12  ? -5.07538  6.65072   2.78146   1.000 32.00000  ? 183 SER   A CB  1 
ATOM   102  O OG  . SER   A 1 12  ? -5.74975  6.45681   1.55080   1.000 43.97000  ? 183 SER   A OG  1 
ATOM   103  N N   . ARG   A 1 13  ? -3.14133  5.81697   5.16264   1.000 28.55000  ? 184 ARG   A N   1 
ATOM   104  C CA  . ARG   A 1 13  ? -2.44638  6.26705   6.36387   1.000 33.12000  ? 184 ARG   A CA  1 
ATOM   105  C C   . ARG   A 1 13  ? -0.99016  5.82277   6.36420   1.000 30.24000  ? 184 ARG   A C   1 
ATOM   106  O O   . ARG   A 1 13  ? -0.10153  6.59687   6.73964   1.000 34.96000  ? 184 ARG   A O   1 
ATOM   107  C CB  . ARG   A 1 13  ? -3.16404  5.75277   7.60784   1.000 32.64000  ? 184 ARG   A CB  1 
ATOM   108  C CG  . ARG   A 1 13  ? -4.33712  6.61934   8.01508   1.000 37.07000  ? 184 ARG   A CG  1 
ATOM   109  C CD  . ARG   A 1 13  ? -5.06386  6.04481   9.21026   1.000 37.31000  ? 184 ARG   A CD  1 
ATOM   110  N NE  . ARG   A 1 13  ? -6.21006  6.86968   9.57035   1.000 44.93000  ? 184 ARG   A NE  1 
ATOM   111  C CZ  . ARG   A 1 13  ? -6.35439  7.47376   10.74034  1.000 46.67000  ? 184 ARG   A CZ  1 
ATOM   112  N NH1 . ARG   A 1 13  ? -5.43943  7.36765   11.69055  1.000 46.36000  ? 184 ARG   A NH1 1 
ATOM   113  N NH2 . ARG   A 1 13  ? -7.44820  8.19592   10.96721  1.000 48.08000  ? 184 ARG   A NH2 1 
ATOM   114  N N   . TYR   A 1 14  ? -0.72464  4.58179   5.95268   1.000 28.42000  ? 185 TYR   A N   1 
ATOM   115  C CA  . TYR   A 1 14  ? 0.65340   4.10552   5.88383   1.000 25.81000  ? 185 TYR   A CA  1 
ATOM   116  C C   . TYR   A 1 14  ? 1.48179   4.96201   4.93341   1.000 28.52000  ? 185 TYR   A C   1 
ATOM   117  O O   . TYR   A 1 14  ? 2.58810   5.39679   5.27262   1.000 28.06000  ? 185 TYR   A O   1 
ATOM   118  C CB  . TYR   A 1 14  ? 0.68630   2.64092   5.44755   1.000 21.17000  ? 185 TYR   A CB  1 
ATOM   119  C CG  . TYR   A 1 14  ? 2.07606   2.04624   5.44410   1.000 23.18000  ? 185 TYR   A CG  1 
ATOM   120  C CD1 . TYR   A 1 14  ? 2.87596   2.09859   6.57830   1.000 26.29000  ? 185 TYR   A CD1 1 
ATOM   121  C CD2 . TYR   A 1 14  ? 2.58930   1.43675   4.30710   1.000 25.50000  ? 185 TYR   A CD2 1 
ATOM   122  C CE1 . TYR   A 1 14  ? 4.15221   1.55678   6.58059   1.000 26.02000  ? 185 TYR   A CE1 1 
ATOM   123  C CE2 . TYR   A 1 14  ? 3.86145   0.89265   4.29939   1.000 22.34000  ? 185 TYR   A CE2 1 
ATOM   124  C CZ  . TYR   A 1 14  ? 4.63791   0.95556   5.43667   1.000 27.51000  ? 185 TYR   A CZ  1 
ATOM   125  O OH  . TYR   A 1 14  ? 5.90418   0.41587   5.42886   1.000 23.72000  ? 185 TYR   A OH  1 
ATOM   126  N N   . LEU   A 1 15  ? 0.95051   5.22431   3.73530   1.000 30.31000  ? 186 LEU   A N   1 
ATOM   127  C CA  . LEU   A 1 15  ? 1.68918   6.00206   2.74552   1.000 27.63000  ? 186 LEU   A CA  1 
ATOM   128  C C   . LEU   A 1 15  ? 1.93217   7.42674   3.22534   1.000 31.76000  ? 186 LEU   A C   1 
ATOM   129  O O   . LEU   A 1 15  ? 3.03204   7.96603   3.05073   1.000 34.85000  ? 186 LEU   A O   1 
ATOM   130  C CB  . LEU   A 1 15  ? 0.93653   6.00396   1.41289   1.000 26.88000  ? 186 LEU   A CB  1 
ATOM   131  C CG  . LEU   A 1 15  ? 1.25605   4.89679   0.40282   1.000 25.02000  ? 186 LEU   A CG  1 
ATOM   132  C CD1 . LEU   A 1 15  ? 1.13457   3.51111   1.02252   1.000 23.91000  ? 186 LEU   A CD1 1 
ATOM   133  C CD2 . LEU   A 1 15  ? 0.34650   5.01745   -0.81211  1.000 25.62000  ? 186 LEU   A CD2 1 
ATOM   134  N N   . ARG   A 1 16  ? 0.91968   8.05381   3.82825   1.000 32.89000  ? 187 ARG   A N   1 
ATOM   135  C CA  . ARG   A 1 16  ? 1.09188   9.40599   4.34872   1.000 35.36000  ? 187 ARG   A CA  1 
ATOM   136  C C   . ARG   A 1 16  ? 2.12936   9.43168   5.46532   1.000 35.42000  ? 187 ARG   A C   1 
ATOM   137  O O   . ARG   A 1 16  ? 3.00278   10.30617  5.49875   1.000 35.32000  ? 187 ARG   A O   1 
ATOM   138  C CB  . ARG   A 1 16  ? -0.24819  9.94778   4.84579   1.000 39.70000  ? 187 ARG   A CB  1 
ATOM   139  C CG  . ARG   A 1 16  ? -0.37751  11.46136  4.79527   1.000 44.40000  ? 187 ARG   A CG  1 
ATOM   140  C CD  . ARG   A 1 16  ? -1.81157  11.90134  5.05872   1.000 51.58000  ? 187 ARG   A CD  1 
ATOM   141  N NE  . ARG   A 1 16  ? -2.38734  11.22879  6.21816   1.000 65.79000  ? 187 ARG   A NE  1 
ATOM   142  C CZ  . ARG   A 1 16  ? -3.33925  10.30682  6.16023   1.000 51.90000  ? 187 ARG   A CZ  1 
ATOM   143  N NH1 . ARG   A 1 16  ? -3.84847  9.90991   5.00543   1.000 47.56000  ? 187 ARG   A NH1 1 
ATOM   144  N NH2 . ARG   A 1 16  ? -3.78800  9.76713   7.28910   1.000 66.03000  ? 187 ARG   A NH2 1 
ATOM   145  N N   . GLU   A 1 17  ? 2.04973   8.46829   6.38574   1.000 36.43000  ? 188 GLU   A N   1 
ATOM   146  C CA  . GLU   A 1 17  ? 2.99944   8.41103   7.49204   1.000 35.11000  ? 188 GLU   A CA  1 
ATOM   147  C C   . GLU   A 1 17  ? 4.40880   8.10721   6.99856   1.000 36.20000  ? 188 GLU   A C   1 
ATOM   148  O O   . GLU   A 1 17  ? 5.38793   8.64670   7.52854   1.000 36.34000  ? 188 GLU   A O   1 
ATOM   149  C CB  . GLU   A 1 17  ? 2.54447   7.36403   8.50796   1.000 37.48000  ? 188 GLU   A CB  1 
ATOM   150  C CG  . GLU   A 1 17  ? 3.45771   7.20136   9.70618   1.000 38.53000  ? 188 GLU   A CG  1 
ATOM   151  C CD  . GLU   A 1 17  ? 2.93827   6.17103   10.68867  1.000 45.28000  ? 188 GLU   A CD  1 
ATOM   152  O OE1 . GLU   A 1 17  ? 1.84217   5.62089   10.44726  1.000 44.53000  ? 188 GLU   A OE1 1 
ATOM   153  O OE2 . GLU   A 1 17  ? 3.62330   5.91019   11.69905  1.000 47.38000  ? 188 GLU   A OE2 1 
ATOM   154  N N   . GLN   A 1 18  ? 4.53408   7.24692   5.98557   1.000 33.08000  ? 189 GLN   A N   1 
ATOM   155  C CA  . GLN   A 1 18  ? 5.85300   6.93178   5.44480   1.000 33.50000  ? 189 GLN   A CA  1 
ATOM   156  C C   . GLN   A 1 18  ? 6.47402   8.13946   4.75424   1.000 33.30000  ? 189 GLN   A C   1 
ATOM   157  O O   . GLN   A 1 18  ? 7.69291   8.33835   4.81640   1.000 33.12000  ? 189 GLN   A O   1 
ATOM   158  C CB  . GLN   A 1 18  ? 5.75555   5.75608   4.47251   1.000 30.37000  ? 189 GLN   A CB  1 
ATOM   159  C CG  . GLN   A 1 18  ? 5.57736   4.40277   5.13301   1.000 28.22000  ? 189 GLN   A CG  1 
ATOM   160  C CD  . GLN   A 1 18  ? 6.84065   3.92221   5.81751   1.000 30.17000  ? 189 GLN   A CD  1 
ATOM   161  O OE1 . GLN   A 1 18  ? 7.86291   3.69523   5.16866   1.000 28.45000  ? 189 GLN   A OE1 1 
ATOM   162  N NE2 . GLN   A 1 18  ? 6.77618   3.75567   7.13335   1.000 28.74000  ? 189 GLN   A NE2 1 
ATOM   163  N N   . ALA   A 1 19  ? 5.65358   8.95662   4.09322   1.000 34.30000  ? 190 ALA   A N   1 
ATOM   164  C CA  . ALA   A 1 19  ? 6.18383   10.08210  3.33271   1.000 34.43000  ? 190 ALA   A CA  1 
ATOM   165  C C   . ALA   A 1 19  ? 6.49710   11.27720  4.22537   1.000 35.85000  ? 190 ALA   A C   1 
ATOM   166  O O   . ALA   A 1 19  ? 7.48461   11.98236  3.99469   1.000 36.85000  ? 190 ALA   A O   1 
ATOM   167  C CB  . ALA   A 1 19  ? 5.19869   10.48212  2.23488   1.000 35.18000  ? 190 ALA   A CB  1 
ATOM   168  N N   . THR   A 1 20  ? 5.67336   11.52237  5.24429   1.000 37.20000  ? 191 THR   A N   1 
ATOM   169  C CA  . THR   A 1 20  ? 5.85214   12.69155  6.09621   1.000 36.31000  ? 191 THR   A CA  1 
ATOM   170  C C   . THR   A 1 20  ? 6.62301   12.38908  7.37197   1.000 37.51000  ? 191 THR   A C   1 
ATOM   171  O O   . THR   A 1 20  ? 7.26165   13.29027  7.92648   1.000 40.02000  ? 191 THR   A O   1 
ATOM   172  C CB  . THR   A 1 20  ? 4.49418   13.28820  6.47256   1.000 36.86000  ? 191 THR   A CB  1 
ATOM   173  O OG1 . THR   A 1 20  ? 3.72361   12.31112  7.18374   1.000 40.48000  ? 191 THR   A OG1 1 
ATOM   174  C CG2 . THR   A 1 20  ? 3.73395   13.71275  5.22651   1.000 39.52000  ? 191 THR   A CG2 1 
ATOM   175  N N   . GLY   A 1 21  ? 6.58068   11.14883  7.85163   1.000 36.80000  ? 192 GLY   A N   1 
ATOM   176  C CA  . GLY   A 1 21  ? 7.14336   10.83146  9.14607   1.000 36.46000  ? 192 GLY   A CA  1 
ATOM   177  C C   . GLY   A 1 21  ? 6.28652   11.24215  10.31975  1.000 41.13000  ? 192 GLY   A C   1 
ATOM   178  O O   . GLY   A 1 21  ? 6.73937   11.13775  11.46512  1.000 43.27000  ? 192 GLY   A O   1 
ATOM   179  N N   . ALA   A 1 22  ? 5.06518   11.70615  10.07433  1.000 38.34000  ? 193 ALA   A N   1 
ATOM   180  C CA  . ALA   A 1 22  ? 4.15391   12.14321  11.12155  1.000 41.19000  ? 193 ALA   A CA  1 
ATOM   181  C C   . ALA   A 1 22  ? 2.95961   11.20173  11.18054  1.000 41.77000  ? 193 ALA   A C   1 
ATOM   182  O O   . ALA   A 1 22  ? 2.34741   10.90106  10.15004  1.000 39.88000  ? 193 ALA   A O   1 
ATOM   183  C CB  . ALA   A 1 22  ? 3.68697   13.57927  10.87772  1.000 39.43000  ? 193 ALA   A CB  1 
ATOM   184  N N   . LYS   A 1 23  ? 2.63539   10.73814  12.38504  1.000 44.37000  ? 194 LYS   A N   1 
ATOM   185  C CA  . LYS   A 1 23  ? 1.49816   9.85048   12.57654  1.000 45.05000  ? 194 LYS   A CA  1 
ATOM   186  C C   . LYS   A 1 23  ? 0.19968   10.64604  12.54649  1.000 49.24000  ? 194 LYS   A C   1 
ATOM   187  O O   . LYS   A 1 23  ? 0.08768   11.69543  13.18931  1.000 53.04000  ? 194 LYS   A O   1 
ATOM   188  C CB  . LYS   A 1 23  ? 1.62180   9.09906   13.90164  1.000 45.96000  ? 194 LYS   A CB  1 
ATOM   189  C CG  . LYS   A 1 23  ? 0.85708   7.78585   13.94353  1.000 48.83000  ? 194 LYS   A CG  1 
ATOM   190  C CD  . LYS   A 1 23  ? 0.29923   7.51584   15.33230  1.000 48.35000  ? 194 LYS   A CD  1 
ATOM   191  C CE  . LYS   A 1 23  ? 0.75331   6.16189   15.85566  1.000 53.71000  ? 194 LYS   A CE  1 
ATOM   192  N NZ  . LYS   A 1 23  ? -0.01158  5.73738   17.06153  1.000 62.79000  ? 194 LYS   A NZ  1 
ATOM   193  N N   . ASP   A 1 24  ? -0.77956  10.14367  11.80039  1.000 49.68000  ? 195 ASP   A N   1 
ATOM   194  C CA  . ASP   A 1 24  ? -2.11073  10.73798  11.76126  1.000 50.99000  ? 195 ASP   A CA  1 
ATOM   195  C C   . ASP   A 1 24  ? -2.91567  10.16400  12.92112  1.000 52.38000  ? 195 ASP   A C   1 
ATOM   196  O O   . ASP   A 1 24  ? -3.31009  8.99387   12.89326  1.000 53.63000  ? 195 ASP   A O   1 
ATOM   197  C CB  . ASP   A 1 24  ? -2.78965  10.46105  10.42307  1.000 50.34000  ? 195 ASP   A CB  1 
ATOM   198  C CG  . ASP   A 1 24  ? -4.05664  11.27355  10.22937  1.000 54.94000  ? 195 ASP   A CG  1 
ATOM   199  O OD1 . ASP   A 1 24  ? -4.54198  11.87990  11.20860  1.000 54.68000  ? 195 ASP   A OD1 1 
ATOM   200  O OD2 . ASP   A 1 24  ? -4.56995  11.30555  9.09211   1.000 56.06000  ? 195 ASP   A OD2 1 
ATOM   201  N N   . THR   A 1 25  ? -3.15797  10.98572  13.93881  1.000 55.78000  ? 196 THR   A N   1 
ATOM   202  C CA  . THR   A 1 25  ? -3.86361  10.55411  15.13645  1.000 58.32000  ? 196 THR   A CA  1 
ATOM   203  C C   . THR   A 1 25  ? -5.34931  10.88857  15.09442  1.000 58.39000  ? 196 THR   A C   1 
ATOM   204  O O   . THR   A 1 25  ? -6.04830  10.68656  16.09342  1.000 58.18000  ? 196 THR   A O   1 
ATOM   205  C CB  . THR   A 1 25  ? -3.21777  11.17338  16.37666  1.000 70.78000  ? 196 THR   A CB  1 
ATOM   206  O OG1 . THR   A 1 25  ? -3.31164  12.60102  16.30620  1.000 68.63000  ? 196 THR   A OG1 1 
ATOM   207  C CG2 . THR   A 1 25  ? -1.75022  10.77418  16.45504  1.000 93.23000  ? 196 THR   A CG2 1 
ATOM   208  N N   . LYS   A 1 26  ? -5.84314  11.40174  13.97037  1.000 55.70000  ? 197 LYS   A N   1 
ATOM   209  C CA  . LYS   A 1 26  ? -7.27103  11.61737  13.81599  1.000 55.69000  ? 197 LYS   A CA  1 
ATOM   210  C C   . LYS   A 1 26  ? -8.00303  10.27402  13.82628  1.000 53.60000  ? 197 LYS   A C   1 
ATOM   211  O O   . LYS   A 1 26  ? -7.44909  9.25615   13.40449  1.000 53.08000  ? 197 LYS   A O   1 
ATOM   212  C CB  . LYS   A 1 26  ? -7.55664  12.38558  12.52671  1.000 53.57000  ? 197 LYS   A CB  1 
ATOM   213  C CG  . LYS   A 1 26  ? -6.98755  13.79949  12.53552  1.000 53.52000  ? 197 LYS   A CG  1 
ATOM   214  C CD  . LYS   A 1 26  ? -7.33217  14.56592  11.26920  1.000 54.67000  ? 197 LYS   A CD  1 
ATOM   215  C CE  . LYS   A 1 26  ? -6.28471  14.35364  10.18951  1.000 58.18000  ? 197 LYS   A CE  1 
ATOM   216  N NZ  . LYS   A 1 26  ? -4.92618  14.74742  10.65700  1.000 64.22000  ? 197 LYS   A NZ  1 
ATOM   217  N N   . PRO   A 1 27  ? -9.24740  10.24573  14.30964  1.000 55.39000  ? 198 PRO   A N   1 
ATOM   218  C CA  . PRO   A 1 27  ? -9.88872  8.96064   14.61897  1.000 55.53000  ? 198 PRO   A CA  1 
ATOM   219  C C   . PRO   A 1 27  ? -10.06465 8.07467   13.39392  1.000 53.74000  ? 198 PRO   A C   1 
ATOM   220  O O   . PRO   A 1 27  ? -10.06967 8.52853   12.24685  1.000 52.70000  ? 198 PRO   A O   1 
ATOM   221  C CB  . PRO   A 1 27  ? -11.24313 9.37006   15.20929  1.000 55.78000  ? 198 PRO   A CB  1 
ATOM   222  C CG  . PRO   A 1 27  ? -11.50024 10.73150  14.67951  1.000 56.07000  ? 198 PRO   A CG  1 
ATOM   223  C CD  . PRO   A 1 27  ? -10.15889 11.38453  14.51988  1.000 53.60000  ? 198 PRO   A CD  1 
ATOM   224  N N   . MET   A 1 28  ? -10.20702 6.78163   13.66582  1.000 54.10000  ? 199 MET   A N   1 
ATOM   225  C CA  . MET   A 1 28  ? -10.35365 5.75094   12.65238  1.000 54.02000  ? 199 MET   A CA  1 
ATOM   226  C C   . MET   A 1 28  ? -11.81313 5.61608   12.22465  1.000 56.75000  ? 199 MET   A C   1 
ATOM   227  O O   . MET   A 1 28  ? -12.72310 6.19689   12.82000  1.000 57.75000  ? 199 MET   A O   1 
ATOM   228  C CB  . MET   A 1 28  ? -9.83720  4.41419   13.18429  1.000 52.16000  ? 199 MET   A CB  1 
ATOM   229  C CG  . MET   A 1 28  ? -8.80463  3.73351   12.30236  1.000 50.32000  ? 199 MET   A CG  1 
ATOM   230  S SD  . MET   A 1 28  ? -7.25216  4.64370   12.19849  1.000 50.06000  ? 199 MET   A SD  1 
ATOM   231  C CE  . MET   A 1 28  ? -6.25127  3.76439   13.39294  1.000 46.37000  ? 199 MET   A CE  1 
ATOM   232  N N   . GLY   A 1 29  ? -12.02857 4.82609   11.17919  1.000 54.90000  ? 200 GLY   A N   1 
ATOM   233  C CA  . GLY   A 1 29  ? -13.36733 4.50551   10.74166  1.000 56.00000  ? 200 GLY   A CA  1 
ATOM   234  C C   . GLY   A 1 29  ? -14.06683 3.56964   11.71490  1.000 59.57000  ? 200 GLY   A C   1 
ATOM   235  O O   . GLY   A 1 29  ? -13.68531 3.40891   12.87485  1.000 60.64000  ? 200 GLY   A O   1 
ATOM   236  N N   . ARG   A 1 30  ? -15.12468 2.93023   11.20580  1.000 61.59000  ? 201 ARG   A N   1 
ATOM   237  C CA  . ARG   A 1 30  ? -15.94165 2.04737   12.03480  1.000 67.45000  ? 201 ARG   A CA  1 
ATOM   238  C C   . ARG   A 1 30  ? -15.12330 0.89848   12.61099  1.000 65.03000  ? 201 ARG   A C   1 
ATOM   239  O O   . ARG   A 1 30  ? -15.32326 0.49863   13.76367  1.000 62.83000  ? 201 ARG   A O   1 
ATOM   240  C CB  . ARG   A 1 30  ? -17.11617 1.50106   11.22016  1.000 86.23000  ? 201 ARG   A CB  1 
ATOM   241  C CG  . ARG   A 1 30  ? -18.18561 2.52747   10.88751  1.000 82.89000  ? 201 ARG   A CG  1 
ATOM   242  C CD  . ARG   A 1 30  ? -19.41927 1.85865   10.29428  1.000 75.72000  ? 201 ARG   A CD  1 
ATOM   243  N NE  . ARG   A 1 30  ? -19.15405 1.27837   8.98369   1.000 72.75000  ? 201 ARG   A NE  1 
ATOM   244  C CZ  . ARG   A 1 30  ? -20.06999 0.69038   8.22419   1.000 81.45000  ? 201 ARG   A CZ  1 
ATOM   245  N NH1 . ARG   A 1 30  ? -21.32944 0.58583   8.61689   1.000 61.61000  ? 201 ARG   A NH1 1 
ATOM   246  N NH2 . ARG   A 1 30  ? -19.71328 0.19351   7.04317   1.000 62.35000  ? 201 ARG   A NH2 1 
ATOM   247  N N   . SER   A 1 31  ? -14.20023 0.35296   11.82072  1.000 61.95000  ? 202 SER   A N   1 
ATOM   248  C CA  . SER   A 1 31  ? -13.34996 -0.74898  12.26832  1.000 59.37000  ? 202 SER   A CA  1 
ATOM   249  C C   . SER   A 1 31  ? -11.97108 -0.20649  12.64797  1.000 55.11000  ? 202 SER   A C   1 
ATOM   250  O O   . SER   A 1 31  ? -10.98526 -0.34049  11.92815  1.000 49.06000  ? 202 SER   A O   1 
ATOM   251  C CB  . SER   A 1 31  ? -13.25505 -1.81586  11.18504  1.000 65.78000  ? 202 SER   A CB  1 
ATOM   252  O OG  . SER   A 1 31  ? -12.81631 -1.24787  9.96180   1.000 54.11000  ? 202 SER   A OG  1 
ATOM   253  N N   . GLY   A 1 32  ? -11.92690 0.42040   13.82391  1.000 54.70000  ? 203 GLY   A N   1 
ATOM   254  C CA  . GLY   A 1 32  ? -10.69302 1.04448   14.27450  1.000 49.80000  ? 203 GLY   A CA  1 
ATOM   255  C C   . GLY   A 1 32  ? -9.66967  0.03372   14.75662  1.000 45.31000  ? 203 GLY   A C   1 
ATOM   256  O O   . GLY   A 1 32  ? -8.47166  0.18108   14.50135  1.000 42.24000  ? 203 GLY   A O   1 
ATOM   257  N N   . ALA   A 1 33  ? -10.12119 -0.99916  15.47393  1.000 44.13000  ? 204 ALA   A N   1 
ATOM   258  C CA  . ALA   A 1 33  ? -9.19853  -1.99720  16.00783  1.000 42.20000  ? 204 ALA   A CA  1 
ATOM   259  C C   . ALA   A 1 33  ? -8.45454  -2.71767  14.89060  1.000 39.89000  ? 204 ALA   A C   1 
ATOM   260  O O   . ALA   A 1 33  ? -7.22343  -2.80883  14.91224  1.000 33.51000  ? 204 ALA   A O   1 
ATOM   261  C CB  . ALA   A 1 33  ? -9.95423  -3.00012  16.87572  1.000 43.47000  ? 204 ALA   A CB  1 
ATOM   262  N N   . THR   A 1 34  ? -9.19100  -3.23983  13.90493  1.000 37.22000  ? 205 THR   A N   1 
ATOM   263  C CA  . THR   A 1 34  ? -8.55756  -3.98240  12.81649  1.000 38.91000  ? 205 THR   A CA  1 
ATOM   264  C C   . THR   A 1 34  ? -7.59841  -3.10162  12.02289  1.000 36.88000  ? 205 THR   A C   1 
ATOM   265  O O   . THR   A 1 34  ? -6.49634  -3.53434  11.66683  1.000 34.63000  ? 205 THR   A O   1 
ATOM   266  C CB  . THR   A 1 34  ? -9.62468  -4.57397  11.89329  1.000 41.71000  ? 205 THR   A CB  1 
ATOM   267  O OG1 . THR   A 1 34  ? -10.30851 -5.63860  12.56752  1.000 45.17000  ? 205 THR   A OG1 1 
ATOM   268  C CG2 . THR   A 1 34  ? -8.99022  -5.11762  10.61564  1.000 36.90000  ? 205 THR   A CG2 1 
ATOM   269  N N   . SER   A 1 35  ? -7.99562  -1.85729  11.74462  1.000 38.14000  ? 206 SER   A N   1 
ATOM   270  C CA  . SER   A 1 35  ? -7.14615  -0.97775  10.94798  1.000 35.94000  ? 206 SER   A CA  1 
ATOM   271  C C   . SER   A 1 35  ? -5.89528  -0.56514  11.71417  1.000 36.00000  ? 206 SER   A C   1 
ATOM   272  O O   . SER   A 1 35  ? -4.82379  -0.40426  11.11942  1.000 27.93000  ? 206 SER   A O   1 
ATOM   273  C CB  . SER   A 1 35  ? -7.93735  0.25153   10.50357  1.000 39.79000  ? 206 SER   A CB  1 
ATOM   274  O OG  . SER   A 1 35  ? -9.03337  -0.12467  9.68269   1.000 39.90000  ? 206 SER   A OG  1 
ATOM   275  N N   . ARG   A 1 36  ? -6.00680  -0.39023  13.03352  1.000 36.18000  ? 207 ARG   A N   1 
ATOM   276  C CA  . ARG   A 1 36  ? -4.83015  -0.03063  13.82082  1.000 32.94000  ? 207 ARG   A CA  1 
ATOM   277  C C   . ARG   A 1 36  ? -3.85215  -1.19392  13.91673  1.000 32.63000  ? 207 ARG   A C   1 
ATOM   278  O O   . ARG   A 1 36  ? -2.63278  -0.98765  13.91682  1.000 30.01000  ? 207 ARG   A O   1 
ATOM   279  C CB  . ARG   A 1 36  ? -5.24341  0.43920   15.21464  1.000 35.84000  ? 207 ARG   A CB  1 
ATOM   280  C CG  . ARG   A 1 36  ? -4.45502  1.63948   15.71245  1.000 38.21000  ? 207 ARG   A CG  1 
ATOM   281  C CD  . ARG   A 1 36  ? -4.95114  2.11518   17.06893  1.000 40.60000  ? 207 ARG   A CD  1 
ATOM   282  N NE  . ARG   A 1 36  ? -6.39172  1.94677   17.21688  1.000 40.98000  ? 207 ARG   A NE  1 
ATOM   283  C CZ  . ARG   A 1 36  ? -7.27847  2.91921   17.04951  1.000 44.08000  ? 207 ARG   A CZ  1 
ATOM   284  N NH1 . ARG   A 1 36  ? -6.90650  4.14464   16.71644  1.000 41.95000  ? 207 ARG   A NH1 1 
ATOM   285  N NH2 . ARG   A 1 36  ? -8.57067  2.65578   17.22478  1.000 44.76000  ? 207 ARG   A NH2 1 
ATOM   286  N N   . LYS   A 1 37  ? -4.36541  -2.42104  14.00862  1.000 30.21000  ? 208 LYS   A N   1 
ATOM   287  C CA  . LYS   A 1 37  ? -3.48294  -3.58189  14.00249  1.000 30.38000  ? 208 LYS   A CA  1 
ATOM   288  C C   . LYS   A 1 37  ? -2.83381  -3.77184  12.63891  1.000 33.30000  ? 208 LYS   A C   1 
ATOM   289  O O   . LYS   A 1 37  ? -1.65654  -4.13792  12.55189  1.000 27.88000  ? 208 LYS   A O   1 
ATOM   290  C CB  . LYS   A 1 37  ? -4.25680  -4.83276  14.41360  1.000 34.33000  ? 208 LYS   A CB  1 
ATOM   291  C CG  . LYS   A 1 37  ? -4.90717  -4.72593  15.77950  1.000 34.12000  ? 208 LYS   A CG  1 
ATOM   292  C CD  . LYS   A 1 37  ? -5.61372  -6.01364  16.15971  1.000 38.94000  ? 208 LYS   A CD  1 
ATOM   293  C CE  . LYS   A 1 37  ? -7.05157  -6.00689  15.66563  1.000 42.45000  ? 208 LYS   A CE  1 
ATOM   294  N NZ  . LYS   A 1 37  ? -7.96299  -6.74364  16.58342  1.000 45.10000  ? 208 LYS   A NZ  1 
ATOM   295  N N   . ALA   A 1 38  ? -3.58229  -3.52003  11.56356  1.000 26.78000  ? 209 ALA   A N   1 
ATOM   296  C CA  . ALA   A 1 38  ? -3.01269  -3.65052  10.22651  1.000 31.54000  ? 209 ALA   A CA  1 
ATOM   297  C C   . ALA   A 1 38  ? -1.93559  -2.60303  9.98084   1.000 24.97000  ? 209 ALA   A C   1 
ATOM   298  O O   . ALA   A 1 38  ? -0.92738  -2.88355  9.32139   1.000 34.26000  ? 209 ALA   A O   1 
ATOM   299  C CB  . ALA   A 1 38  ? -4.11315  -3.54884  9.17333   1.000 26.03000  ? 209 ALA   A CB  1 
ATOM   300  N N   . LEU   A 1 39  ? -2.12771  -1.38887  10.50356  1.000 21.08000  ? 210 LEU   A N   1 
ATOM   301  C CA  . LEU   A 1 39  ? -1.11010  -0.35519  10.33809  1.000 26.25000  ? 210 LEU   A CA  1 
ATOM   302  C C   . LEU   A 1 39  ? 0.14801   -0.69223  11.12615  1.000 29.85000  ? 210 LEU   A C   1 
ATOM   303  O O   . LEU   A 1 39  ? 1.26450   -0.45579  10.65088  1.000 26.64000  ? 210 LEU   A O   1 
ATOM   304  C CB  . LEU   A 1 39  ? -1.65931  1.00628   10.76262  1.000 26.90000  ? 210 LEU   A CB  1 
ATOM   305  C CG  . LEU   A 1 39  ? -2.42276  1.77066   9.67981   1.000 27.59000  ? 210 LEU   A CG  1 
ATOM   306  C CD1 . LEU   A 1 39  ? -3.24489  2.89535   10.28856  1.000 30.77000  ? 210 LEU   A CD1 1 
ATOM   307  C CD2 . LEU   A 1 39  ? -1.46511  2.30601   8.62520   1.000 25.23000  ? 210 LEU   A CD2 1 
ATOM   308  N N   . GLU   A 1 40  ? -0.01092  -1.23836  12.33401  1.000 29.31000  ? 211 GLU   A N   1 
ATOM   309  C CA  . GLU   A 1 40  ? 1.15225   -1.65547  13.11065  1.000 31.91000  ? 211 GLU   A CA  1 
ATOM   310  C C   . GLU   A 1 40  ? 1.90507   -2.77721  12.40908  1.000 35.32000  ? 211 GLU   A C   1 
ATOM   311  O O   . GLU   A 1 40  ? 3.13998   -2.83294  12.45746  1.000 37.39000  ? 211 GLU   A O   1 
ATOM   312  C CB  . GLU   A 1 40  ? 0.72035   -2.09264  14.51024  1.000 39.42000  ? 211 GLU   A CB  1 
ATOM   313  C CG  . GLU   A 1 40  ? 1.75582   -1.83267  15.59175  1.000 46.47000  ? 211 GLU   A CG  1 
ATOM   314  C CD  . GLU   A 1 40  ? 1.92056   -0.35741  15.90324  1.000 58.69000  ? 211 GLU   A CD  1 
ATOM   315  O OE1 . GLU   A 1 40  ? 1.11387   0.17869   16.69314  1.000 71.62000  ? 211 GLU   A OE1 1 
ATOM   316  O OE2 . GLU   A 1 40  ? 2.85728   0.26477   15.35906  1.000 78.80000  ? 211 GLU   A OE2 1 
ATOM   317  N N   . THR   A 1 41  ? 1.17720   -3.67989  11.74842  1.000 32.22000  ? 212 THR   A N   1 
ATOM   318  C CA  . THR   A 1 41  ? 1.82476   -4.75424  11.00559  1.000 30.06000  ? 212 THR   A CA  1 
ATOM   319  C C   . THR   A 1 41  ? 2.61083   -4.20511  9.82225   1.000 32.21000  ? 212 THR   A C   1 
ATOM   320  O O   . THR   A 1 41  ? 3.73287   -4.64935  9.55354   1.000 31.73000  ? 212 THR   A O   1 
ATOM   321  C CB  . THR   A 1 41  ? 0.78318   -5.76585  10.52910  1.000 32.16000  ? 212 THR   A CB  1 
ATOM   322  O OG1 . THR   A 1 41  ? 0.04953   -6.26721  11.65337  1.000 34.39000  ? 212 THR   A OG1 1 
ATOM   323  C CG2 . THR   A 1 41  ? 1.45539   -6.92007  9.80885   1.000 34.10000  ? 212 THR   A CG2 1 
ATOM   324  N N   . LEU   A 1 42  ? 2.04041   -3.23066  9.11204   1.000 25.34000  ? 213 LEU   A N   1 
ATOM   325  C CA  . LEU   A 1 42  ? 2.73515   -2.63113  7.97943   1.000 30.41000  ? 213 LEU   A CA  1 
ATOM   326  C C   . LEU   A 1 42  ? 3.97572   -1.86622  8.41856   1.000 30.31000  ? 213 LEU   A C   1 
ATOM   327  O O   . LEU   A 1 42  ? 4.96172   -1.80954  7.67454   1.000 36.21000  ? 213 LEU   A O   1 
ATOM   328  C CB  . LEU   A 1 42  ? 1.78380   -1.71276  7.21632   1.000 23.70000  ? 213 LEU   A CB  1 
ATOM   329  C CG  . LEU   A 1 42  ? 0.85925   -2.40472  6.21686   1.000 28.84000  ? 213 LEU   A CG  1 
ATOM   330  C CD1 . LEU   A 1 42  ? 0.02364   -1.37770  5.48074   1.000 20.59000  ? 213 LEU   A CD1 1 
ATOM   331  C CD2 . LEU   A 1 42  ? 1.67253   -3.23679  5.23771   1.000 24.04000  ? 213 LEU   A CD2 1 
ATOM   332  N N   . ARG   A 1 43  ? 3.95180   -1.27283  9.61423   1.000 30.55000  ? 214 ARG   A N   1 
ATOM   333  C CA  . ARG   A 1 43  ? 5.13303   -0.57562  10.11152  1.000 32.39000  ? 214 ARG   A CA  1 
ATOM   334  C C   . ARG   A 1 43  ? 6.29084   -1.53704  10.34006  1.000 35.26000  ? 214 ARG   A C   1 
ATOM   335  O O   . ARG   A 1 43  ? 7.45619   -1.13253  10.26749  1.000 36.42000  ? 214 ARG   A O   1 
ATOM   336  C CB  . ARG   A 1 43  ? 4.79815   0.17609   11.39978  1.000 33.99000  ? 214 ARG   A CB  1 
ATOM   337  C CG  . ARG   A 1 43  ? 3.84118   1.33880   11.20150  1.000 31.28000  ? 214 ARG   A CG  1 
ATOM   338  C CD  . ARG   A 1 43  ? 3.65484   2.13314   12.47953  1.000 39.00000  ? 214 ARG   A CD  1 
ATOM   339  N NE  . ARG   A 1 43  ? 2.63494   3.16533   12.33526  1.000 42.48000  ? 214 ARG   A NE  1 
ATOM   340  C CZ  . ARG   A 1 43  ? 1.43767   3.11674   12.90349  1.000 39.97000  ? 214 ARG   A CZ  1 
ATOM   341  N NH1 . ARG   A 1 43  ? 1.07172   2.09245   13.65582  1.000 36.65000  ? 214 ARG   A NH1 1 
ATOM   342  N NH2 . ARG   A 1 43  ? 0.58533   4.11910   12.71030  1.000 39.50000  ? 214 ARG   A NH2 1 
ATOM   343  N N   . ARG   A 1 44  ? 5.99533   -2.80982  10.61118  1.000 34.97000  ? 215 ARG   A N   1 
ATOM   344  C CA  . ARG   A 1 44  ? 7.05089   -3.80588  10.74910  1.000 39.57000  ? 215 ARG   A CA  1 
ATOM   345  C C   . ARG   A 1 44  ? 7.46242   -4.35922  9.38899   1.000 37.96000  ? 215 ARG   A C   1 
ATOM   346  O O   . ARG   A 1 44  ? 8.60377   -4.17869  8.94843   1.000 40.41000  ? 215 ARG   A O   1 
ATOM   347  C CB  . ARG   A 1 44  ? 6.59030   -4.94793  11.66097  1.000 39.23000  ? 215 ARG   A CB  1 
ATOM   348  C CG  . ARG   A 1 44  ? 7.51677   -6.16009  11.62768  1.000 41.04000  ? 215 ARG   A CG  1 
ATOM   349  C CD  . ARG   A 1 44  ? 7.18631   -7.18865  12.70102  1.000 48.41000  ? 215 ARG   A CD  1 
ATOM   350  N NE  . ARG   A 1 44  ? 5.87458   -7.79519  12.49914  1.000 48.88000  ? 215 ARG   A NE  1 
ATOM   351  C CZ  . ARG   A 1 44  ? 4.77244   -7.44509  13.14831  1.000 53.02000  ? 215 ARG   A CZ  1 
ATOM   352  N NH1 . ARG   A 1 44  ? 4.78466   -6.49346  14.06685  1.000 51.68000  ? 215 ARG   A NH1 1 
ATOM   353  N NH2 . ARG   A 1 44  ? 3.62920   -8.06563  12.87010  1.000 47.75000  ? 215 ARG   A NH2 1 
ATOM   354  N N   . VAL   A 1 45  ? 6.53172   -5.02111  8.70233   1.000 36.66000  ? 216 VAL   A N   1 
ATOM   355  C CA  . VAL   A 1 45  ? 6.88399   -5.80522  7.52375   1.000 37.52000  ? 216 VAL   A CA  1 
ATOM   356  C C   . VAL   A 1 45  ? 7.08801   -4.90264  6.31148   1.000 37.10000  ? 216 VAL   A C   1 
ATOM   357  O O   . VAL   A 1 45  ? 7.98249   -5.14075  5.49047   1.000 39.32000  ? 216 VAL   A O   1 
ATOM   358  C CB  . VAL   A 1 45  ? 5.80305   -6.87247  7.26997   1.000 38.09000  ? 216 VAL   A CB  1 
ATOM   359  C CG1 . VAL   A 1 45  ? 5.95459   -7.48423  5.89011   1.000 38.80000  ? 216 VAL   A CG1 1 
ATOM   360  C CG2 . VAL   A 1 45  ? 5.83977   -7.93993  8.35288   1.000 38.67000  ? 216 VAL   A CG2 1 
ATOM   361  N N   . GLY   A 1 46  ? 6.27262   -3.85400  6.18197   1.000 30.89000  ? 217 GLY   A N   1 
ATOM   362  C CA  . GLY   A 1 46  ? 6.38735   -2.97925  5.02509   1.000 33.68000  ? 217 GLY   A CA  1 
ATOM   363  C C   . GLY   A 1 46  ? 7.69481   -2.20953  4.99581   1.000 37.51000  ? 217 GLY   A C   1 
ATOM   364  O O   . GLY   A 1 46  ? 8.29751   -2.03038  3.93393   1.000 31.85000  ? 217 GLY   A O   1 
ATOM   365  N N   . ASP   A 1 47  ? 8.14995   -1.74086  6.16120   1.000 35.37000  ? 218 ASP   A N   1 
ATOM   366  C CA  . ASP   A 1 47  ? 9.42044   -1.02528  6.22192   1.000 37.40000  ? 218 ASP   A CA  1 
ATOM   367  C C   . ASP   A 1 47  ? 10.58391  -1.93980  5.86819   1.000 39.80000  ? 218 ASP   A C   1 
ATOM   368  O O   . ASP   A 1 47  ? 11.56035  -1.50524  5.24610   1.000 38.29000  ? 218 ASP   A O   1 
ATOM   369  C CB  . ASP   A 1 47  ? 9.61889   -0.42017  7.61260   1.000 35.62000  ? 218 ASP   A CB  1 
ATOM   370  C CG  . ASP   A 1 47  ? 8.49524   0.51714   8.00753   1.000 36.19000  ? 218 ASP   A CG  1 
ATOM   371  O OD1 . ASP   A 1 47  ? 7.47745   0.56924   7.28503   1.000 34.30000  ? 218 ASP   A OD1 1 
ATOM   372  O OD2 . ASP   A 1 47  ? 8.62793   1.20386   9.04298   1.000 36.88000  ? 218 ASP   A OD2 1 
ATOM   373  N N   . GLY   A 1 48  ? 10.49935  -3.21469  6.25706   1.000 39.42000  ? 219 GLY   A N   1 
ATOM   374  C CA  . GLY   A 1 48  ? 11.56020  -4.15076  5.93014   1.000 39.02000  ? 219 GLY   A CA  1 
ATOM   375  C C   . GLY   A 1 48  ? 11.65180  -4.45479  4.44830   1.000 38.09000  ? 219 GLY   A C   1 
ATOM   376  O O   . GLY   A 1 48  ? 12.74969  -4.65249  3.91959   1.000 32.58000  ? 219 GLY   A O   1 
ATOM   377  N N   . VAL   A 1 49  ? 10.50895  -4.49470  3.75992   1.000 34.44000  ? 220 VAL   A N   1 
ATOM   378  C CA  . VAL   A 1 49  ? 10.51626  -4.73550  2.31959   1.000 35.27000  ? 220 VAL   A CA  1 
ATOM   379  C C   . VAL   A 1 49  ? 11.21043  -3.59123  1.59491   1.000 33.02000  ? 220 VAL   A C   1 
ATOM   380  O O   . VAL   A 1 49  ? 12.00450  -3.81206  0.67165   1.000 34.45000  ? 220 VAL   A O   1 
ATOM   381  C CB  . VAL   A 1 49  ? 9.07872   -4.94221  1.80773   1.000 32.46000  ? 220 VAL   A CB  1 
ATOM   382  C CG1 . VAL   A 1 49  ? 9.03713   -4.88223  0.29010   1.000 31.94000  ? 220 VAL   A CG1 1 
ATOM   383  C CG2 . VAL   A 1 49  ? 8.52233   -6.26530  2.30618   1.000 34.42000  ? 220 VAL   A CG2 1 
ATOM   384  N N   . GLN   A 1 50  ? 10.92857  -2.35145  2.00530   1.000 29.15000  ? 221 GLN   A N   1 
ATOM   385  C CA  . GLN   A 1 50  ? 11.57460  -1.19982  1.38452   1.000 30.36000  ? 221 GLN   A CA  1 
ATOM   386  C C   . GLN   A 1 50  ? 13.08160  -1.22413  1.60965   1.000 33.86000  ? 221 GLN   A C   1 
ATOM   387  O O   . GLN   A 1 50  ? 13.85751  -0.88098  0.71037   1.000 36.50000  ? 221 GLN   A O   1 
ATOM   388  C CB  . GLN   A 1 50  ? 10.98373  0.09862   1.93261   1.000 27.21000  ? 221 GLN   A CB  1 
ATOM   389  C CG  . GLN   A 1 50  ? 9.63512   0.48023   1.34785   1.000 22.17000  ? 221 GLN   A CG  1 
ATOM   390  C CD  . GLN   A 1 50  ? 8.97367   1.59502   2.12831   1.000 24.28000  ? 221 GLN   A CD  1 
ATOM   391  O OE1 . GLN   A 1 50  ? 9.21674   2.77196   1.87127   1.000 25.81000  ? 221 GLN   A OE1 1 
ATOM   392  N NE2 . GLN   A 1 50  ? 8.13152   1.22951   3.08891   1.000 28.94000  ? 221 GLN   A NE2 1 
ATOM   393  N N   . ARG   A 1 51  ? 13.51261  -1.62766  2.80651   1.000 34.63000  ? 222 ARG   A N   1 
ATOM   394  C CA  . ARG   A 1 51  ? 14.94053  -1.66261  3.10442   1.000 37.20000  ? 222 ARG   A CA  1 
ATOM   395  C C   . ARG   A 1 51  ? 15.65730  -2.70214  2.25481   1.000 38.70000  ? 222 ARG   A C   1 
ATOM   396  O O   . ARG   A 1 51  ? 16.74889  -2.44687  1.73333   1.000 37.64000  ? 222 ARG   A O   1 
ATOM   397  C CB  . ARG   A 1 51  ? 15.15439  -1.95333  4.58877   1.000 43.06000  ? 222 ARG   A CB  1 
ATOM   398  C CG  . ARG   A 1 51  ? 14.72750  -0.82820  5.51598   1.000 46.86000  ? 222 ARG   A CG  1 
ATOM   399  C CD  . ARG   A 1 51  ? 15.24930  -1.05569  6.92187   1.000 51.88000  ? 222 ARG   A CD  1 
ATOM   400  N NE  . ARG   A 1 51  ? 14.32098  -1.85305  7.71557   1.000 54.02000  ? 222 ARG   A NE  1 
ATOM   401  C CZ  . ARG   A 1 51  ? 13.33559  -1.35167  8.44834   1.000 52.14000  ? 222 ARG   A CZ  1 
ATOM   402  N NH1 . ARG   A 1 51  ? 13.12001  -0.04797  8.51812   1.000 51.10000  ? 222 ARG   A NH1 1 
ATOM   403  N NH2 . ARG   A 1 51  ? 12.54509  -2.17971  9.12547   1.000 50.77000  ? 222 ARG   A NH2 1 
ATOM   404  N N   . ASN   A 1 52  ? 15.05539  -3.88208  2.10101   1.000 35.79000  ? 223 ASN   A N   1 
ATOM   405  C CA  . ASN   A 1 52  ? 15.71155  -4.95963  1.37158   1.000 36.12000  ? 223 ASN   A CA  1 
ATOM   406  C C   . ASN   A 1 52  ? 15.73219  -4.68939  -0.12782  1.000 39.16000  ? 223 ASN   A C   1 
ATOM   407  O O   . ASN   A 1 52  ? 16.72756  -4.97580  -0.80148  1.000 41.84000  ? 223 ASN   A O   1 
ATOM   408  C CB  . ASN   A 1 52  ? 15.01214  -6.28572  1.66216   1.000 38.79000  ? 223 ASN   A CB  1 
ATOM   409  C CG  . ASN   A 1 52  ? 15.36412  -6.84209  3.02540   1.000 43.56000  ? 223 ASN   A CG  1 
ATOM   410  O OD1 . ASN   A 1 52  ? 16.53015  -6.85171  3.42197   1.000 44.23000  ? 223 ASN   A OD1 1 
ATOM   411  N ND2 . ASN   A 1 52  ? 14.35621  -7.30625  3.75382   1.000 41.44000  ? 223 ASN   A ND2 1 
ATOM   412  N N   . HIS   A 1 53  ? 14.65147  -4.12281  -0.66432  1.000 38.89000  ? 224 HIS   A N   1 
ATOM   413  C CA  . HIS   A 1 53  ? 14.45365  -4.02109  -2.10540  1.000 38.25000  ? 224 HIS   A CA  1 
ATOM   414  C C   . HIS   A 1 53  ? 14.58095  -2.58367  -2.60034  1.000 36.68000  ? 224 HIS   A C   1 
ATOM   415  O O   . HIS   A 1 53  ? 13.98434  -2.21711  -3.61630  1.000 33.69000  ? 224 HIS   A O   1 
ATOM   416  C CB  . HIS   A 1 53  ? 13.08872  -4.59442  -2.47359  1.000 36.62000  ? 224 HIS   A CB  1 
ATOM   417  C CG  . HIS   A 1 53  ? 12.95450  -6.05286  -2.16578  1.000 41.16000  ? 224 HIS   A CG  1 
ATOM   418  N ND1 . HIS   A 1 53  ? 13.52823  -7.03621  -2.93863  1.000 40.32000  ? 224 HIS   A ND1 1 
ATOM   419  C CD2 . HIS   A 1 53  ? 12.33965  -6.68775  -1.13845  1.000 41.72000  ? 224 HIS   A CD2 1 
ATOM   420  C CE1 . HIS   A 1 53  ? 13.25395  -8.21943  -2.41431  1.000 45.05000  ? 224 HIS   A CE1 1 
ATOM   421  N NE2 . HIS   A 1 53  ? 12.53908  -8.03469  -1.32091  1.000 40.76000  ? 224 HIS   A NE2 1 
ATOM   422  N N   . GLU   A 1 54  ? 15.36067  -1.76477  -1.88893  1.000 36.31000  ? 225 GLU   A N   1 
ATOM   423  C CA  . GLU   A 1 54  ? 15.45944  -0.34703  -2.22382  1.000 37.34000  ? 225 GLU   A CA  1 
ATOM   424  C C   . GLU   A 1 54  ? 15.99391  -0.14874  -3.63632  1.000 37.62000  ? 225 GLU   A C   1 
ATOM   425  O O   . GLU   A 1 54  ? 15.50933  0.71763   -4.37451  1.000 36.40000  ? 225 GLU   A O   1 
ATOM   426  C CB  . GLU   A 1 54  ? 16.34337  0.36220   -1.19510  1.000 40.87000  ? 225 GLU   A CB  1 
ATOM   427  C CG  . GLU   A 1 54  ? 16.02636  1.83860   -0.97545  1.000 43.34000  ? 225 GLU   A CG  1 
ATOM   428  C CD  . GLU   A 1 54  ? 16.83977  2.76627   -1.86113  1.000 55.26000  ? 225 GLU   A CD  1 
ATOM   429  O OE1 . GLU   A 1 54  ? 17.34188  2.31736   -2.91324  1.000 57.02000  ? 225 GLU   A OE1 1 
ATOM   430  O OE2 . GLU   A 1 54  ? 16.98807  3.95080   -1.49590  1.000 56.34000  ? 225 GLU   A OE2 1 
ATOM   431  N N   . THR   A 1 55  ? 16.98719  -0.94664  -4.03360  1.000 36.73000  ? 226 THR   A N   1 
ATOM   432  C CA  . THR   A 1 55  ? 17.54610  -0.82564  -5.37742  1.000 33.92000  ? 226 THR   A CA  1 
ATOM   433  C C   . THR   A 1 55  ? 16.50616  -1.16831  -6.43759  1.000 34.67000  ? 226 THR   A C   1 
ATOM   434  O O   . THR   A 1 55  ? 16.33083  -0.42820  -7.41369  1.000 33.52000  ? 226 THR   A O   1 
ATOM   435  C CB  . THR   A 1 55  ? 18.77443  -1.72603  -5.51586  1.000 35.36000  ? 226 THR   A CB  1 
ATOM   436  O OG1 . THR   A 1 55  ? 19.77313  -1.31938  -4.57134  1.000 31.56000  ? 226 THR   A OG1 1 
ATOM   437  C CG2 . THR   A 1 55  ? 19.34595  -1.63737  -6.92512  1.000 33.39000  ? 226 THR   A CG2 1 
ATOM   438  N N   . ALA   A 1 56  ? 15.79928  -2.28806  -6.25965  1.000 32.39000  ? 227 ALA   A N   1 
ATOM   439  C CA  . ALA   A 1 56  ? 14.79077  -2.68584  -7.23708  1.000 34.43000  ? 227 ALA   A CA  1 
ATOM   440  C C   . ALA   A 1 56  ? 13.62310  -1.70806  -7.25646  1.000 32.84000  ? 227 ALA   A C   1 
ATOM   441  O O   . ALA   A 1 56  ? 13.06100  -1.42668  -8.32243  1.000 33.29000  ? 227 ALA   A O   1 
ATOM   442  C CB  . ALA   A 1 56  ? 14.30406  -4.10361  -6.94426  1.000 34.68000  ? 227 ALA   A CB  1 
ATOM   443  N N   . PHE   A 1 57  ? 13.24020  -1.18290  -6.08919  1.000 34.12000  ? 228 PHE   A N   1 
ATOM   444  C CA  . PHE   A 1 57  ? 12.20085  -0.15854  -6.04674  1.000 31.99000  ? 228 PHE   A CA  1 
ATOM   445  C C   . PHE   A 1 57  ? 12.63020  1.08591   -6.81248  1.000 32.89000  ? 228 PHE   A C   1 
ATOM   446  O O   . PHE   A 1 57  ? 11.83214  1.68126   -7.54649  1.000 31.44000  ? 228 PHE   A O   1 
ATOM   447  C CB  . PHE   A 1 57  ? 11.86535  0.20089   -4.59827  1.000 27.46000  ? 228 PHE   A CB  1 
ATOM   448  C CG  . PHE   A 1 57  ? 10.94145  -0.77591  -3.92531  1.000 29.32000  ? 228 PHE   A CG  1 
ATOM   449  C CD1 . PHE   A 1 57  ? 10.62762  -1.98281  -4.52737  1.000 31.34000  ? 228 PHE   A CD1 1 
ATOM   450  C CD2 . PHE   A 1 57  ? 10.38003  -0.48182  -2.69354  1.000 25.51000  ? 228 PHE   A CD2 1 
ATOM   451  C CE1 . PHE   A 1 57  ? 9.77840   -2.88162  -3.91190  1.000 32.73000  ? 228 PHE   A CE1 1 
ATOM   452  C CE2 . PHE   A 1 57  ? 9.52899   -1.37656  -2.07206  1.000 26.24000  ? 228 PHE   A CE2 1 
ATOM   453  C CZ  . PHE   A 1 57  ? 9.22776   -2.57799  -2.68433  1.000 24.99000  ? 228 PHE   A CZ  1 
ATOM   454  N N   . GLN   A 1 58  ? 13.89391  1.48948   -6.65440  1.000 34.62000  ? 229 GLN   A N   1 
ATOM   455  C CA  . GLN   A 1 58  ? 14.41115  2.64509   -7.38268  1.000 36.71000  ? 229 GLN   A CA  1 
ATOM   456  C C   . GLN   A 1 58  ? 14.36468  2.41635   -8.88736  1.000 36.96000  ? 229 GLN   A C   1 
ATOM   457  O O   . GLN   A 1 58  ? 13.99560  3.31838   -9.64936  1.000 38.98000  ? 229 GLN   A O   1 
ATOM   458  C CB  . GLN   A 1 58  ? 15.84023  2.94429   -6.93032  1.000 35.77000  ? 229 GLN   A CB  1 
ATOM   459  C CG  . GLN   A 1 58  ? 15.97201  4.15165   -6.02231  1.000 41.51000  ? 229 GLN   A CG  1 
ATOM   460  C CD  . GLN   A 1 58  ? 16.18679  5.43522   -6.79522  1.000 47.71000  ? 229 GLN   A CD  1 
ATOM   461  O OE1 . GLN   A 1 58  ? 17.21809  5.61750   -7.44322  1.000 50.28000  ? 229 GLN   A OE1 1 
ATOM   462  N NE2 . GLN   A 1 58  ? 15.21548  6.33709   -6.72847  1.000 50.37000  ? 229 GLN   A NE2 1 
ATOM   463  N N   . GLY   A 1 59  ? 14.73800  1.21683   -9.33427  1.000 36.32000  ? 230 GLY   A N   1 
ATOM   464  C CA  . GLY   A 1 59  ? 14.72147  0.93634   -10.76027 1.000 36.02000  ? 230 GLY   A CA  1 
ATOM   465  C C   . GLY   A 1 59  ? 13.31911  0.91640   -11.33535 1.000 37.87000  ? 230 GLY   A C   1 
ATOM   466  O O   . GLY   A 1 59  ? 13.09106  1.38528   -12.45320 1.000 38.38000  ? 230 GLY   A O   1 
ATOM   467  N N   . MET   A 1 60  ? 12.35943  0.37692   -10.58063 1.000 34.86000  ? 231 MET   A N   1 
ATOM   468  C CA  . MET   A 1 60  ? 10.98442  0.32742   -11.06755 1.000 35.35000  ? 231 MET   A CA  1 
ATOM   469  C C   . MET   A 1 60  ? 10.36321  1.71890   -11.10227 1.000 36.07000  ? 231 MET   A C   1 
ATOM   470  O O   . MET   A 1 60  ? 9.65828   2.06615   -12.05739 1.000 38.74000  ? 231 MET   A O   1 
ATOM   471  C CB  . MET   A 1 60  ? 10.15318  -0.61766  -10.20008 1.000 34.13000  ? 231 MET   A CB  1 
ATOM   472  C CG  . MET   A 1 60  ? 8.67031   -0.62166  -10.53050 1.000 34.10000  ? 231 MET   A CG  1 
ATOM   473  S SD  . MET   A 1 60  ? 8.35139   -1.05147  -12.25256 1.000 42.39000  ? 231 MET   A SD  1 
ATOM   474  C CE  . MET   A 1 60  ? 8.47466   -2.83618  -12.19502 1.000 45.54000  ? 231 MET   A CE  1 
ATOM   475  N N   . LEU   A 1 61  ? 10.61441  2.52866   -10.06936 1.000 35.74000  ? 232 LEU   A N   1 
ATOM   476  C CA  . LEU   A 1 61  ? 10.12993  3.90603   -10.06851 1.000 36.09000  ? 232 LEU   A CA  1 
ATOM   477  C C   . LEU   A 1 61  ? 10.73951  4.69636   -11.21994 1.000 37.85000  ? 232 LEU   A C   1 
ATOM   478  O O   . LEU   A 1 61  ? 10.05069  5.47309   -11.89266 1.000 39.94000  ? 232 LEU   A O   1 
ATOM   479  C CB  . LEU   A 1 61  ? 10.44788  4.57238   -8.72973  1.000 36.13000  ? 232 LEU   A CB  1 
ATOM   480  C CG  . LEU   A 1 61  ? 10.25937  6.08873   -8.64799  1.000 37.07000  ? 232 LEU   A CG  1 
ATOM   481  C CD1 . LEU   A 1 61  ? 8.79857   6.47054   -8.83863  1.000 37.35000  ? 232 LEU   A CD1 1 
ATOM   482  C CD2 . LEU   A 1 61  ? 10.78943  6.62562   -7.32647  1.000 35.08000  ? 232 LEU   A CD2 1 
ATOM   483  N N   . ARG   A 1 62  ? 12.03960  4.50631   -11.45817 1.000 40.34000  ? 233 ARG   A N   1 
ATOM   484  C CA  . ARG   A 1 62  ? 12.69054  5.13403   -12.60281 1.000 44.77000  ? 233 ARG   A CA  1 
ATOM   485  C C   . ARG   A 1 62  ? 12.03062  4.70747   -13.90784 1.000 43.70000  ? 233 ARG   A C   1 
ATOM   486  O O   . ARG   A 1 62  ? 11.85057  5.52359   -14.81972 1.000 46.82000  ? 233 ARG   A O   1 
ATOM   487  C CB  . ARG   A 1 62  ? 14.17805  4.77726   -12.60900 1.000 48.70000  ? 233 ARG   A CB  1 
ATOM   488  C CG  . ARG   A 1 62  ? 15.05913  5.70815   -13.42352 1.000 53.85000  ? 233 ARG   A CG  1 
ATOM   489  C CD  . ARG   A 1 62  ? 16.52167  5.57370   -13.01551 1.000 60.51000  ? 233 ARG   A CD  1 
ATOM   490  N NE  . ARG   A 1 62  ? 16.93750  4.17807   -12.91331 1.000 49.84000  ? 233 ARG   A NE  1 
ATOM   491  C CZ  . ARG   A 1 62  ? 17.38882  3.60776   -11.80470 1.000 49.22000  ? 233 ARG   A CZ  1 
ATOM   492  N NH1 . ARG   A 1 62  ? 17.49670  4.28445   -10.67281 1.000 47.37000  ? 233 ARG   A NH1 1 
ATOM   493  N NH2 . ARG   A 1 62  ? 17.73948  2.32401   -11.83152 1.000 46.57000  ? 233 ARG   A NH2 1 
ATOM   494  N N   . LYS   A 1 63  ? 11.65020  3.43312   -14.00798 1.000 40.08000  ? 234 LYS   A N   1 
ATOM   495  C CA  . LYS   A 1 63  ? 11.04321  2.92987   -15.23413 1.000 43.52000  ? 234 LYS   A CA  1 
ATOM   496  C C   . LYS   A 1 63  ? 9.61514   3.43237   -15.40508 1.000 42.32000  ? 234 LYS   A C   1 
ATOM   497  O O   . LYS   A 1 63  ? 9.15551   3.61313   -16.53865 1.000 42.28000  ? 234 LYS   A O   1 
ATOM   498  C CB  . LYS   A 1 63  ? 11.07501  1.40180   -15.23488 1.000 44.29000  ? 234 LYS   A CB  1 
ATOM   499  C CG  . LYS   A 1 63  ? 10.86699  0.76456   -16.59739 1.000 45.53000  ? 234 LYS   A CG  1 
ATOM   500  C CD  . LYS   A 1 63  ? 12.20038  0.46926   -17.26532 1.000 51.71000  ? 234 LYS   A CD  1 
ATOM   501  C CE  . LYS   A 1 63  ? 12.89517  -0.71102  -16.60410 1.000 50.74000  ? 234 LYS   A CE  1 
ATOM   502  N NZ  . LYS   A 1 63  ? 12.01091  -1.90580  -16.52581 1.000 50.42000  ? 234 LYS   A NZ  1 
ATOM   503  N N   . LEU   A 1 64  ? 8.90286   3.66850   -14.30111 1.000 42.03000  ? 235 LEU   A N   1 
ATOM   504  C CA  . LEU   A 1 64  ? 7.51544   4.11230   -14.38877 1.000 42.04000  ? 235 LEU   A CA  1 
ATOM   505  C C   . LEU   A 1 64  ? 7.39690   5.60383   -14.66264 1.000 44.20000  ? 235 LEU   A C   1 
ATOM   506  O O   . LEU   A 1 64  ? 6.42074   6.03461   -15.28853 1.000 44.47000  ? 235 LEU   A O   1 
ATOM   507  C CB  . LEU   A 1 64  ? 6.76582   3.77709   -13.10000 1.000 42.77000  ? 235 LEU   A CB  1 
ATOM   508  C CG  . LEU   A 1 64  ? 6.53323   2.30352   -12.78208 1.000 41.25000  ? 235 LEU   A CG  1 
ATOM   509  C CD1 . LEU   A 1 64  ? 5.41564   2.18760   -11.76960 1.000 38.99000  ? 235 LEU   A CD1 1 
ATOM   510  C CD2 . LEU   A 1 64  ? 6.20897   1.52544   -14.04082 1.000 41.78000  ? 235 LEU   A CD2 1 
ATOM   511  N N   . ASP   A 1 65  ? 8.35944   6.39889   -14.19255 1.000 45.94000  ? 236 ASP   A N   1 
ATOM   512  C CA  . ASP   A 1 65  ? 8.36651   7.84862   -14.38585 1.000 49.10000  ? 236 ASP   A CA  1 
ATOM   513  C C   . ASP   A 1 65  ? 7.12386   8.48594   -13.75432 1.000 49.48000  ? 236 ASP   A C   1 
ATOM   514  O O   . ASP   A 1 65  ? 6.30816   9.13760   -14.41201 1.000 50.89000  ? 236 ASP   A O   1 
ATOM   515  C CB  . ASP   A 1 65  ? 8.49314   8.19390   -15.87540 1.000 48.62000  ? 236 ASP   A CB  1 
ATOM   516  C CG  . ASP   A 1 65  ? 8.65535   9.67937   -16.11986 1.000 53.60000  ? 236 ASP   A CG  1 
ATOM   517  O OD1 . ASP   A 1 65  ? 9.57180   10.28293  -15.52311 1.000 54.16000  ? 236 ASP   A OD1 1 
ATOM   518  O OD2 . ASP   A 1 65  ? 7.87244   10.24179  -16.91483 1.000 53.19000  ? 236 ASP   A OD2 1 
ATOM   519  N N   . ILE   A 1 66  ? 6.99183   8.27300   -12.44812 1.000 49.12000  ? 237 ILE   A N   1 
ATOM   520  C CA  . ILE   A 1 66  ? 5.88441   8.82773   -11.67823 1.000 49.82000  ? 237 ILE   A CA  1 
ATOM   521  C C   . ILE   A 1 66  ? 6.24607   10.24333  -11.24788 1.000 52.27000  ? 237 ILE   A C   1 
ATOM   522  O O   . ILE   A 1 66  ? 7.29903   10.46814  -10.63962 1.000 62.58000  ? 237 ILE   A O   1 
ATOM   523  C CB  . ILE   A 1 66  ? 5.57436   7.94263   -10.45928 1.000 47.77000  ? 237 ILE   A CB  1 
ATOM   524  C CG1 . ILE   A 1 66  ? 5.21735   6.52468   -10.90659 1.000 44.43000  ? 237 ILE   A CG1 1 
ATOM   525  C CG2 . ILE   A 1 66  ? 4.45209   8.54353   -9.62399  1.000 48.95000  ? 237 ILE   A CG2 1 
ATOM   526  C CD1 . ILE   A 1 66  ? 3.92887   6.43578   -11.67537 1.000 48.48000  ? 237 ILE   A CD1 1 
ATOM   527  N N   . LYS   A 1 67  ? 5.37807   11.20454  -11.56134 1.000 55.53000  ? 238 LYS   A N   1 
ATOM   528  C CA  . LYS   A 1 67  ? 5.69265   12.59303  -11.24431 1.000 55.92000  ? 238 LYS   A CA  1 
ATOM   529  C C   . LYS   A 1 67  ? 4.45554   13.46835  -11.08325 1.000 54.66000  ? 238 LYS   A C   1 
ATOM   530  O O   . LYS   A 1 67  ? 4.56592   14.61606  -10.63969 1.000 57.76000  ? 238 LYS   A O   1 
ATOM   531  C CB  . LYS   A 1 67  ? 6.60262   13.18585  -12.32296 1.000 55.63000  ? 238 LYS   A CB  1 
ATOM   532  C CG  . LYS   A 1 67  ? 5.95170   13.30377  -13.69006 1.000 53.84000  ? 238 LYS   A CG  1 
ATOM   533  C CD  . LYS   A 1 67  ? 6.99131   13.28042  -14.79786 1.000 54.46000  ? 238 LYS   A CD  1 
ATOM   534  C CE  . LYS   A 1 67  ? 6.35983   12.96815  -16.14237 1.000 54.76000  ? 238 LYS   A CE  1 
ATOM   535  N NZ  . LYS   A 1 67  ? 5.78879   11.59391  -16.17896 1.000 53.87000  ? 238 LYS   A NZ  1 
ATOM   536  N N   . ASN   A 1 68  ? 3.27769   12.95526  -11.43267 1.000 54.89000  ? 239 ASN   A N   1 
ATOM   537  C CA  . ASN   A 1 68  ? 2.07003   13.76735  -11.38758 1.000 53.72000  ? 239 ASN   A CA  1 
ATOM   538  C C   . ASN   A 1 68  ? 0.86861   12.87856  -11.08197 1.000 54.12000  ? 239 ASN   A C   1 
ATOM   539  O O   . ASN   A 1 68  ? 0.99898   11.66810  -10.88565 1.000 54.25000  ? 239 ASN   A O   1 
ATOM   540  C CB  . ASN   A 1 68  ? 1.89375   14.55012  -12.69592 1.000 54.10000  ? 239 ASN   A CB  1 
ATOM   541  C CG  . ASN   A 1 68  ? 1.79754   13.65026  -13.92140 1.000 55.40000  ? 239 ASN   A CG  1 
ATOM   542  O OD1 . ASN   A 1 68  ? 1.06338   12.66233  -13.93275 1.000 55.78000  ? 239 ASN   A OD1 1 
ATOM   543  N ND2 . ASN   A 1 68  ? 2.54755   13.99509  -14.96207 1.000 53.01000  ? 239 ASN   A ND2 1 
ATOM   544  N N   . GLU   A 1 69  ? -0.31314  13.50161  -11.04482 1.000 51.42000  ? 240 GLU   A N   1 
ATOM   545  C CA  . GLU   A 1 69  ? -1.53611  12.77103  -10.72439 1.000 52.98000  ? 240 GLU   A CA  1 
ATOM   546  C C   . GLU   A 1 69  ? -1.88045  11.74292  -11.79402 1.000 55.00000  ? 240 GLU   A C   1 
ATOM   547  O O   . GLU   A 1 69  ? -2.41644  10.67647  -11.47242 1.000 56.54000  ? 240 GLU   A O   1 
ATOM   548  C CB  . GLU   A 1 69  ? -2.69977  13.74600  -10.53538 1.000 55.16000  ? 240 GLU   A CB  1 
ATOM   549  C CG  . GLU   A 1 69  ? -2.54377  14.68289  -9.34583  1.000 56.61000  ? 240 GLU   A CG  1 
ATOM   550  C CD  . GLU   A 1 69  ? -3.76399  15.55683  -9.12017  1.000 58.08000  ? 240 GLU   A CD  1 
ATOM   551  O OE1 . GLU   A 1 69  ? -4.89566  15.04676  -9.25541  1.000 60.56000  ? 240 GLU   A OE1 1 
ATOM   552  O OE2 . GLU   A 1 69  ? -3.59021  16.75298  -8.80102  1.000 57.58000  ? 240 GLU   A OE2 1 
ATOM   553  N N   . ASP   A 1 70  ? -1.58804  12.03834  -13.06232 1.000 55.06000  ? 241 ASP   A N   1 
ATOM   554  C CA  . ASP   A 1 70  ? -1.88435  11.08559  -14.12885 1.000 55.20000  ? 241 ASP   A CA  1 
ATOM   555  C C   . ASP   A 1 70  ? -1.01067  9.84271   -14.01093 1.000 56.14000  ? 241 ASP   A C   1 
ATOM   556  O O   . ASP   A 1 70  ? -1.50687  8.71266   -14.09702 1.000 58.34000  ? 241 ASP   A O   1 
ATOM   557  C CB  . ASP   A 1 70  ? -1.70280  11.75029  -15.49297 1.000 57.19000  ? 241 ASP   A CB  1 
ATOM   558  C CG  . ASP   A 1 70  ? -2.60589  12.95417  -15.67722 1.000 57.96000  ? 241 ASP   A CG  1 
ATOM   559  O OD1 . ASP   A 1 70  ? -3.84316  12.77899  -15.64620 1.000 58.45000  ? 241 ASP   A OD1 1 
ATOM   560  O OD2 . ASP   A 1 70  ? -2.08096  14.07378  -15.84917 1.000 55.34000  ? 241 ASP   A OD2 1 
ATOM   561  N N   . ASP   A 1 71  ? 0.29762   10.03161  -13.81818 1.000 53.42000  ? 242 ASP   A N   1 
ATOM   562  C CA  . ASP   A 1 71  ? 1.17734   8.89791   -13.54944 1.000 53.75000  ? 242 ASP   A CA  1 
ATOM   563  C C   . ASP   A 1 71  ? 0.75459   8.17481   -12.27825 1.000 55.64000  ? 242 ASP   A C   1 
ATOM   564  O O   . ASP   A 1 71  ? 0.82746   6.94352   -12.19632 1.000 57.93000  ? 242 ASP   A O   1 
ATOM   565  C CB  . ASP   A 1 71  ? 2.62527   9.37292   -13.43028 1.000 51.97000  ? 242 ASP   A CB  1 
ATOM   566  C CG  . ASP   A 1 71  ? 3.18098   9.89265   -14.73853 1.000 52.67000  ? 242 ASP   A CG  1 
ATOM   567  O OD1 . ASP   A 1 71  ? 3.14780   9.15020   -15.74145 1.000 53.28000  ? 242 ASP   A OD1 1 
ATOM   568  O OD2 . ASP   A 1 71  ? 3.65407   11.04840  -14.76066 1.000 52.90000  ? 242 ASP   A OD2 1 
ATOM   569  N N   . VAL   A 1 72  ? 0.30283   8.93368   -11.27767 1.000 53.74000  ? 243 VAL   A N   1 
ATOM   570  C CA  . VAL   A 1 72  ? -0.14757  8.34657   -10.02138 1.000 54.12000  ? 243 VAL   A CA  1 
ATOM   571  C C   . VAL   A 1 72  ? -1.40338  7.50708   -10.23034 1.000 55.96000  ? 243 VAL   A C   1 
ATOM   572  O O   . VAL   A 1 72  ? -1.57661  6.45996   -9.59792  1.000 55.09000  ? 243 VAL   A O   1 
ATOM   573  C CB  . VAL   A 1 72  ? -0.35710  9.45861   -8.97703  1.000 49.16000  ? 243 VAL   A CB  1 
ATOM   574  C CG1 . VAL   A 1 72  ? -1.39036  9.05939   -7.96023  1.000 46.93000  ? 243 VAL   A CG1 1 
ATOM   575  C CG2 . VAL   A 1 72  ? 0.95899   9.76647   -8.27925  1.000 46.58000  ? 243 VAL   A CG2 1 
ATOM   576  N N   . LYS   A 1 73  ? -2.29264  7.93548   -11.12011 1.000 58.44000  ? 244 LYS   A N   1 
ATOM   577  C CA  . LYS   A 1 73  ? -3.50702  7.16624   -11.40169 1.000 61.45000  ? 244 LYS   A CA  1 
ATOM   578  C C   . LYS   A 1 73  ? -3.27218  6.12268   -12.48906 1.000 63.76000  ? 244 LYS   A C   1 
ATOM   579  O O   . LYS   A 1 73  ? -4.03770  6.01356   -13.44736 1.000 68.00000  ? 244 LYS   A O   1 
ATOM   580  C CB  . LYS   A 1 73  ? -4.64907  8.10263   -11.77753 1.000 73.84000  ? 244 LYS   A CB  1 
ATOM   581  C CG  . LYS   A 1 73  ? -5.05341  9.06055   -10.67212 1.000 62.92000  ? 244 LYS   A CG  1 
ATOM   582  C CD  . LYS   A 1 73  ? -5.88859  8.35805   -9.61206  1.000 59.31000  ? 244 LYS   A CD  1 
ATOM   583  C CE  . LYS   A 1 73  ? -7.37046  8.41686   -9.94576  1.000 61.04000  ? 244 LYS   A CE  1 
ATOM   584  N NZ  . LYS   A 1 73  ? -8.22411  8.22372   -8.74003  1.000 55.74000  ? 244 LYS   A NZ  1 
ATOM   585  N N   . SER   A 1 74  ? -2.20481  5.33784   -12.33451 1.000 62.77000  ? 245 SER   A N   1 
ATOM   586  C CA  . SER   A 1 74  ? -1.86868  4.30483   -13.30625 1.000 64.16000  ? 245 SER   A CA  1 
ATOM   587  C C   . SER   A 1 74  ? -0.79697  3.35149   -12.79016 1.000 66.69000  ? 245 SER   A C   1 
ATOM   588  O O   . SER   A 1 74  ? 0.24869   3.19620   -13.42890 1.000 69.45000  ? 245 SER   A O   1 
ATOM   589  C CB  . SER   A 1 74  ? -1.39915  4.94229   -14.61978 1.000 63.83000  ? 245 SER   A CB  1 
ATOM   590  O OG  . SER   A 1 74  ? 0.01261   5.06881   -14.65826 1.000 63.68000  ? 245 SER   A OG  1 
ATOM   591  N N   . LEU   A 1 75  ? -1.03143  2.69843   -11.64853 1.000 68.70000  ? 246 LEU   A N   1 
ATOM   592  C CA  . LEU   A 1 75  ? -0.10890  1.65509   -11.19080 1.000 70.30000  ? 246 LEU   A CA  1 
ATOM   593  C C   . LEU   A 1 75  ? -0.55722  0.29242   -11.72210 1.000 69.68000  ? 246 LEU   A C   1 
ATOM   594  O O   . LEU   A 1 75  ? -1.02675  -0.58530  -10.99282 1.000 65.02000  ? 246 LEU   A O   1 
ATOM   595  C CB  . LEU   A 1 75  ? 0.00974   1.62536   -9.67301  1.000 82.92000  ? 246 LEU   A CB  1 
ATOM   596  C CG  . LEU   A 1 75  ? 0.45829   2.86030   -8.89252  1.000 75.54000  ? 246 LEU   A CG  1 
ATOM   597  C CD1 . LEU   A 1 75  ? 1.55918   3.59830   -9.64144  1.000 65.46000  ? 246 LEU   A CD1 1 
ATOM   598  C CD2 . LEU   A 1 75  ? -0.70199  3.74666   -8.54604  1.000 60.47000  ? 246 LEU   A CD2 1 
ATOM   599  N N   . SER   A 1 76  ? -0.41411  0.14536   -13.03345 1.000 70.97000  ? 247 SER   A N   1 
ATOM   600  C CA  . SER   A 1 76  ? -0.28168  -1.16202  -13.65850 1.000 69.69000  ? 247 SER   A CA  1 
ATOM   601  C C   . SER   A 1 76  ? 1.20430   -1.52529  -13.59189 1.000 63.82000  ? 247 SER   A C   1 
ATOM   602  O O   . SER   A 1 76  ? 1.93649   -0.96850  -12.76867 1.000 62.16000  ? 247 SER   A O   1 
ATOM   603  C CB  . SER   A 1 76  ? -0.85125  -1.12883  -15.08139 1.000 112.61000 ? 247 SER   A CB  1 
ATOM   604  O OG  . SER   A 1 76  ? -0.08408  -0.26161  -15.89023 1.000 72.53000  ? 247 SER   A OG  1 
ATOM   605  N N   . ARG   A 1 77  ? 1.67262   -2.44420  -14.44554 1.000 59.65000  ? 248 ARG   A N   1 
ATOM   606  C CA  . ARG   A 1 77  ? 3.09580   -2.76592  -14.53382 1.000 59.38000  ? 248 ARG   A CA  1 
ATOM   607  C C   . ARG   A 1 77  ? 3.64651   -3.27075  -13.20028 1.000 58.57000  ? 248 ARG   A C   1 
ATOM   608  O O   . ARG   A 1 77  ? 4.24933   -4.34821  -13.14579 1.000 58.46000  ? 248 ARG   A O   1 
ATOM   609  C CB  . ARG   A 1 77  ? 3.87896   -1.54362  -15.01959 1.000 59.69000  ? 248 ARG   A CB  1 
ATOM   610  C CG  . ARG   A 1 77  ? 5.37654   -1.76349  -15.15831 1.000 53.82000  ? 248 ARG   A CG  1 
ATOM   611  C CD  . ARG   A 1 77  ? 5.66386   -2.86070  -16.17489 1.000 53.58000  ? 248 ARG   A CD  1 
ATOM   612  N NE  . ARG   A 1 77  ? 7.06141   -3.27404  -16.16133 1.000 53.49000  ? 248 ARG   A NE  1 
ATOM   613  C CZ  . ARG   A 1 77  ? 7.50357   -4.43111  -15.68633 1.000 56.75000  ? 248 ARG   A CZ  1 
ATOM   614  N NH1 . ARG   A 1 77  ? 6.68184   -5.32229  -15.15155 1.000 57.65000  ? 248 ARG   A NH1 1 
ATOM   615  N NH2 . ARG   A 1 77  ? 8.80410   -4.70078  -15.74844 1.000 55.88000  ? 248 ARG   A NH2 1 
ATOM   616  N N   . VAL   A 1 78  ? 3.47253   -2.49495  -12.12354 1.000 58.69000  ? 249 VAL   A N   1 
ATOM   617  C CA  . VAL   A 1 78  ? 3.71005   -3.03518  -10.78686 1.000 57.54000  ? 249 VAL   A CA  1 
ATOM   618  C C   . VAL   A 1 78  ? 2.78162   -4.21550  -10.53543 1.000 58.58000  ? 249 VAL   A C   1 
ATOM   619  O O   . VAL   A 1 78  ? 3.20204   -5.25755  -10.01776 1.000 59.56000  ? 249 VAL   A O   1 
ATOM   620  C CB  . VAL   A 1 78  ? 3.56197   -1.93106  -9.71625  1.000 52.19000  ? 249 VAL   A CB  1 
ATOM   621  C CG1 . VAL   A 1 78  ? 4.30192   -0.69180  -10.14372 1.000 50.66000  ? 249 VAL   A CG1 1 
ATOM   622  C CG2 . VAL   A 1 78  ? 2.10049   -1.58633  -9.43388  1.000 58.89000  ? 249 VAL   A CG2 1 
ATOM   623  N N   . MET   A 1 79  ? 1.51855   -4.09066  -10.95015 1.000 57.17000  ? 250 MET   A N   1 
ATOM   624  C CA  . MET   A 1 79  ? 0.57384   -5.19113  -10.82422 1.000 56.13000  ? 250 MET   A CA  1 
ATOM   625  C C   . MET   A 1 79  ? 0.99243   -6.36572  -11.69151 1.000 55.03000  ? 250 MET   A C   1 
ATOM   626  O O   . MET   A 1 79  ? 0.78068   -7.52738  -11.32490 1.000 57.24000  ? 250 MET   A O   1 
ATOM   627  C CB  . MET   A 1 79  ? -0.82311  -4.69747  -11.19336 1.000 54.36000  ? 250 MET   A CB  1 
ATOM   628  C CG  . MET   A 1 79  ? -1.59418  -4.10610  -10.02822 1.000 50.33000  ? 250 MET   A CG  1 
ATOM   629  S SD  . MET   A 1 79  ? -2.01268  -5.31329  -8.75380  1.000 47.35000  ? 250 MET   A SD  1 
ATOM   630  C CE  . MET   A 1 79  ? -2.44016  -6.73087  -9.76460  1.000 48.17000  ? 250 MET   A CE  1 
ATOM   631  N N   . ILE   A 1 80  ? 1.60319   -6.07952  -12.84237 1.000 56.64000  ? 251 ILE   A N   1 
ATOM   632  C CA  . ILE   A 1 80  ? 2.18930   -7.13902  -13.65575 1.000 57.03000  ? 251 ILE   A CA  1 
ATOM   633  C C   . ILE   A 1 80  ? 3.33561   -7.80366  -12.90697 1.000 59.62000  ? 251 ILE   A C   1 
ATOM   634  O O   . ILE   A 1 80  ? 3.40511   -9.03109  -12.80705 1.000 59.57000  ? 251 ILE   A O   1 
ATOM   635  C CB  . ILE   A 1 80  ? 2.64851   -6.58225  -15.01559 1.000 52.86000  ? 251 ILE   A CB  1 
ATOM   636  C CG1 . ILE   A 1 80  ? 1.46026   -6.47661  -15.97157 1.000 51.94000  ? 251 ILE   A CG1 1 
ATOM   637  C CG2 . ILE   A 1 80  ? 3.74670   -7.46074  -15.62103 1.000 50.55000  ? 251 ILE   A CG2 1 
ATOM   638  C CD1 . ILE   A 1 80  ? 1.45867   -5.22215  -16.80847 1.000 46.13000  ? 251 ILE   A CD1 1 
ATOM   639  N N   . HIS   A 1 81  ? 4.24057   -7.00007  -12.34529 1.000 60.24000  ? 252 HIS   A N   1 
ATOM   640  C CA  . HIS   A 1 81  ? 5.45769   -7.56314  -11.76761 1.000 61.03000  ? 252 HIS   A CA  1 
ATOM   641  C C   . HIS   A 1 81  ? 5.16781   -8.32709  -10.48084 1.000 60.93000  ? 252 HIS   A C   1 
ATOM   642  O O   . HIS   A 1 81  ? 5.64860   -9.45291  -10.29876 1.000 61.41000  ? 252 HIS   A O   1 
ATOM   643  C CB  . HIS   A 1 81  ? 6.48678   -6.46015  -11.52009 1.000 63.61000  ? 252 HIS   A CB  1 
ATOM   644  C CG  . HIS   A 1 81  ? 7.90074   -6.94993  -11.52735 1.000 69.74000  ? 252 HIS   A CG  1 
ATOM   645  N ND1 . HIS   A 1 81  ? 8.48965   -7.49677  -12.64695 1.000 70.63000  ? 252 HIS   A ND1 1 
ATOM   646  C CD2 . HIS   A 1 81  ? 8.83835   -6.98978  -10.55127 1.000 76.75000  ? 252 HIS   A CD2 1 
ATOM   647  C CE1 . HIS   A 1 81  ? 9.73094   -7.84469  -12.36295 1.000 78.01000  ? 252 HIS   A CE1 1 
ATOM   648  N NE2 . HIS   A 1 81  ? 9.96765   -7.54786  -11.09737 1.000 73.17000  ? 252 HIS   A NE2 1 
ATOM   649  N N   . VAL   A 1 82  ? 4.38619   -7.73573  -9.57305  1.000 62.07000  ? 253 VAL   A N   1 
ATOM   650  C CA  . VAL   A 1 82  ? 4.15186   -8.38985  -8.28694  1.000 64.94000  ? 253 VAL   A CA  1 
ATOM   651  C C   . VAL   A 1 82  ? 3.28964   -9.63581  -8.46643  1.000 59.73000  ? 253 VAL   A C   1 
ATOM   652  O O   . VAL   A 1 82  ? 3.40245   -10.59323 -7.69050  1.000 57.29000  ? 253 VAL   A O   1 
ATOM   653  C CB  . VAL   A 1 82  ? 3.53512   -7.40360  -7.26989  1.000 56.47000  ? 253 VAL   A CB  1 
ATOM   654  C CG1 . VAL   A 1 82  ? 2.16946   -6.92256  -7.72384  1.000 58.81000  ? 253 VAL   A CG1 1 
ATOM   655  C CG2 . VAL   A 1 82  ? 3.45790   -8.02647  -5.87993  1.000 49.91000  ? 253 VAL   A CG2 1 
ATOM   656  N N   . PHE   A 1 83  ? 2.43530   -9.66300  -9.49173  1.000 59.33000  ? 254 PHE   A N   1 
ATOM   657  C CA  . PHE   A 1 83  ? 1.65313   -10.85737 -9.78707  1.000 57.63000  ? 254 PHE   A CA  1 
ATOM   658  C C   . PHE   A 1 83  ? 1.85185   -11.30271 -11.23270 1.000 58.70000  ? 254 PHE   A C   1 
ATOM   659  O O   . PHE   A 1 83  ? 0.87974   -11.42944 -11.98637 1.000 57.45000  ? 254 PHE   A O   1 
ATOM   660  C CB  . PHE   A 1 83  ? 0.16441   -10.61705 -9.51047  1.000 55.87000  ? 254 PHE   A CB  1 
ATOM   661  C CG  . PHE   A 1 83  ? -0.13491  -10.13330 -8.11525  1.000 53.20000  ? 254 PHE   A CG  1 
ATOM   662  C CD1 . PHE   A 1 83  ? 0.01749   -10.97207 -7.02640  1.000 53.84000  ? 254 PHE   A CD1 1 
ATOM   663  C CD2 . PHE   A 1 83  ? -0.60542  -8.85131  -7.89791  1.000 54.75000  ? 254 PHE   A CD2 1 
ATOM   664  C CE1 . PHE   A 1 83  ? -0.26718  -10.53296 -5.74725  1.000 48.27000  ? 254 PHE   A CE1 1 
ATOM   665  C CE2 . PHE   A 1 83  ? -0.88949  -8.40328  -6.62195  1.000 69.05000  ? 254 PHE   A CE2 1 
ATOM   666  C CZ  . PHE   A 1 83  ? -0.72143  -9.24637  -5.54341  1.000 45.61000  ? 254 PHE   A CZ  1 
ATOM   667  N N   . SER   A 1 84  ? 3.10459   -11.55074 -11.62797 1.000 59.35000  ? 255 SER   A N   1 
ATOM   668  C CA  . SER   A 1 84  ? 3.37713   -12.00817 -12.98856 1.000 58.32000  ? 255 SER   A CA  1 
ATOM   669  C C   . SER   A 1 84  ? 2.96225   -13.45959 -13.17887 1.000 58.74000  ? 255 SER   A C   1 
ATOM   670  O O   . SER   A 1 84  ? 2.44394   -13.83013 -14.23848 1.000 54.62000  ? 255 SER   A O   1 
ATOM   671  C CB  . SER   A 1 84  ? 4.85849   -11.81920 -13.31808 1.000 60.28000  ? 255 SER   A CB  1 
ATOM   672  O OG  . SER   A 1 84  ? 5.67866   -12.14961 -12.21077 1.000 61.91000  ? 255 SER   A OG  1 
ATOM   673  N N   . ASP   A 1 85  ? 3.19082   -14.29633 -12.16984 1.000 58.62000  ? 256 ASP   A N   1 
ATOM   674  C CA  . ASP   A 1 85  ? 2.71185   -15.67041 -12.19534 1.000 58.22000  ? 256 ASP   A CA  1 
ATOM   675  C C   . ASP   A 1 85  ? 1.23320   -15.78162 -11.85143 1.000 58.81000  ? 256 ASP   A C   1 
ATOM   676  O O   . ASP   A 1 85  ? 0.65690   -16.86422 -12.00548 1.000 60.23000  ? 256 ASP   A O   1 
ATOM   677  C CB  . ASP   A 1 85  ? 3.52981   -16.52103 -11.22498 1.000 61.28000  ? 256 ASP   A CB  1 
ATOM   678  C CG  . ASP   A 1 85  ? 3.88207   -15.76966 -9.95999  1.000 61.33000  ? 256 ASP   A CG  1 
ATOM   679  O OD1 . ASP   A 1 85  ? 3.66122   -14.54116 -9.92174  1.000 60.65000  ? 256 ASP   A OD1 1 
ATOM   680  O OD2 . ASP   A 1 85  ? 4.37914   -16.40230 -9.00562  1.000 63.84000  ? 256 ASP   A OD2 1 
ATOM   681  N N   . GLY   A 1 86  ? 0.61024   -14.70007 -11.38648 1.000 58.08000  ? 257 GLY   A N   1 
ATOM   682  C CA  . GLY   A 1 86  ? -0.79442  -14.71423 -11.04065 1.000 54.74000  ? 257 GLY   A CA  1 
ATOM   683  C C   . GLY   A 1 86  ? -1.11770  -15.25535 -9.66761  1.000 55.36000  ? 257 GLY   A C   1 
ATOM   684  O O   . GLY   A 1 86  ? -2.30066  -15.38772 -9.33744  1.000 54.23000  ? 257 GLY   A O   1 
ATOM   685  N N   . VAL   A 1 87  ? -0.11205  -15.56828 -8.85807  1.000 57.13000  ? 258 VAL   A N   1 
ATOM   686  C CA  . VAL   A 1 87  ? -0.31580  -16.12874 -7.52630  1.000 55.11000  ? 258 VAL   A CA  1 
ATOM   687  C C   . VAL   A 1 87  ? -0.49387  -14.99038 -6.53284  1.000 50.94000  ? 258 VAL   A C   1 
ATOM   688  O O   . VAL   A 1 87  ? 0.16276   -13.94968 -6.63653  1.000 49.37000  ? 258 VAL   A O   1 
ATOM   689  C CB  . VAL   A 1 87  ? 0.86177   -17.03876 -7.12863  1.000 55.88000  ? 258 VAL   A CB  1 
ATOM   690  C CG1 . VAL   A 1 87  ? 0.48161   -17.91433 -5.94597  1.000 53.55000  ? 258 VAL   A CG1 1 
ATOM   691  C CG2 . VAL   A 1 87  ? 1.30016   -17.88221 -8.31586  1.000 56.61000  ? 258 VAL   A CG2 1 
ATOM   692  N N   . THR   A 1 88  ? -1.37946  -15.18790 -5.56001  1.000 46.90000  ? 259 THR   A N   1 
ATOM   693  C CA  . THR   A 1 88  ? -1.72468  -14.16040 -4.58629  1.000 42.47000  ? 259 THR   A CA  1 
ATOM   694  C C   . THR   A 1 88  ? -1.41525  -14.65751 -3.18120  1.000 38.97000  ? 259 THR   A C   1 
ATOM   695  O O   . THR   A 1 88  ? -1.82640  -15.75960 -2.80274  1.000 42.88000  ? 259 THR   A O   1 
ATOM   696  C CB  . THR   A 1 88  ? -3.20494  -13.77884 -4.69382  1.000 39.02000  ? 259 THR   A CB  1 
ATOM   697  O OG1 . THR   A 1 88  ? -3.48054  -13.29087 -6.01197  1.000 47.79000  ? 259 THR   A OG1 1 
ATOM   698  C CG2 . THR   A 1 88  ? -3.54568  -12.69349 -3.68638  1.000 35.83000  ? 259 THR   A CG2 1 
ATOM   699  N N   . ASN   A 1 89  ? -0.68821  -13.84664 -2.41541  1.000 38.76000  ? 260 ASN   A N   1 
ATOM   700  C CA  . ASN   A 1 89  ? -0.46032  -14.11001 -1.00155  1.000 33.71000  ? 260 ASN   A CA  1 
ATOM   701  C C   . ASN   A 1 89  ? -0.22928  -12.78125 -0.29441  1.000 32.00000  ? 260 ASN   A C   1 
ATOM   702  O O   . ASN   A 1 89  ? -0.11329  -11.72935 -0.92940  1.000 32.33000  ? 260 ASN   A O   1 
ATOM   703  C CB  . ASN   A 1 89  ? 0.71155   -15.07759 -0.78155  1.000 32.77000  ? 260 ASN   A CB  1 
ATOM   704  C CG  . ASN   A 1 89  ? 1.98498   -14.62858 -1.47535  1.000 31.41000  ? 260 ASN   A CG  1 
ATOM   705  O OD1 . ASN   A 1 89  ? 2.58116   -13.61697 -1.10921  1.000 33.91000  ? 260 ASN   A OD1 1 
ATOM   706  N ND2 . ASN   A 1 89  ? 2.41143   -15.38836 -2.47797  1.000 38.05000  ? 260 ASN   A ND2 1 
ATOM   707  N N   . TRP   A 1 90  ? -0.16936  -12.83776 1.03944   1.000 29.25000  ? 261 TRP   A N   1 
ATOM   708  C CA  . TRP   A 1 90  ? -0.02304  -11.61560 1.82473   1.000 28.21000  ? 261 TRP   A CA  1 
ATOM   709  C C   . TRP   A 1 90  ? 1.34115   -10.96783 1.62965   1.000 27.26000  ? 261 TRP   A C   1 
ATOM   710  O O   . TRP   A 1 90  ? 1.46218   -9.74429  1.74965   1.000 24.18000  ? 261 TRP   A O   1 
ATOM   711  C CB  . TRP   A 1 90  ? -0.25489  -11.90192 3.30944   1.000 32.44000  ? 261 TRP   A CB  1 
ATOM   712  C CG  . TRP   A 1 90  ? -1.69640  -12.04693 3.68979   1.000 32.41000  ? 261 TRP   A CG  1 
ATOM   713  C CD1 . TRP   A 1 90  ? -2.28004  -13.12606 4.28335   1.000 31.87000  ? 261 TRP   A CD1 1 
ATOM   714  C CD2 . TRP   A 1 90  ? -2.72990  -11.06517 3.53462   1.000 32.78000  ? 261 TRP   A CD2 1 
ATOM   715  N NE1 . TRP   A 1 90  ? -3.61737  -12.88584 4.49134   1.000 32.78000  ? 261 TRP   A NE1 1 
ATOM   716  C CE2 . TRP   A 1 90  ? -3.91743  -11.62671 4.04244   1.000 32.94000  ? 261 TRP   A CE2 1 
ATOM   717  C CE3 . TRP   A 1 90  ? -2.76806  -9.76906  3.01011   1.000 30.07000  ? 261 TRP   A CE3 1 
ATOM   718  C CZ2 . TRP   A 1 90  ? -5.12879  -10.94099 4.04087   1.000 31.92000  ? 261 TRP   A CZ2 1 
ATOM   719  C CZ3 . TRP   A 1 90  ? -3.97184  -9.08936  3.00792   1.000 28.92000  ? 261 TRP   A CZ3 1 
ATOM   720  C CH2 . TRP   A 1 90  ? -5.13590  -9.67574  3.52102   1.000 31.72000  ? 261 TRP   A CH2 1 
ATOM   721  N N   . GLY   A 1 91  ? 2.37373   -11.76319 1.34200   1.000 30.59000  ? 262 GLY   A N   1 
ATOM   722  C CA  . GLY   A 1 91  ? 3.68914   -11.18826 1.10895   1.000 25.82000  ? 262 GLY   A CA  1 
ATOM   723  C C   . GLY   A 1 91  ? 3.73334   -10.32276 -0.13584  1.000 30.45000  ? 262 GLY   A C   1 
ATOM   724  O O   . GLY   A 1 91  ? 4.37293   -9.26916  -0.14962  1.000 29.82000  ? 262 GLY   A O   1 
ATOM   725  N N   . ARG   A 1 92  ? 3.04889   -10.75560 -1.19652  1.000 29.37000  ? 263 ARG   A N   1 
ATOM   726  C CA  . ARG   A 1 92  ? 3.00055   -9.97388  -2.42788  1.000 30.30000  ? 263 ARG   A CA  1 
ATOM   727  C C   . ARG   A 1 92  ? 2.12728   -8.73662  -2.26941  1.000 24.81000  ? 263 ARG   A C   1 
ATOM   728  O O   . ARG   A 1 92  ? 2.42293   -7.68226  -2.84377  1.000 25.22000  ? 263 ARG   A O   1 
ATOM   729  C CB  . ARG   A 1 92  ? 2.49461   -10.84978 -3.56821  1.000 35.58000  ? 263 ARG   A CB  1 
ATOM   730  C CG  . ARG   A 1 92  ? 3.54675   -11.79721 -4.09135  1.000 43.71000  ? 263 ARG   A CG  1 
ATOM   731  C CD  . ARG   A 1 92  ? 2.99668   -12.64718 -5.21466  1.000 50.12000  ? 263 ARG   A CD  1 
ATOM   732  N NE  . ARG   A 1 92  ? 3.99048   -13.58229 -5.72385  1.000 66.46000  ? 263 ARG   A NE  1 
ATOM   733  C CZ  . ARG   A 1 92  ? 4.15966   -13.85789 -7.00886  1.000 62.42000  ? 263 ARG   A CZ  1 
ATOM   734  N NH1 . ARG   A 1 92  ? 3.40134   -13.29980 -7.93919  1.000 61.54000  ? 263 ARG   A NH1 1 
ATOM   735  N NH2 . ARG   A 1 92  ? 5.11048   -14.71461 -7.36952  1.000 63.25000  ? 263 ARG   A NH2 1 
ATOM   736  N N   . ILE   A 1 93  ? 1.03839   -8.84603  -1.50583  1.000 26.73000  ? 264 ILE   A N   1 
ATOM   737  C CA  . ILE   A 1 93  ? 0.22650   -7.66959  -1.21777  1.000 20.88000  ? 264 ILE   A CA  1 
ATOM   738  C C   . ILE   A 1 93  ? 1.03148   -6.64951  -0.42364  1.000 22.29000  ? 264 ILE   A C   1 
ATOM   739  O O   . ILE   A 1 93  ? 0.98191   -5.44496  -0.70166  1.000 17.60000  ? 264 ILE   A O   1 
ATOM   740  C CB  . ILE   A 1 93  ? -1.06702  -8.07671  -0.48753  1.000 22.30000  ? 264 ILE   A CB  1 
ATOM   741  C CG1 . ILE   A 1 93  ? -1.98159  -8.85991  -1.43221  1.000 28.39000  ? 264 ILE   A CG1 1 
ATOM   742  C CG2 . ILE   A 1 93  ? -1.76357  -6.85631  0.08974   1.000 18.57000  ? 264 ILE   A CG2 1 
ATOM   743  C CD1 . ILE   A 1 93  ? -3.26549  -9.33741  -0.78650  1.000 20.39000  ? 264 ILE   A CD1 1 
ATOM   744  N N   . VAL   A 1 94  ? 1.80174   -7.11517  0.56384   1.000 22.56000  ? 265 VAL   A N   1 
ATOM   745  C CA  . VAL   A 1 94  ? 2.64974   -6.20559  1.33166   1.000 22.06000  ? 265 VAL   A CA  1 
ATOM   746  C C   . VAL   A 1 94  ? 3.66196   -5.52474  0.42361   1.000 18.77000  ? 265 VAL   A C   1 
ATOM   747  O O   . VAL   A 1 94  ? 3.92125   -4.32138  0.55214   1.000 17.90000  ? 265 VAL   A O   1 
ATOM   748  C CB  . VAL   A 1 94  ? 3.34552   -6.95390  2.48227   1.000 17.88000  ? 265 VAL   A CB  1 
ATOM   749  C CG1 . VAL   A 1 94  ? 4.45991   -6.10038  3.05383   1.000 34.50000  ? 265 VAL   A CG1 1 
ATOM   750  C CG2 . VAL   A 1 94  ? 2.34870   -7.28637  3.56438   1.000 30.86000  ? 265 VAL   A CG2 1 
ATOM   751  N N   . THR   A 1 95  ? 4.24640   -6.27815  -0.51162  1.000 25.11000  ? 266 THR   A N   1 
ATOM   752  C CA  . THR   A 1 95  ? 5.26618   -5.71000  -1.38768  1.000 21.99000  ? 266 THR   A CA  1 
ATOM   753  C C   . THR   A 1 95  ? 4.67868   -4.62100  -2.27739  1.000 23.81000  ? 266 THR   A C   1 
ATOM   754  O O   . THR   A 1 95  ? 5.33978   -3.61567  -2.55939  1.000 22.48000  ? 266 THR   A O   1 
ATOM   755  C CB  . THR   A 1 95  ? 5.90682   -6.81361  -2.23057  1.000 31.59000  ? 266 THR   A CB  1 
ATOM   756  O OG1 . THR   A 1 95  ? 6.59533   -7.73142  -1.37397  1.000 28.55000  ? 266 THR   A OG1 1 
ATOM   757  C CG2 . THR   A 1 95  ? 6.90727   -6.22507  -3.21078  1.000 31.68000  ? 266 THR   A CG2 1 
ATOM   758  N N   . LEU   A 1 96  ? 3.42970   -4.79829  -2.71524  1.000 17.28000  ? 267 LEU   A N   1 
ATOM   759  C CA  . LEU   A 1 96  ? 2.76329   -3.75855  -3.49299  1.000 17.86000  ? 267 LEU   A CA  1 
ATOM   760  C C   . LEU   A 1 96  ? 2.55319   -2.50147  -2.65577  1.000 19.27000  ? 267 LEU   A C   1 
ATOM   761  O O   . LEU   A 1 96  ? 2.80762   -1.38535  -3.11772  1.000 16.00000  ? 267 LEU   A O   1 
ATOM   762  C CB  . LEU   A 1 96  ? 1.42779   -4.27780  -4.02929  1.000 23.55000  ? 267 LEU   A CB  1 
ATOM   763  C CG  . LEU   A 1 96  ? 0.53538   -3.25610  -4.73906  1.000 21.05000  ? 267 LEU   A CG  1 
ATOM   764  C CD1 . LEU   A 1 96  ? 1.15592   -2.82174  -6.05910  1.000 29.17000  ? 267 LEU   A CD1 1 
ATOM   765  C CD2 . LEU   A 1 96  ? -0.86371  -3.81415  -4.95658  1.000 26.41000  ? 267 LEU   A CD2 1 
ATOM   766  N N   . ILE   A 1 97  ? 2.08516   -2.66445  -1.41543  1.000 15.39000  ? 268 ILE   A N   1 
ATOM   767  C CA  . ILE   A 1 97  ? 1.87841   -1.50960  -0.54759  1.000 8.91000   ? 268 ILE   A CA  1 
ATOM   768  C C   . ILE   A 1 97  ? 3.21050   -0.86030  -0.19184  1.000 11.07000  ? 268 ILE   A C   1 
ATOM   769  O O   . ILE   A 1 97  ? 3.30212   0.36834   -0.06788  1.000 14.81000  ? 268 ILE   A O   1 
ATOM   770  C CB  . ILE   A 1 97  ? 1.09644   -1.91423  0.71751   1.000 12.47000  ? 268 ILE   A CB  1 
ATOM   771  C CG1 . ILE   A 1 97  ? -0.27968  -2.46683  0.34055   1.000 12.29000  ? 268 ILE   A CG1 1 
ATOM   772  C CG2 . ILE   A 1 97  ? 0.93787   -0.71999  1.64511   1.000 12.07000  ? 268 ILE   A CG2 1 
ATOM   773  C CD1 . ILE   A 1 97  ? -0.94726  -3.24423  1.45306   1.000 19.16000  ? 268 ILE   A CD1 1 
ATOM   774  N N   . SER   A 1 98  ? 4.25474   -1.67205  -0.00278  1.000 19.72000  ? 269 SER   A N   1 
ATOM   775  C CA  . SER   A 1 98  ? 5.56694   -1.12993  0.33334   1.000 16.02000  ? 269 SER   A CA  1 
ATOM   776  C C   . SER   A 1 98  ? 6.11331   -0.26204  -0.79488  1.000 17.50000  ? 269 SER   A C   1 
ATOM   777  O O   . SER   A 1 98  ? 6.71296   0.78995   -0.54318  1.000 23.46000  ? 269 SER   A O   1 
ATOM   778  C CB  . SER   A 1 98  ? 6.54372   -2.26254  0.65031   1.000 26.36000  ? 269 SER   A CB  1 
ATOM   779  O OG  . SER   A 1 98  ? 6.09556   -3.04320  1.74319   1.000 25.29000  ? 269 SER   A OG  1 
ATOM   780  N N   . PHE   A 1 99  ? 5.92785   -0.69235  -2.04279  1.000 19.19000  ? 270 PHE   A N   1 
ATOM   781  C CA  . PHE   A 1 99  ? 6.34111   0.13813   -3.16928  1.000 18.61000  ? 270 PHE   A CA  1 
ATOM   782  C C   . PHE   A 1 99  ? 5.52715   1.42314   -3.22448  1.000 20.12000  ? 270 PHE   A C   1 
ATOM   783  O O   . PHE   A 1 99  ? 6.05180   2.48431   -3.58152  1.000 25.93000  ? 270 PHE   A O   1 
ATOM   784  C CB  . PHE   A 1 99  ? 6.21095   -0.63714  -4.48038  1.000 18.57000  ? 270 PHE   A CB  1 
ATOM   785  C CG  . PHE   A 1 99  ? 6.65907   0.13920   -5.69043  1.000 25.38000  ? 270 PHE   A CG  1 
ATOM   786  C CD1 . PHE   A 1 99  ? 7.98496   0.51990   -5.83343  1.000 26.90000  ? 270 PHE   A CD1 1 
ATOM   787  C CD2 . PHE   A 1 99  ? 5.75838   0.49145   -6.68050  1.000 27.04000  ? 270 PHE   A CD2 1 
ATOM   788  C CE1 . PHE   A 1 99  ? 8.40100   1.23453   -6.94456  1.000 24.66000  ? 270 PHE   A CE1 1 
ATOM   789  C CE2 . PHE   A 1 99  ? 6.16915   1.20813   -7.79194  1.000 28.00000  ? 270 PHE   A CE2 1 
ATOM   790  C CZ  . PHE   A 1 99  ? 7.49023   1.57811   -7.92381  1.000 28.85000  ? 270 PHE   A CZ  1 
ATOM   791  N N   . GLY   A 1 100 ? 4.23891   1.34517   -2.87678  1.000 24.45000  ? 271 GLY   A N   1 
ATOM   792  C CA  . GLY   A 1 100 ? 3.43203   2.55090   -2.80165  1.000 22.51000  ? 271 GLY   A CA  1 
ATOM   793  C C   . GLY   A 1 100 ? 3.95570   3.53374   -1.77293  1.000 20.57000  ? 271 GLY   A C   1 
ATOM   794  O O   . GLY   A 1 100 ? 3.95625   4.74599   -2.00041  1.000 25.11000  ? 271 GLY   A O   1 
ATOM   795  N N   . ALA   A 1 101 ? 4.41080   3.02409   -0.62604  1.000 17.01000  ? 272 ALA   A N   1 
ATOM   796  C CA  . ALA   A 1 101 ? 5.06331   3.88647   0.34983   1.000 20.20000  ? 272 ALA   A CA  1 
ATOM   797  C C   . ALA   A 1 101 ? 6.35431   4.45961   -0.21308  1.000 22.37000  ? 272 ALA   A C   1 
ATOM   798  O O   . ALA   A 1 101 ? 6.69232   5.62145   0.04554   1.000 25.63000  ? 272 ALA   A O   1 
ATOM   799  C CB  . ALA   A 1 101 ? 5.33844   3.11266   1.63808   1.000 17.57000  ? 272 ALA   A CB  1 
ATOM   800  N N   . PHE   A 1 102 ? 7.08545   3.65825   -0.98967  1.000 21.78000  ? 273 PHE   A N   1 
ATOM   801  C CA  . PHE   A 1 102 ? 8.32511   4.13396   -1.59298  1.000 20.73000  ? 273 PHE   A CA  1 
ATOM   802  C C   . PHE   A 1 102 ? 8.05849   5.25183   -2.59386  1.000 28.13000  ? 273 PHE   A C   1 
ATOM   803  O O   . PHE   A 1 102 ? 8.82183   6.22160   -2.66819  1.000 28.09000  ? 273 PHE   A O   1 
ATOM   804  C CB  . PHE   A 1 102 ? 9.05761   2.96753   -2.25680  1.000 23.95000  ? 273 PHE   A CB  1 
ATOM   805  C CG  . PHE   A 1 102 ? 10.36713  3.34879   -2.88817  1.000 28.75000  ? 273 PHE   A CG  1 
ATOM   806  C CD1 . PHE   A 1 102 ? 11.51391  3.47339   -2.12219  1.000 33.51000  ? 273 PHE   A CD1 1 
ATOM   807  C CD2 . PHE   A 1 102 ? 10.45125  3.56840   -4.25229  1.000 29.73000  ? 273 PHE   A CD2 1 
ATOM   808  C CE1 . PHE   A 1 102 ? 12.71831  3.82206   -2.70540  1.000 31.03000  ? 273 PHE   A CE1 1 
ATOM   809  C CE2 . PHE   A 1 102 ? 11.64834  3.91515   -4.84006  1.000 30.62000  ? 273 PHE   A CE2 1 
ATOM   810  C CZ  . PHE   A 1 102 ? 12.78503  4.04235   -4.06624  1.000 33.24000  ? 273 PHE   A CZ  1 
ATOM   811  N N   . VAL   A 1 103 ? 6.97426   5.13891   -3.36482  1.000 23.72000  ? 274 VAL   A N   1 
ATOM   812  C CA  . VAL   A 1 103 ? 6.62077   6.20100   -4.30331  1.000 27.29000  ? 274 VAL   A CA  1 
ATOM   813  C C   . VAL   A 1 103 ? 6.13808   7.43688   -3.55509  1.000 28.89000  ? 274 VAL   A C   1 
ATOM   814  O O   . VAL   A 1 103 ? 6.44830   8.57214   -3.93595  1.000 29.86000  ? 274 VAL   A O   1 
ATOM   815  C CB  . VAL   A 1 103 ? 5.56228   5.70027   -5.30302  1.000 25.54000  ? 274 VAL   A CB  1 
ATOM   816  C CG1 . VAL   A 1 103 ? 5.09730   6.83116   -6.20434  1.000 30.54000  ? 274 VAL   A CG1 1 
ATOM   817  C CG2 . VAL   A 1 103 ? 6.10661   4.54137   -6.12596  1.000 26.66000  ? 274 VAL   A CG2 1 
ATOM   818  N N   . ALA   A 1 104 ? 5.37500   7.23824   -2.47794  1.000 28.91000  ? 275 ALA   A N   1 
ATOM   819  C CA  . ALA   A 1 104 ? 4.87495   8.37069   -1.70356  1.000 30.48000  ? 275 ALA   A CA  1 
ATOM   820  C C   . ALA   A 1 104 ? 6.01785   9.18534   -1.11137  1.000 33.01000  ? 275 ALA   A C   1 
ATOM   821  O O   . ALA   A 1 104 ? 5.93253   10.41638  -1.02356  1.000 34.29000  ? 275 ALA   A O   1 
ATOM   822  C CB  . ALA   A 1 104 ? 3.93913   7.87769   -0.59948  1.000 28.55000  ? 275 ALA   A CB  1 
ATOM   823  N N   . LYS   A 1 105 ? 7.09829   8.51594   -0.70431  1.000 31.56000  ? 276 LYS   A N   1 
ATOM   824  C CA  . LYS   A 1 105 ? 8.26986   9.23414   -0.21417  1.000 32.65000  ? 276 LYS   A CA  1 
ATOM   825  C C   . LYS   A 1 105 ? 8.89384   10.07862  -1.31838  1.000 36.43000  ? 276 LYS   A C   1 
ATOM   826  O O   . LYS   A 1 105 ? 9.33681   11.20730  -1.07413  1.000 38.96000  ? 276 LYS   A O   1 
ATOM   827  C CB  . LYS   A 1 105 ? 9.28943   8.24563   0.34889   1.000 31.18000  ? 276 LYS   A CB  1 
ATOM   828  C CG  . LYS   A 1 105 ? 8.93283   7.68592   1.71412   1.000 32.07000  ? 276 LYS   A CG  1 
ATOM   829  C CD  . LYS   A 1 105 ? 9.90968   6.59603   2.11698   1.000 27.37000  ? 276 LYS   A CD  1 
ATOM   830  C CE  . LYS   A 1 105 ? 9.55378   5.99441   3.46521   1.000 30.53000  ? 276 LYS   A CE  1 
ATOM   831  N NZ  . LYS   A 1 105 ? 10.15692  4.64520   3.63254   1.000 31.96000  ? 276 LYS   A NZ  1 
ATOM   832  N N   . HIS   A 1 106 ? 8.93470   9.54604   -2.54310  1.000 35.85000  ? 277 HIS   A N   1 
ATOM   833  C CA  . HIS   A 1 106 ? 9.48051   10.30389  -3.66421  1.000 37.64000  ? 277 HIS   A CA  1 
ATOM   834  C C   . HIS   A 1 106 ? 8.59287   11.49101  -4.01342  1.000 40.12000  ? 277 HIS   A C   1 
ATOM   835  O O   . HIS   A 1 106 ? 9.09545   12.57112  -4.34838  1.000 41.47000  ? 277 HIS   A O   1 
ATOM   836  C CB  . HIS   A 1 106 ? 9.65230   9.39165   -4.87882  1.000 37.93000  ? 277 HIS   A CB  1 
ATOM   837  C CG  . HIS   A 1 106 ? 9.97423   10.12396  -6.14446  1.000 38.25000  ? 277 HIS   A CG  1 
ATOM   838  N ND1 . HIS   A 1 106 ? 11.15577  10.80984  -6.32772  1.000 41.38000  ? 277 HIS   A ND1 1 
ATOM   839  C CD2 . HIS   A 1 106 ? 9.26689   10.28130  -7.28882  1.000 40.06000  ? 277 HIS   A CD2 1 
ATOM   840  C CE1 . HIS   A 1 106 ? 11.16377  11.35518  -7.53144  1.000 40.47000  ? 277 HIS   A CE1 1 
ATOM   841  N NE2 . HIS   A 1 106 ? 10.02856  11.05040  -8.13405  1.000 36.15000  ? 277 HIS   A NE2 1 
ATOM   842  N N   . LEU   A 1 107 ? 7.27137   11.30972  -3.94684  1.000 37.42000  ? 278 LEU   A N   1 
ATOM   843  C CA  . LEU   A 1 107 ? 6.35796   12.41101  -4.23078  1.000 40.36000  ? 278 LEU   A CA  1 
ATOM   844  C C   . LEU   A 1 107 ? 6.55976   13.55759  -3.24883  1.000 42.05000  ? 278 LEU   A C   1 
ATOM   845  O O   . LEU   A 1 107 ? 6.47191   14.73260  -3.62521  1.000 44.59000  ? 278 LEU   A O   1 
ATOM   846  C CB  . LEU   A 1 107 ? 4.91506   11.91045  -4.19207  1.000 39.03000  ? 278 LEU   A CB  1 
ATOM   847  C CG  . LEU   A 1 107 ? 4.51842   10.94708  -5.31401  1.000 38.72000  ? 278 LEU   A CG  1 
ATOM   848  C CD1 . LEU   A 1 107 ? 3.06773   10.52277  -5.17057  1.000 33.94000  ? 278 LEU   A CD1 1 
ATOM   849  C CD2 . LEU   A 1 107 ? 4.75895   11.57617  -6.67612  1.000 40.90000  ? 278 LEU   A CD2 1 
ATOM   850  N N   . LYS   A 1 108 ? 6.83313   13.23419  -1.98252  1.000 42.36000  ? 279 LYS   A N   1 
ATOM   851  C CA  . LYS   A 1 108 ? 7.17400   14.26588  -1.01018  1.000 44.40000  ? 279 LYS   A CA  1 
ATOM   852  C C   . LYS   A 1 108 ? 8.47466   14.96497  -1.38628  1.000 46.14000  ? 279 LYS   A C   1 
ATOM   853  O O   . LYS   A 1 108 ? 8.61922   16.17754  -1.18422  1.000 50.20000  ? 279 LYS   A O   1 
ATOM   854  C CB  . LYS   A 1 108 ? 7.27978   13.64958  0.38541   1.000 42.30000  ? 279 LYS   A CB  1 
ATOM   855  C CG  . LYS   A 1 108 ? 7.55648   14.64897  1.49828   1.000 46.13000  ? 279 LYS   A CG  1 
ATOM   856  C CD  . LYS   A 1 108 ? 6.27465   15.10905  2.16940   1.000 51.02000  ? 279 LYS   A CD  1 
ATOM   857  C CE  . LYS   A 1 108 ? 6.49107   16.40814  2.92880   1.000 52.13000  ? 279 LYS   A CE  1 
ATOM   858  N NZ  . LYS   A 1 108 ? 5.21486   16.96644  3.45596   1.000 47.94000  ? 279 LYS   A NZ  1 
ATOM   859  N N   . THR   A 1 109 ? 9.42955   14.21616  -1.94218  1.000 43.80000  ? 280 THR   A N   1 
ATOM   860  C CA  . THR   A 1 109 ? 10.72331  14.79324  -2.29534  1.000 44.49000  ? 280 THR   A CA  1 
ATOM   861  C C   . THR   A 1 109 ? 10.58454  15.83749  -3.39738  1.000 44.58000  ? 280 THR   A C   1 
ATOM   862  O O   . THR   A 1 109 ? 11.22677  16.89406  -3.34683  1.000 48.26000  ? 280 THR   A O   1 
ATOM   863  C CB  . THR   A 1 109 ? 11.68687  13.68594  -2.72906  1.000 44.38000  ? 280 THR   A CB  1 
ATOM   864  O OG1 . THR   A 1 109 ? 12.07373  12.91128  -1.58811  1.000 46.12000  ? 280 THR   A OG1 1 
ATOM   865  C CG2 . THR   A 1 109 ? 12.93079  14.27475  -3.38168  1.000 42.21000  ? 280 THR   A CG2 1 
ATOM   866  N N   . ILE   A 1 110 ? 9.74286   15.56949  -4.39226  1.000 45.32000  ? 281 ILE   A N   1 
ATOM   867  C CA  . ILE   A 1 110 ? 9.60286   16.46101  -5.53735  1.000 47.24000  ? 281 ILE   A CA  1 
ATOM   868  C C   . ILE   A 1 110 ? 8.41662   17.39519  -5.33687  1.000 49.54000  ? 281 ILE   A C   1 
ATOM   869  O O   . ILE   A 1 110 ? 7.88161   17.94987  -6.30218  1.000 52.00000  ? 281 ILE   A O   1 
ATOM   870  C CB  . ILE   A 1 110 ? 9.45535   15.65620  -6.83868  1.000 45.94000  ? 281 ILE   A CB  1 
ATOM   871  C CG1 . ILE   A 1 110 ? 8.15458   14.84601  -6.81558  1.000 45.52000  ? 281 ILE   A CG1 1 
ATOM   872  C CG2 . ILE   A 1 110 ? 10.64941  14.73794  -7.02860  1.000 43.98000  ? 281 ILE   A CG2 1 
ATOM   873  C CD1 . ILE   A 1 110 ? 7.85247   14.12348  -8.10988  1.000 45.10000  ? 281 ILE   A CD1 1 
ATOM   874  N N   . ASN   A 1 111 ? 8.00438   17.57411  -4.08218  1.000 51.14000  ? 282 ASN   A N   1 
ATOM   875  C CA  . ASN   A 1 111 ? 6.94490   18.51461  -3.71094  1.000 53.47000  ? 282 ASN   A CA  1 
ATOM   876  C C   . ASN   A 1 111 ? 5.63884   18.21316  -4.44629  1.000 53.47000  ? 282 ASN   A C   1 
ATOM   877  O O   . ASN   A 1 111 ? 4.98242   19.10207  -4.99585  1.000 52.87000  ? 282 ASN   A O   1 
ATOM   878  C CB  . ASN   A 1 111 ? 7.38639   19.96189  -3.94493  1.000 54.89000  ? 282 ASN   A CB  1 
ATOM   879  C CG  . ASN   A 1 111 ? 8.10260   20.55041  -2.74747  1.000 58.25000  ? 282 ASN   A CG  1 
ATOM   880  O OD1 . ASN   A 1 111 ? 9.02430   19.94222  -2.20959  1.000 58.02000  ? 282 ASN   A OD1 1 
ATOM   881  N ND2 . ASN   A 1 111 ? 7.67492   21.73285  -2.31540  1.000 63.22000  ? 282 ASN   A ND2 1 
ATOM   882  N N   . GLN   A 1 112 ? 5.26236   16.93933  -4.45577  1.000 51.38000  ? 283 GLN   A N   1 
ATOM   883  C CA  . GLN   A 1 112 ? 3.98871   16.49357  -5.00348  1.000 50.33000  ? 283 GLN   A CA  1 
ATOM   884  C C   . GLN   A 1 112 ? 3.20995   15.70303  -3.95926  1.000 48.66000  ? 283 GLN   A C   1 
ATOM   885  O O   . GLN   A 1 112 ? 2.65944   14.63659  -4.23756  1.000 45.81000  ? 283 GLN   A O   1 
ATOM   886  C CB  . GLN   A 1 112 ? 4.19727   15.66986  -6.27188  1.000 50.42000  ? 283 GLN   A CB  1 
ATOM   887  C CG  . GLN   A 1 112 ? 4.42799   16.49349  -7.54140  1.000 53.42000  ? 283 GLN   A CG  1 
ATOM   888  C CD  . GLN   A 1 112 ? 3.27131   17.41910  -7.88210  1.000 53.31000  ? 283 GLN   A CD  1 
ATOM   889  O OE1 . GLN   A 1 112 ? 2.40366   17.07450  -8.68395  1.000 59.10000  ? 283 GLN   A OE1 1 
ATOM   890  N NE2 . GLN   A 1 112 ? 3.26878   18.61145  -7.29197  1.000 55.01000  ? 283 GLN   A NE2 1 
ATOM   891  N N   . GLU   A 1 113 ? 3.15832   16.23531  -2.73428  1.000 49.34000  ? 284 GLU   A N   1 
ATOM   892  C CA  . GLU   A 1 113 ? 2.51520   15.52506  -1.63354  1.000 48.29000  ? 284 GLU   A CA  1 
ATOM   893  C C   . GLU   A 1 113 ? 1.02355   15.34122  -1.87783  1.000 46.38000  ? 284 GLU   A C   1 
ATOM   894  O O   . GLU   A 1 113 ? 0.41876   14.40390  -1.34506  1.000 43.42000  ? 284 GLU   A O   1 
ATOM   895  C CB  . GLU   A 1 113 ? 2.73807   16.26528  -0.30896  1.000 51.92000  ? 284 GLU   A CB  1 
ATOM   896  C CG  . GLU   A 1 113 ? 4.10764   16.92566  -0.12837  1.000 55.77000  ? 284 GLU   A CG  1 
ATOM   897  C CD  . GLU   A 1 113 ? 4.25826   18.23784  -0.88747  1.000 63.86000  ? 284 GLU   A CD  1 
ATOM   898  O OE1 . GLU   A 1 113 ? 3.44373   18.50923  -1.79709  1.000 57.47000  ? 284 GLU   A OE1 1 
ATOM   899  O OE2 . GLU   A 1 113 ? 5.19728   18.99774  -0.57069  1.000 59.80000  ? 284 GLU   A OE2 1 
ATOM   900  N N   . SER   A 1 114 ? 0.41429   16.22183  -2.67466  1.000 44.66000  ? 285 SER   A N   1 
ATOM   901  C CA  . SER   A 1 114 ? -1.00599  16.09361  -2.97726  1.000 43.25000  ? 285 SER   A CA  1 
ATOM   902  C C   . SER   A 1 114 ? -1.31352  14.83234  -3.77184  1.000 43.75000  ? 285 SER   A C   1 
ATOM   903  O O   . SER   A 1 114 ? -2.45894  14.37021  -3.75903  1.000 43.83000  ? 285 SER   A O   1 
ATOM   904  C CB  . SER   A 1 114 ? -1.49203  17.32388  -3.74462  1.000 43.09000  ? 285 SER   A CB  1 
ATOM   905  O OG  . SER   A 1 114 ? -0.71298  17.53868  -4.90840  1.000 47.83000  ? 285 SER   A OG  1 
ATOM   906  N N   . CYS   A 1 115 ? -0.32063  14.26706  -4.45976  1.000 43.08000  ? 286 CYS   A N   1 
ATOM   907  C CA  . CYS   A 1 115 ? -0.51925  13.04736  -5.23091  1.000 42.35000  ? 286 CYS   A CA  1 
ATOM   908  C C   . CYS   A 1 115 ? -0.51149  11.79049  -4.37288  1.000 39.61000  ? 286 CYS   A C   1 
ATOM   909  O O   . CYS   A 1 115 ? -0.81799  10.70983  -4.88783  1.000 36.74000  ? 286 CYS   A O   1 
ATOM   910  C CB  . CYS   A 1 115 ? 0.55863   12.92725  -6.31022  1.000 45.20000  ? 286 CYS   A CB  1 
ATOM   911  S SG  . CYS   A 1 115 ? 0.47995   14.18575  -7.60066  1.000 50.73000  ? 286 CYS   A SG  1 
ATOM   912  N N   . ILE   A 1 116 ? -0.16800  11.90132  -3.08853  1.000 40.75000  ? 287 ILE   A N   1 
ATOM   913  C CA  . ILE   A 1 116 ? -0.08829  10.71697  -2.23953  1.000 39.57000  ? 287 ILE   A CA  1 
ATOM   914  C C   . ILE   A 1 116 ? -1.46590  10.09812  -2.05178  1.000 36.84000  ? 287 ILE   A C   1 
ATOM   915  O O   . ILE   A 1 116 ? -1.62016  8.87153   -2.09259  1.000 36.21000  ? 287 ILE   A O   1 
ATOM   916  C CB  . ILE   A 1 116 ? 0.56633   11.06975  -0.89215  1.000 41.11000  ? 287 ILE   A CB  1 
ATOM   917  C CG1 . ILE   A 1 116 ? 1.99832   11.55748  -1.11244  1.000 39.87000  ? 287 ILE   A CG1 1 
ATOM   918  C CG2 . ILE   A 1 116 ? 0.55183   9.86686   0.04072   1.000 36.67000  ? 287 ILE   A CG2 1 
ATOM   919  C CD1 . ILE   A 1 116 ? 2.66312   12.07885  0.14120   1.000 42.25000  ? 287 ILE   A CD1 1 
ATOM   920  N N   . GLU   A 1 117 ? -2.48877  10.92544  -1.84670  1.000 39.85000  ? 288 GLU   A N   1 
ATOM   921  C CA  . GLU   A 1 117 ? -3.83640  10.38364  -1.69905  1.000 37.82000  ? 288 GLU   A CA  1 
ATOM   922  C C   . GLU   A 1 117 ? -4.30892  9.65673   -2.95373  1.000 35.33000  ? 288 GLU   A C   1 
ATOM   923  O O   . GLU   A 1 117 ? -4.72290  8.49379   -2.83535  1.000 36.71000  ? 288 GLU   A O   1 
ATOM   924  C CB  . GLU   A 1 117 ? -4.80794  11.49078  -1.27262  1.000 41.38000  ? 288 GLU   A CB  1 
ATOM   925  C CG  . GLU   A 1 117 ? -6.05570  10.97433  -0.56899  1.000 44.18000  ? 288 GLU   A CG  1 
ATOM   926  C CD  . GLU   A 1 117 ? -5.73177  10.09431  0.62390   1.000 49.05000  ? 288 GLU   A CD  1 
ATOM   927  O OE1 . GLU   A 1 117 ? -4.97366  10.54163  1.51076   1.000 48.54000  ? 288 GLU   A OE1 1 
ATOM   928  O OE2 . GLU   A 1 117 ? -6.23661  8.95134   0.67570   1.000 49.48000  ? 288 GLU   A OE2 1 
ATOM   929  N N   . PRO   A 1 118 ? -4.24760  10.23889  -4.16259  1.000 36.21000  ? 289 PRO   A N   1 
ATOM   930  C CA  . PRO   A 1 118 ? -4.62714  9.44881   -5.34908  1.000 37.09000  ? 289 PRO   A CA  1 
ATOM   931  C C   . PRO   A 1 118 ? -3.76524  8.21492   -5.54987  1.000 33.89000  ? 289 PRO   A C   1 
ATOM   932  O O   . PRO   A 1 118 ? -4.22120  7.24605   -6.16903  1.000 33.22000  ? 289 PRO   A O   1 
ATOM   933  C CB  . PRO   A 1 118 ? -4.46645  10.43906  -6.51268  1.000 38.68000  ? 289 PRO   A CB  1 
ATOM   934  C CG  . PRO   A 1 118 ? -4.42128  11.77839  -5.90681  1.000 40.85000  ? 289 PRO   A CG  1 
ATOM   935  C CD  . PRO   A 1 118 ? -3.92890  11.63656  -4.50757  1.000 40.40000  ? 289 PRO   A CD  1 
ATOM   936  N N   . LEU   A 1 119 ? -2.52612  8.22123   -5.05216  1.000 34.24000  ? 290 LEU   A N   1 
ATOM   937  C CA  . LEU   A 1 119 ? -1.70445  7.01649   -5.11418  1.000 28.26000  ? 290 LEU   A CA  1 
ATOM   938  C C   . LEU   A 1 119 ? -2.30930  5.90575   -4.26743  1.000 29.97000  ? 290 LEU   A C   1 
ATOM   939  O O   . LEU   A 1 119 ? -2.35071  4.74350   -4.68829  1.000 26.28000  ? 290 LEU   A O   1 
ATOM   940  C CB  . LEU   A 1 119 ? -0.27748  7.33170   -4.66232  1.000 31.65000  ? 290 LEU   A CB  1 
ATOM   941  C CG  . LEU   A 1 119 ? 0.74343   6.18960   -4.62599  1.000 29.12000  ? 290 LEU   A CG  1 
ATOM   942  C CD1 . LEU   A 1 119 ? 1.02015   5.64650   -6.01548  1.000 34.10000  ? 290 LEU   A CD1 1 
ATOM   943  C CD2 . LEU   A 1 119 ? 2.03710   6.64205   -3.96232  1.000 29.52000  ? 290 LEU   A CD2 1 
ATOM   944  N N   . ALA   A 1 120 ? -2.80550  6.24988   -3.07809  1.000 27.46000  ? 291 ALA   A N   1 
ATOM   945  C CA  . ALA   A 1 120 ? -3.42433  5.25024   -2.21694  1.000 29.33000  ? 291 ALA   A CA  1 
ATOM   946  C C   . ALA   A 1 120 ? -4.71248  4.71263   -2.82630  1.000 25.77000  ? 291 ALA   A C   1 
ATOM   947  O O   . ALA   A 1 120 ? -5.01331  3.52012   -2.69595  1.000 29.10000  ? 291 ALA   A O   1 
ATOM   948  C CB  . ALA   A 1 120 ? -3.68793  5.84362   -0.83523  1.000 29.85000  ? 291 ALA   A CB  1 
ATOM   949  N N   . GLU   A 1 121 ? -5.48743  5.57126   -3.49632  1.000 31.41000  ? 292 GLU   A N   1 
ATOM   950  C CA  . GLU   A 1 121 ? -6.72840  5.10897   -4.11411  1.000 30.61000  ? 292 GLU   A CA  1 
ATOM   951  C C   . GLU   A 1 121 ? -6.44900  4.08373   -5.20541  1.000 28.21000  ? 292 GLU   A C   1 
ATOM   952  O O   . GLU   A 1 121 ? -7.02508  2.99201   -5.20519  1.000 25.52000  ? 292 GLU   A O   1 
ATOM   953  C CB  . GLU   A 1 121 ? -7.52314  6.28921   -4.67844  1.000 38.61000  ? 292 GLU   A CB  1 
ATOM   954  C CG  . GLU   A 1 121 ? -7.30543  7.59477   -3.94964  1.000 40.00000  ? 292 GLU   A CG  1 
ATOM   955  C CD  . GLU   A 1 121 ? -8.40421  8.60373   -4.19651  1.000 45.55000  ? 292 GLU   A CD  1 
ATOM   956  O OE1 . GLU   A 1 121 ? -8.52309  9.09362   -5.33984  1.000 48.19000  ? 292 GLU   A OE1 1 
ATOM   957  O OE2 . GLU   A 1 121 ? -9.14565  8.91421   -3.24150  1.000 46.71000  ? 292 GLU   A OE2 1 
ATOM   958  N N   . SER   A 1 122 ? -5.55143  4.41010   -6.13973  1.000 29.07000  ? 293 SER   A N   1 
ATOM   959  C CA  . SER   A 1 122 ? -5.32769  3.52072   -7.27393  1.000 29.19000  ? 293 SER   A CA  1 
ATOM   960  C C   . SER   A 1 122 ? -4.72498  2.19370   -6.82633  1.000 29.61000  ? 293 SER   A C   1 
ATOM   961  O O   . SER   A 1 122 ? -5.04232  1.14163   -7.39419  1.000 29.31000  ? 293 SER   A O   1 
ATOM   962  C CB  . SER   A 1 122 ? -4.43274  4.20099   -8.30885  1.000 34.38000  ? 293 SER   A CB  1 
ATOM   963  O OG  . SER   A 1 122 ? -3.65237  3.24363   -9.00190  1.000 45.29000  ? 293 SER   A OG  1 
ATOM   964  N N   . ILE   A 1 123 ? -3.86201  2.21864   -5.80755  1.000 30.16000  ? 294 ILE   A N   1 
ATOM   965  C CA  . ILE   A 1 123 ? -3.33274  0.97828   -5.24585  1.000 26.63000  ? 294 ILE   A CA  1 
ATOM   966  C C   . ILE   A 1 123 ? -4.44130  0.18671   -4.56412  1.000 28.97000  ? 294 ILE   A C   1 
ATOM   967  O O   . ILE   A 1 123 ? -4.59543  -1.01926  -4.79217  1.000 26.55000  ? 294 ILE   A O   1 
ATOM   968  C CB  . ILE   A 1 123 ? -2.17938  1.27312   -4.27173  1.000 30.72000  ? 294 ILE   A CB  1 
ATOM   969  C CG1 . ILE   A 1 123 ? -0.96230  1.79180   -5.03271  1.000 31.85000  ? 294 ILE   A CG1 1 
ATOM   970  C CG2 . ILE   A 1 123 ? -1.83815  0.03308   -3.45769  1.000 23.90000  ? 294 ILE   A CG2 1 
ATOM   971  C CD1 . ILE   A 1 123 ? 0.19794   2.12148   -4.13897  1.000 35.44000  ? 294 ILE   A CD1 1 
ATOM   972  N N   . THR   A 1 124 ? -5.21344  0.84906   -3.69785  1.000 22.61000  ? 295 THR   A N   1 
ATOM   973  C CA  . THR   A 1 124 ? -6.39744  0.20928   -3.13367  1.000 27.35000  ? 295 THR   A CA  1 
ATOM   974  C C   . THR   A 1 124 ? -7.33468  -0.25876  -4.23497  1.000 27.03000  ? 295 THR   A C   1 
ATOM   975  O O   . THR   A 1 124 ? -7.84374  -1.38465  -4.19236  1.000 27.13000  ? 295 THR   A O   1 
ATOM   976  C CB  . THR   A 1 124 ? -7.13681  1.16630   -2.19945  1.000 25.89000  ? 295 THR   A CB  1 
ATOM   977  O OG1 . THR   A 1 124 ? -6.23497  1.67641   -1.21218  1.000 24.30000  ? 295 THR   A OG1 1 
ATOM   978  C CG2 . THR   A 1 124 ? -8.29907  0.45004   -1.50308  1.000 21.82000  ? 295 THR   A CG2 1 
ATOM   979  N N   . ASP   A 1 125 ? -7.56051  0.58943   -5.24094  1.000 31.43000  ? 296 ASP   A N   1 
ATOM   980  C CA  . ASP   A 1 125 ? -8.46063  0.22512   -6.32836  1.000 35.97000  ? 296 ASP   A CA  1 
ATOM   981  C C   . ASP   A 1 125 ? -8.02078  -1.07740  -6.98221  1.000 35.77000  ? 296 ASP   A C   1 
ATOM   982  O O   . ASP   A 1 125 ? -8.73367  -2.08364  -6.92118  1.000 32.76000  ? 296 ASP   A O   1 
ATOM   983  C CB  . ASP   A 1 125 ? -8.53057  1.35876   -7.35333  1.000 42.17000  ? 296 ASP   A CB  1 
ATOM   984  C CG  . ASP   A 1 125 ? -9.84274  1.37880   -8.11184  1.000 53.51000  ? 296 ASP   A CG  1 
ATOM   985  O OD1 . ASP   A 1 125 ? -10.85517 0.90216   -7.55499  1.000 79.15000  ? 296 ASP   A OD1 1 
ATOM   986  O OD2 . ASP   A 1 125 ? -9.86945  1.89359   -9.25048  1.000 59.34000  ? 296 ASP   A OD2 1 
ATOM   987  N N   . VAL   A 1 126 ? -6.81997  -1.09615  -7.56367  1.000 32.86000  ? 297 VAL   A N   1 
ATOM   988  C CA  . VAL   A 1 126 ? -6.37990  -2.28529  -8.28654  1.000 31.95000  ? 297 VAL   A CA  1 
ATOM   989  C C   . VAL   A 1 126 ? -6.24988  -3.48567  -7.35327  1.000 33.80000  ? 297 VAL   A C   1 
ATOM   990  O O   . VAL   A 1 126 ? -6.39973  -4.63235  -7.79083  1.000 34.45000  ? 297 VAL   A O   1 
ATOM   991  C CB  . VAL   A 1 126 ? -5.06496  -2.00474  -9.04007  1.000 36.57000  ? 297 VAL   A CB  1 
ATOM   992  C CG1 . VAL   A 1 126 ? -3.86760  -2.01906  -8.08892  1.000 31.98000  ? 297 VAL   A CG1 1 
ATOM   993  C CG2 . VAL   A 1 126 ? -4.89333  -2.99431  -10.18143 1.000 38.23000  ? 297 VAL   A CG2 1 
ATOM   994  N N   . LEU   A 1 127 ? -5.99209  -3.25799  -6.06280  1.000 27.73000  ? 298 LEU   A N   1 
ATOM   995  C CA  . LEU   A 1 127 ? -5.91162  -4.37621  -5.12726  1.000 31.54000  ? 298 LEU   A CA  1 
ATOM   996  C C   . LEU   A 1 127 ? -7.28388  -5.00249  -4.91190  1.000 29.53000  ? 298 LEU   A C   1 
ATOM   997  O O   . LEU   A 1 127 ? -7.45135  -6.22000  -5.05467  1.000 30.10000  ? 298 LEU   A O   1 
ATOM   998  C CB  . LEU   A 1 127 ? -5.31813  -3.91281  -3.79338  1.000 26.08000  ? 298 LEU   A CB  1 
ATOM   999  C CG  . LEU   A 1 127 ? -5.12480  -4.93091  -2.65894  1.000 23.10000  ? 298 LEU   A CG  1 
ATOM   1000 C CD1 . LEU   A 1 127 ? -4.70004  -6.30427  -3.17592  1.000 25.57000  ? 298 LEU   A CD1 1 
ATOM   1001 C CD2 . LEU   A 1 127 ? -4.14003  -4.41417  -1.61783  1.000 30.07000  ? 298 LEU   A CD2 1 
ATOM   1002 N N   . VAL   A 1 128 ? -8.28375  -4.17986  -4.58757  1.000 32.37000  ? 299 VAL   A N   1 
ATOM   1003 C CA  . VAL   A 1 128 ? -9.59740  -4.70835  -4.23439  1.000 32.06000  ? 299 VAL   A CA  1 
ATOM   1004 C C   . VAL   A 1 128 ? -10.30170 -5.29127  -5.45499  1.000 33.13000  ? 299 VAL   A C   1 
ATOM   1005 O O   . VAL   A 1 128 ? -10.89087 -6.37428  -5.38211  1.000 33.30000  ? 299 VAL   A O   1 
ATOM   1006 C CB  . VAL   A 1 128 ? -10.44478 -3.62103  -3.54675  1.000 33.01000  ? 299 VAL   A CB  1 
ATOM   1007 C CG1 . VAL   A 1 128 ? -11.82210 -4.15894  -3.19347  1.000 30.27000  ? 299 VAL   A CG1 1 
ATOM   1008 C CG2 . VAL   A 1 128 ? -9.74890  -3.13254  -2.28940  1.000 31.51000  ? 299 VAL   A CG2 1 
ATOM   1009 N N   . ARG   A 1 129 ? -10.25472 -4.59657  -6.59564  1.000 32.70000  ? 300 ARG   A N   1 
ATOM   1010 C CA  . ARG   A 1 129 ? -10.96161 -5.09034  -7.77889  1.000 34.08000  ? 300 ARG   A CA  1 
ATOM   1011 C C   . ARG   A 1 129 ? -10.39816 -6.42104  -8.25488  1.000 31.66000  ? 300 ARG   A C   1 
ATOM   1012 O O   . ARG   A 1 129 ? -11.14857 -7.29650  -8.70357  1.000 36.01000  ? 300 ARG   A O   1 
ATOM   1013 C CB  . ARG   A 1 129 ? -10.90048 -4.06615  -8.91173  1.000 34.90000  ? 300 ARG   A CB  1 
ATOM   1014 C CG  . ARG   A 1 129 ? -11.25717 -2.64704  -8.51326  1.000 43.86000  ? 300 ARG   A CG  1 
ATOM   1015 C CD  . ARG   A 1 129 ? -12.56799 -2.18270  -9.11731  1.000 55.74000  ? 300 ARG   A CD  1 
ATOM   1016 N NE  . ARG   A 1 129 ? -12.54943 -0.73483  -9.29889  1.000 63.62000  ? 300 ARG   A NE  1 
ATOM   1017 C CZ  . ARG   A 1 129 ? -13.59972 0.01052   -9.61518  1.000 66.65000  ? 300 ARG   A CZ  1 
ATOM   1018 N NH1 . ARG   A 1 129 ? -14.79738 -0.52125  -9.80424  1.000 63.64000  ? 300 ARG   A NH1 1 
ATOM   1019 N NH2 . ARG   A 1 129 ? -13.44310 1.32415   -9.74933  1.000 69.82000  ? 300 ARG   A NH2 1 
ATOM   1020 N N   . THR   A 1 130 ? -9.07979  -6.59138  -8.17324  1.000 30.43000  ? 301 THR   A N   1 
ATOM   1021 C CA  . THR   A 1 130 ? -8.42825  -7.79476  -8.67450  1.000 30.68000  ? 301 THR   A CA  1 
ATOM   1022 C C   . THR   A 1 130 ? -8.42914  -8.94225  -7.67288  1.000 35.16000  ? 301 THR   A C   1 
ATOM   1023 O O   . THR   A 1 130 ? -8.52235  -10.10659 -8.07937  1.000 37.75000  ? 301 THR   A O   1 
ATOM   1024 C CB  . THR   A 1 130 ? -6.98133  -7.47863  -9.07721  1.000 34.10000  ? 301 THR   A CB  1 
ATOM   1025 O OG1 . THR   A 1 130 ? -6.95592  -6.31270  -9.91091  1.000 31.33000  ? 301 THR   A OG1 1 
ATOM   1026 C CG2 . THR   A 1 130 ? -6.35907  -8.63975  -9.83284  1.000 36.13000  ? 301 THR   A CG2 1 
ATOM   1027 N N   . LYS   A 1 131 ? -8.34679  -8.65056  -6.37397  1.000 33.61000  ? 302 LYS   A N   1 
ATOM   1028 C CA  . LYS   A 1 131 ? -8.17227  -9.68733  -5.36465  1.000 30.05000  ? 302 LYS   A CA  1 
ATOM   1029 C C   . LYS   A 1 131 ? -9.29421  -9.69983  -4.33266  1.000 34.21000  ? 302 LYS   A C   1 
ATOM   1030 O O   . LYS   A 1 131 ? -9.10369  -10.22722 -3.23346  1.000 32.64000  ? 302 LYS   A O   1 
ATOM   1031 C CB  . LYS   A 1 131 ? -6.82276  -9.52572  -4.66258  1.000 33.59000  ? 302 LYS   A CB  1 
ATOM   1032 C CG  . LYS   A 1 131 ? -5.63303  -9.41003  -5.59953  1.000 32.46000  ? 302 LYS   A CG  1 
ATOM   1033 C CD  . LYS   A 1 131 ? -5.49311  -10.62901 -6.48975  1.000 32.85000  ? 302 LYS   A CD  1 
ATOM   1034 C CE  . LYS   A 1 131 ? -4.36751  -10.43376 -7.48996  1.000 37.92000  ? 302 LYS   A CE  1 
ATOM   1035 N NZ  . LYS   A 1 131 ? -4.24540  -11.58038 -8.42654  1.000 37.30000  ? 302 LYS   A NZ  1 
ATOM   1036 N N   . ARG   A 1 132 ? -10.45694 -9.12854  -4.65960  1.000 27.92000  ? 303 ARG   A N   1 
ATOM   1037 C CA  . ARG   A 1 132 ? -11.58394 -9.11675  -3.72908  1.000 34.87000  ? 303 ARG   A CA  1 
ATOM   1038 C C   . ARG   A 1 132 ? -11.89667 -10.51519 -3.22109  1.000 34.54000  ? 303 ARG   A C   1 
ATOM   1039 O O   . ARG   A 1 132 ? -11.92541 -10.76837 -2.01114  1.000 35.96000  ? 303 ARG   A O   1 
ATOM   1040 C CB  . ARG   A 1 132 ? -12.82186 -8.53858  -4.40810  1.000 35.12000  ? 303 ARG   A CB  1 
ATOM   1041 C CG  . ARG   A 1 132 ? -14.04312 -8.52810  -3.51051  1.000 31.10000  ? 303 ARG   A CG  1 
ATOM   1042 C CD  . ARG   A 1 132 ? -15.23124 -7.95253  -4.25190  1.000 36.51000  ? 303 ARG   A CD  1 
ATOM   1043 N NE  . ARG   A 1 132 ? -15.20719 -6.49659  -4.24300  1.000 38.35000  ? 303 ARG   A NE  1 
ATOM   1044 C CZ  . ARG   A 1 132 ? -15.57775 -5.74202  -3.21796  1.000 38.94000  ? 303 ARG   A CZ  1 
ATOM   1045 N NH1 . ARG   A 1 132 ? -16.04929 -6.27356  -2.09982  1.000 38.21000  ? 303 ARG   A NH1 1 
ATOM   1046 N NH2 . ARG   A 1 132 ? -15.47306 -4.41973  -3.31645  1.000 37.42000  ? 303 ARG   A NH2 1 
ATOM   1047 N N   . ASP   A 1 133 ? -12.15085 -11.43318 -4.15602  1.000 33.56000  ? 304 ASP   A N   1 
ATOM   1048 C CA  . ASP   A 1 133 ? -12.49771 -12.80530 -3.80957  1.000 39.54000  ? 304 ASP   A CA  1 
ATOM   1049 C C   . ASP   A 1 133 ? -11.45461 -13.43075 -2.89595  1.000 40.04000  ? 304 ASP   A C   1 
ATOM   1050 O O   . ASP   A 1 133 ? -11.79667 -14.12628 -1.93375  1.000 38.56000  ? 304 ASP   A O   1 
ATOM   1051 C CB  . ASP   A 1 133 ? -12.68134 -13.61488 -5.09664  1.000 43.87000  ? 304 ASP   A CB  1 
ATOM   1052 C CG  . ASP   A 1 133 ? -12.92010 -15.09039 -4.84114  1.000 48.80000  ? 304 ASP   A CG  1 
ATOM   1053 O OD1 . ASP   A 1 133 ? -11.96954 -15.81319 -4.47612  1.000 48.98000  ? 304 ASP   A OD1 1 
ATOM   1054 O OD2 . ASP   A 1 133 ? -14.08858 -15.51199 -4.95557  1.000 53.58000  ? 304 ASP   A OD2 1 
ATOM   1055 N N   . TRP   A 1 134 ? -10.17574 -13.19024 -3.17551  1.000 39.84000  ? 305 TRP   A N   1 
ATOM   1056 C CA  . TRP   A 1 134 ? -9.13943  -13.76290 -2.32729  1.000 36.13000  ? 305 TRP   A CA  1 
ATOM   1057 C C   . TRP   A 1 134 ? -9.09898  -13.07100 -0.97092  1.000 35.06000  ? 305 TRP   A C   1 
ATOM   1058 O O   . TRP   A 1 134 ? -8.89827  -13.72607 0.05644   1.000 37.70000  ? 305 TRP   A O   1 
ATOM   1059 C CB  . TRP   A 1 134 ? -7.78586  -13.68491 -3.03318  1.000 35.74000  ? 305 TRP   A CB  1 
ATOM   1060 C CG  . TRP   A 1 134 ? -6.64910  -14.32835 -2.27935  1.000 33.12000  ? 305 TRP   A CG  1 
ATOM   1061 C CD1 . TRP   A 1 134 ? -6.14591  -15.58471 -2.47022  1.000 31.86000  ? 305 TRP   A CD1 1 
ATOM   1062 C CD2 . TRP   A 1 134 ? -5.84777  -13.72886 -1.25421  1.000 32.60000  ? 305 TRP   A CD2 1 
ATOM   1063 N NE1 . TRP   A 1 134 ? -5.09693  -15.81159 -1.61101  1.000 34.75000  ? 305 TRP   A NE1 1 
ATOM   1064 C CE2 . TRP   A 1 134 ? -4.89242  -14.68679 -0.85535  1.000 34.80000  ? 305 TRP   A CE2 1 
ATOM   1065 C CE3 . TRP   A 1 134 ? -5.85018  -12.47962 -0.62735  1.000 29.83000  ? 305 TRP   A CE3 1 
ATOM   1066 C CZ2 . TRP   A 1 134 ? -3.95220  -14.43266 0.14178   1.000 34.33000  ? 305 TRP   A CZ2 1 
ATOM   1067 C CZ3 . TRP   A 1 134 ? -4.91583  -12.23039 0.36000   1.000 32.89000  ? 305 TRP   A CZ3 1 
ATOM   1068 C CH2 . TRP   A 1 134 ? -3.98097  -13.20170 0.73511   1.000 33.32000  ? 305 TRP   A CH2 1 
ATOM   1069 N N   . LEU   A 1 135 ? -9.32042  -11.75334 -0.94163  1.000 32.92000  ? 306 LEU   A N   1 
ATOM   1070 C CA  . LEU   A 1 135 ? -9.25559  -11.01544 0.31745   1.000 34.92000  ? 306 LEU   A CA  1 
ATOM   1071 C C   . LEU   A 1 135 ? -10.37117 -11.42267 1.27388   1.000 35.04000  ? 306 LEU   A C   1 
ATOM   1072 O O   . LEU   A 1 135 ? -10.17186 -11.44071 2.49442   1.000 36.90000  ? 306 LEU   A O   1 
ATOM   1073 C CB  . LEU   A 1 135 ? -9.31000  -9.51237  0.04951   1.000 31.53000  ? 306 LEU   A CB  1 
ATOM   1074 C CG  . LEU   A 1 135 ? -8.02235  -8.90821  -0.51013  1.000 30.05000  ? 306 LEU   A CG  1 
ATOM   1075 C CD1 . LEU   A 1 135 ? -8.22721  -7.45496  -0.91060  1.000 27.66000  ? 306 LEU   A CD1 1 
ATOM   1076 C CD2 . LEU   A 1 135 ? -6.90157  -9.03712  0.50907   1.000 22.86000  ? 306 LEU   A CD2 1 
ATOM   1077 N N   . VAL   A 1 136 ? -11.55391 -11.74268 0.74539   1.000 37.46000  ? 307 VAL   A N   1 
ATOM   1078 C CA  . VAL   A 1 136 ? -12.66005 -12.12496 1.61625   1.000 36.10000  ? 307 VAL   A CA  1 
ATOM   1079 C C   . VAL   A 1 136 ? -12.42625 -13.50978 2.20670   1.000 37.80000  ? 307 VAL   A C   1 
ATOM   1080 O O   . VAL   A 1 136 ? -12.65667 -13.73293 3.40191   1.000 39.11000  ? 307 VAL   A O   1 
ATOM   1081 C CB  . VAL   A 1 136 ? -13.99820 -12.04241 0.85947   1.000 38.77000  ? 307 VAL   A CB  1 
ATOM   1082 C CG1 . VAL   A 1 136 ? -15.14662 -12.48903 1.75345   1.000 42.39000  ? 307 VAL   A CG1 1 
ATOM   1083 C CG2 . VAL   A 1 136 ? -14.23710 -10.62188 0.37072   1.000 36.96000  ? 307 VAL   A CG2 1 
ATOM   1084 N N   . LYS   A 1 137 ? -11.95540 -14.45940 1.39124   1.000 37.05000  ? 308 LYS   A N   1 
ATOM   1085 C CA  . LYS   A 1 137 ? -11.72229 -15.80801 1.89710   1.000 38.83000  ? 308 LYS   A CA  1 
ATOM   1086 C C   . LYS   A 1 137 ? -10.64403 -15.83028 2.97299   1.000 40.48000  ? 308 LYS   A C   1 
ATOM   1087 O O   . LYS   A 1 137 ? -10.67356 -16.68888 3.86224   1.000 40.49000  ? 308 LYS   A O   1 
ATOM   1088 C CB  . LYS   A 1 137 ? -11.35340 -16.76455 0.75807   1.000 38.99000  ? 308 LYS   A CB  1 
ATOM   1089 C CG  . LYS   A 1 137 ? -12.44861 -17.00591 -0.27027  1.000 42.52000  ? 308 LYS   A CG  1 
ATOM   1090 C CD  . LYS   A 1 137 ? -12.08324 -18.15285 -1.19931  1.000 46.92000  ? 308 LYS   A CD  1 
ATOM   1091 C CE  . LYS   A 1 137 ? -12.73172 -18.01253 -2.56353  1.000 47.33000  ? 308 LYS   A CE  1 
ATOM   1092 N NZ  . LYS   A 1 137 ? -12.61659 -19.27636 -3.34205  1.000 49.35000  ? 308 LYS   A NZ  1 
ATOM   1093 N N   . GLN   A 1 138 ? -9.69266  -14.89879 2.92319   1.000 39.45000  ? 309 GLN   A N   1 
ATOM   1094 C CA  . GLN   A 1 138 ? -8.66455  -14.80907 3.95038   1.000 38.17000  ? 309 GLN   A CA  1 
ATOM   1095 C C   . GLN   A 1 138 ? -9.06078  -13.89021 5.09931   1.000 37.99000  ? 309 GLN   A C   1 
ATOM   1096 O O   . GLN   A 1 138 ? -8.18354  -13.41609 5.83071   1.000 37.55000  ? 309 GLN   A O   1 
ATOM   1097 C CB  . GLN   A 1 138 ? -7.33729  -14.35759 3.33838   1.000 38.45000  ? 309 GLN   A CB  1 
ATOM   1098 C CG  . GLN   A 1 138 ? -7.00606  -15.01466 2.01356   1.000 37.16000  ? 309 GLN   A CG  1 
ATOM   1099 C CD  . GLN   A 1 138 ? -6.54122  -16.45171 2.15828   1.000 40.61000  ? 309 GLN   A CD  1 
ATOM   1100 O OE1 . GLN   A 1 138 ? -6.75702  -17.27203 1.26599   1.000 45.95000  ? 309 GLN   A OE1 1 
ATOM   1101 N NE2 . GLN   A 1 138 ? -5.88369  -16.75960 3.27337   1.000 44.37000  ? 309 GLN   A NE2 1 
ATOM   1102 N N   . ARG   A 1 139 ? -10.35819 -13.63167 5.26638   1.000 39.64000  ? 310 ARG   A N   1 
ATOM   1103 C CA  . ARG   A 1 139 ? -10.89090 -12.82893 6.36883   1.000 39.70000  ? 310 ARG   A CA  1 
ATOM   1104 C C   . ARG   A 1 139 ? -10.31306 -11.41707 6.38333   1.000 39.53000  ? 310 ARG   A C   1 
ATOM   1105 O O   . ARG   A 1 139 ? -10.12626 -10.82135 7.44817   1.000 38.18000  ? 310 ARG   A O   1 
ATOM   1106 C CB  . ARG   A 1 139 ? -10.66898 -13.51272 7.72144   1.000 43.07000  ? 310 ARG   A CB  1 
ATOM   1107 C CG  . ARG   A 1 139 ? -11.62402 -14.66659 7.99251   1.000 45.69000  ? 310 ARG   A CG  1 
ATOM   1108 C CD  . ARG   A 1 139 ? -11.21719 -15.48724 9.21320   1.000 49.15000  ? 310 ARG   A CD  1 
ATOM   1109 N NE  . ARG   A 1 139 ? -10.49692 -14.70860 10.21500  1.000 53.11000  ? 310 ARG   A NE  1 
ATOM   1110 C CZ  . ARG   A 1 139 ? -11.04833 -13.78126 10.98793  1.000 66.95000  ? 310 ARG   A CZ  1 
ATOM   1111 N NH1 . ARG   A 1 139 ? -12.33675 -13.49204 10.90973  1.000 56.32000  ? 310 ARG   A NH1 1 
ATOM   1112 N NH2 . ARG   A 1 139 ? -10.28735 -13.12876 11.86186  1.000 49.61000  ? 310 ARG   A NH2 1 
ATOM   1113 N N   . GLY   A 1 140 ? -10.02189 -10.87857 5.20131   1.000 36.16000  ? 311 GLY   A N   1 
ATOM   1114 C CA  . GLY   A 1 140 ? -9.65391  -9.47877  5.08936   1.000 32.34000  ? 311 GLY   A CA  1 
ATOM   1115 C C   . GLY   A 1 140 ? -8.39922  -9.13714  5.86483   1.000 30.08000  ? 311 GLY   A C   1 
ATOM   1116 O O   . GLY   A 1 140 ? -7.42015  -9.89171  5.88769   1.000 30.51000  ? 311 GLY   A O   1 
ATOM   1117 N N   . TRP   A 1 141 ? -8.43394  -7.97954  6.52697   1.000 28.93000  ? 312 TRP   A N   1 
ATOM   1118 C CA  . TRP   A 1 141 ? -7.24866  -7.45026  7.18971   1.000 29.54000  ? 312 TRP   A CA  1 
ATOM   1119 C C   . TRP   A 1 141 ? -6.97795  -8.10100  8.53770   1.000 31.65000  ? 312 TRP   A C   1 
ATOM   1120 O O   . TRP   A 1 141 ? -5.86521  -7.96843  9.05912   1.000 25.40000  ? 312 TRP   A O   1 
ATOM   1121 C CB  . TRP   A 1 141 ? -7.38406  -5.93690  7.35540   1.000 28.40000  ? 312 TRP   A CB  1 
ATOM   1122 C CG  . TRP   A 1 141 ? -7.29893  -5.22824  6.04716   1.000 24.40000  ? 312 TRP   A CG  1 
ATOM   1123 C CD1 . TRP   A 1 141 ? -8.33052  -4.67383  5.34547   1.000 27.40000  ? 312 TRP   A CD1 1 
ATOM   1124 C CD2 . TRP   A 1 141 ? -6.12067  -5.02082  5.26289   1.000 23.89000  ? 312 TRP   A CD2 1 
ATOM   1125 N NE1 . TRP   A 1 141 ? -7.86285  -4.12299  4.17550   1.000 27.28000  ? 312 TRP   A NE1 1 
ATOM   1126 C CE2 . TRP   A 1 141 ? -6.50966  -4.32327  4.10197   1.000 22.98000  ? 312 TRP   A CE2 1 
ATOM   1127 C CE3 . TRP   A 1 141 ? -4.77330  -5.35186  5.43114   1.000 21.92000  ? 312 TRP   A CE3 1 
ATOM   1128 C CZ2 . TRP   A 1 141 ? -5.59881  -3.95080  3.11717   1.000 22.11000  ? 312 TRP   A CZ2 1 
ATOM   1129 C CZ3 . TRP   A 1 141 ? -3.87225  -4.98211  4.45287   1.000 20.76000  ? 312 TRP   A CZ3 1 
ATOM   1130 C CH2 . TRP   A 1 141 ? -4.28800  -4.28809  3.31020   1.000 21.26000  ? 312 TRP   A CH2 1 
ATOM   1131 N N   . ASP   A 1 142 ? -7.96080  -8.79405  9.11457   1.000 33.66000  ? 313 ASP   A N   1 
ATOM   1132 C CA  . ASP   A 1 142 ? -7.68553  -9.58365  10.31008  1.000 32.14000  ? 313 ASP   A CA  1 
ATOM   1133 C C   . ASP   A 1 142 ? -6.78413  -10.76632 9.98342   1.000 34.11000  ? 313 ASP   A C   1 
ATOM   1134 O O   . ASP   A 1 142 ? -5.85864  -11.07646 10.74123  1.000 36.35000  ? 313 ASP   A O   1 
ATOM   1135 C CB  . ASP   A 1 142 ? -8.99200  -10.05788 10.94807  1.000 38.88000  ? 313 ASP   A CB  1 
ATOM   1136 C CG  . ASP   A 1 142 ? -9.83823  -8.91165  11.46378  1.000 39.69000  ? 313 ASP   A CG  1 
ATOM   1137 O OD1 . ASP   A 1 142 ? -9.30714  -8.07631  12.22264  1.000 39.92000  ? 313 ASP   A OD1 1 
ATOM   1138 O OD2 . ASP   A 1 142 ? -11.03736 -8.84860  11.11652  1.000 43.09000  ? 313 ASP   A OD2 1 
ATOM   1139 N N   . GLY   A 1 143 ? -7.03753  -11.43740 8.85699   1.000 35.74000  ? 314 GLY   A N   1 
ATOM   1140 C CA  . GLY   A 1 143 ? -6.13975  -12.49137 8.42118   1.000 33.58000  ? 314 GLY   A CA  1 
ATOM   1141 C C   . GLY   A 1 143 ? -4.76017  -11.97130 8.07965   1.000 35.68000  ? 314 GLY   A C   1 
ATOM   1142 O O   . GLY   A 1 143 ? -3.76587  -12.67991 8.24835   1.000 35.79000  ? 314 GLY   A O   1 
ATOM   1143 N N   . PHE   A 1 144 ? -4.68254  -10.73131 7.59220   1.000 36.28000  ? 315 PHE   A N   1 
ATOM   1144 C CA  . PHE   A 1 144 ? -3.39234  -10.08514 7.37917   1.000 30.81000  ? 315 PHE   A CA  1 
ATOM   1145 C C   . PHE   A 1 144 ? -2.61002  -9.97381  8.68305   1.000 34.98000  ? 315 PHE   A C   1 
ATOM   1146 O O   . PHE   A 1 144 ? -1.42384  -10.31421 8.74170   1.000 33.57000  ? 315 PHE   A O   1 
ATOM   1147 C CB  . PHE   A 1 144 ? -3.60586  -8.70496  6.76238   1.000 30.73000  ? 315 PHE   A CB  1 
ATOM   1148 C CG  . PHE   A 1 144 ? -2.36127  -7.87301  6.70158   1.000 27.86000  ? 315 PHE   A CG  1 
ATOM   1149 C CD1 . PHE   A 1 144 ? -1.29734  -8.25541  5.90936   1.000 31.98000  ? 315 PHE   A CD1 1 
ATOM   1150 C CD2 . PHE   A 1 144 ? -2.25734  -6.70648  7.44085   1.000 27.65000  ? 315 PHE   A CD2 1 
ATOM   1151 C CE1 . PHE   A 1 144 ? -0.15088  -7.49124  5.85612   1.000 26.49000  ? 315 PHE   A CE1 1 
ATOM   1152 C CE2 . PHE   A 1 144 ? -1.11396  -5.93614  7.39016   1.000 27.72000  ? 315 PHE   A CE2 1 
ATOM   1153 C CZ  . PHE   A 1 144 ? -0.05888  -6.32996  6.59567   1.000 28.55000  ? 315 PHE   A CZ  1 
ATOM   1154 N N   . VAL   A 1 145 ? -3.26489  -9.49081  9.74175   1.000 34.55000  ? 316 VAL   A N   1 
ATOM   1155 C CA  . VAL   A 1 145 ? -2.58531  -9.30746  11.02040  1.000 35.06000  ? 316 VAL   A CA  1 
ATOM   1156 C C   . VAL   A 1 145 ? -2.20562  -10.65521 11.62187  1.000 38.65000  ? 316 VAL   A C   1 
ATOM   1157 O O   . VAL   A 1 145 ? -1.08411  -10.83826 12.10873  1.000 41.54000  ? 316 VAL   A O   1 
ATOM   1158 C CB  . VAL   A 1 145 ? -3.46918  -8.48485  11.97530  1.000 36.52000  ? 316 VAL   A CB  1 
ATOM   1159 C CG1 . VAL   A 1 145 ? -2.90190  -8.50946  13.39036  1.000 38.13000  ? 316 VAL   A CG1 1 
ATOM   1160 C CG2 . VAL   A 1 145 ? -3.60812  -7.05764  11.47132  1.000 32.76000  ? 316 VAL   A CG2 1 
ATOM   1161 N N   . GLU   A 1 146 ? -3.12788  -11.62035 11.58848  1.000 39.27000  ? 317 GLU   A N   1 
ATOM   1162 C CA  . GLU   A 1 146 ? -2.85076  -12.93340 12.16108  1.000 40.25000  ? 317 GLU   A CA  1 
ATOM   1163 C C   . GLU   A 1 146 ? -1.75329  -13.66366 11.39753  1.000 42.33000  ? 317 GLU   A C   1 
ATOM   1164 O O   . GLU   A 1 146 ? -1.00202  -14.44622 11.99094  1.000 45.13000  ? 317 GLU   A O   1 
ATOM   1165 C CB  . GLU   A 1 146 ? -4.13109  -13.76894 12.18622  1.000 40.69000  ? 317 GLU   A CB  1 
ATOM   1166 C CG  . GLU   A 1 146 ? -4.13002  -14.90174 13.19978  1.000 45.22000  ? 317 GLU   A CG  1 
ATOM   1167 C CD  . GLU   A 1 146 ? -5.37709  -15.76011 13.10406  1.000 40.26000  ? 317 GLU   A CD  1 
ATOM   1168 O OE1 . GLU   A 1 146 ? -6.45456  -15.20838 12.79950  1.000 48.56000  ? 317 GLU   A OE1 1 
ATOM   1169 O OE2 . GLU   A 1 146 ? -5.28167  -16.98462 13.33659  1.000 45.82000  ? 317 GLU   A OE2 1 
ATOM   1170 N N   . PHE   A 1 147 ? -1.64127  -13.42024 10.08994  1.000 40.34000  ? 318 PHE   A N   1 
ATOM   1171 C CA  . PHE   A 1 147 ? -0.60378  -14.07102 9.29505   1.000 41.03000  ? 318 PHE   A CA  1 
ATOM   1172 C C   . PHE   A 1 147 ? 0.78068   -13.57635 9.69045   1.000 42.45000  ? 318 PHE   A C   1 
ATOM   1173 O O   . PHE   A 1 147 ? 1.70897   -14.37256 9.87420   1.000 46.47000  ? 318 PHE   A O   1 
ATOM   1174 C CB  . PHE   A 1 147 ? -0.86525  -13.82896 7.80861   1.000 42.68000  ? 318 PHE   A CB  1 
ATOM   1175 C CG  . PHE   A 1 147 ? 0.13174   -14.48423 6.89873   1.000 43.06000  ? 318 PHE   A CG  1 
ATOM   1176 C CD1 . PHE   A 1 147 ? 0.17088   -15.86267 6.76665   1.000 45.41000  ? 318 PHE   A CD1 1 
ATOM   1177 C CD2 . PHE   A 1 147 ? 1.02083   -13.72020 6.16431   1.000 42.19000  ? 318 PHE   A CD2 1 
ATOM   1178 C CE1 . PHE   A 1 147 ? 1.08680   -16.46567 5.92597   1.000 44.18000  ? 318 PHE   A CE1 1 
ATOM   1179 C CE2 . PHE   A 1 147 ? 1.93833   -14.31572 5.32037   1.000 43.71000  ? 318 PHE   A CE2 1 
ATOM   1180 C CZ  . PHE   A 1 147 ? 1.97135   -15.69048 5.20025   1.000 46.63000  ? 318 PHE   A CZ  1 
ATOM   1181 N N   . PHE   A 1 148 ? 0.93971   -12.26037 9.82524   1.000 41.57000  ? 319 PHE   A N   1 
ATOM   1182 C CA  . PHE   A 1 148 ? 2.19976   -11.64502 10.21313  1.000 43.20000  ? 319 PHE   A CA  1 
ATOM   1183 C C   . PHE   A 1 148 ? 2.30582   -11.43270 11.71997  1.000 45.21000  ? 319 PHE   A C   1 
ATOM   1184 O O   . PHE   A 1 148 ? 3.02026   -10.52242 12.15751  1.000 44.43000  ? 319 PHE   A O   1 
ATOM   1185 C CB  . PHE   A 1 148 ? 2.36603   -10.30398 9.49411   1.000 40.86000  ? 319 PHE   A CB  1 
ATOM   1186 C CG  . PHE   A 1 148 ? 2.71876   -10.42593 8.04016   1.000 39.21000  ? 319 PHE   A CG  1 
ATOM   1187 C CD1 . PHE   A 1 148 ? 3.94829   -10.92417 7.64254   1.000 40.49000  ? 319 PHE   A CD1 1 
ATOM   1188 C CD2 . PHE   A 1 148 ? 1.81027   -10.04420 7.06704   1.000 37.72000  ? 319 PHE   A CD2 1 
ATOM   1189 C CE1 . PHE   A 1 148 ? 4.26654   -11.02785 6.30021   1.000 42.39000  ? 319 PHE   A CE1 1 
ATOM   1190 C CE2 . PHE   A 1 148 ? 2.11937   -10.14934 5.72858   1.000 32.89000  ? 319 PHE   A CE2 1 
ATOM   1191 C CZ  . PHE   A 1 148 ? 3.35032   -10.64225 5.34176   1.000 35.93000  ? 319 PHE   A CZ  1 
ATOM   1192 N N   . HIS   A 1 149 ? 1.61878   -12.25996 12.51468  1.000 46.90000  ? 320 HIS   A N   1 
ATOM   1193 C CA  . HIS   A 1 149 ? 1.41424   -11.95777 13.92937  1.000 49.33000  ? 320 HIS   A CA  1 
ATOM   1194 C C   . HIS   A 1 149 ? 2.73399   -11.82408 14.68160  1.000 53.61000  ? 320 HIS   A C   1 
ATOM   1195 O O   . HIS   A 1 149 ? 2.97240   -10.81464 15.35359  1.000 73.44000  ? 320 HIS   A O   1 
ATOM   1196 C CB  . HIS   A 1 149 ? 0.54631   -13.03502 14.57712  1.000 47.57000  ? 320 HIS   A CB  1 
ATOM   1197 C CG  . HIS   A 1 149 ? 0.50398   -12.95468 16.07088  1.000 49.93000  ? 320 HIS   A CG  1 
ATOM   1198 N ND1 . HIS   A 1 149 ? 0.24240   -11.78101 16.74407  1.000 51.55000  ? 320 HIS   A ND1 1 
ATOM   1199 C CD2 . HIS   A 1 149 ? 0.69871   -13.89925 17.02224  1.000 48.53000  ? 320 HIS   A CD2 1 
ATOM   1200 C CE1 . HIS   A 1 149 ? 0.27300   -12.00619 18.04582  1.000 50.10000  ? 320 HIS   A CE1 1 
ATOM   1201 N NE2 . HIS   A 1 149 ? 0.54617   -13.28344 18.24070  1.000 49.20000  ? 320 HIS   A NE2 1 
ATOM   1202 N N   . VAL   A 1 150 ? 3.59536   -12.83659 14.57966  1.000 49.23000  ? 321 VAL   A N   1 
ATOM   1203 C CA  . VAL   A 1 150 ? 4.82355   -12.97339 15.37585  1.000 53.49000  ? 321 VAL   A CA  1 
ATOM   1204 C C   . VAL   A 1 150 ? 4.58981   -12.59473 16.83507  1.000 53.98000  ? 321 VAL   A C   1 
ATOM   1205 O O   . VAL   A 1 150 ? 4.68170   -13.43934 17.72794  1.000 53.78000  ? 321 VAL   A O   1 
ATOM   1206 C CB  . VAL   A 1 150 ? 5.99665   -12.14618 14.78664  1.000 54.80000  ? 321 VAL   A CB  1 
ATOM   1207 C CG1 . VAL   A 1 150 ? 5.95355   -10.69541 15.25316  1.000 52.99000  ? 321 VAL   A CG1 1 
ATOM   1208 C CG2 . VAL   A 1 150 ? 7.32834   -12.78264 15.15587  1.000 58.56000  ? 321 VAL   A CG2 1 
HETATM 1209 C C14 . A1BI3 B 2 .   ? 9.97545   -8.62708  -2.81036  1.000 49.57000  ? 401 A1BI3 A C14 1 
HETATM 1210 N N   . A1BI3 B 2 .   ? 9.51908   -8.36590  -5.25192  1.000 50.01000  ? 401 A1BI3 A N   1 
HETATM 1211 C C   . A1BI3 B 2 .   ? 9.90554   -7.06813  -5.43328  1.000 49.96000  ? 401 A1BI3 A C   1 
HETATM 1212 O O   . A1BI3 B 2 .   ? 10.41899  -6.35773  -4.57922  1.000 53.49000  ? 401 A1BI3 A O   1 
HETATM 1213 C C04 . A1BI3 B 2 .   ? 9.64284   -9.14206  -4.05209  1.000 51.30000  ? 401 A1BI3 A C04 1 
HETATM 1214 C C05 . A1BI3 B 2 .   ? 9.41196   -10.52669 -4.15448  1.000 57.10000  ? 401 A1BI3 A C05 1 
HETATM 1215 C C07 . A1BI3 B 2 .   ? 9.83658   -10.84146 -1.87354  1.000 62.88000  ? 401 A1BI3 A C07 1 
HETATM 1216 C C08 . A1BI3 B 2 .   ? 10.08353  -9.48842  -1.69801  1.000 51.64000  ? 401 A1BI3 A C08 1 
HETATM 1217 C C15 . A1BI3 B 2 .   ? 9.68415   -6.45788  -6.81448  1.000 50.04000  ? 401 A1BI3 A C15 1 
HETATM 1218 C C16 . A1BI3 B 2 .   ? 11.00638  -5.85944  -7.37975  1.000 47.88000  ? 401 A1BI3 A C16 1 
HETATM 1219 C C17 . A1BI3 B 2 .   ? 10.76880  -4.37940  -7.79626  1.000 44.49000  ? 401 A1BI3 A C17 1 
HETATM 1220 C C18 . A1BI3 B 2 .   ? 9.31608   -4.15235  -7.43227  1.000 45.67000  ? 401 A1BI3 A C18 1 
HETATM 1221 C C19 . A1BI3 B 2 .   ? 8.59187   -2.95740  -7.59167  1.000 47.93000  ? 401 A1BI3 A C19 1 
HETATM 1222 C C20 . A1BI3 B 2 .   ? 7.25254   -2.93320  -7.20015  1.000 48.75000  ? 401 A1BI3 A C20 1 
HETATM 1223 C C21 . A1BI3 B 2 .   ? 6.65564   -4.05750  -6.66551  1.000 43.43000  ? 401 A1BI3 A C21 1 
HETATM 1224 C C22 . A1BI3 B 2 .   ? 7.36723   -5.24567  -6.50521  1.000 46.69000  ? 401 A1BI3 A C22 1 
HETATM 1225 C C23 . A1BI3 B 2 .   ? 8.71880   -5.28684  -6.89385  1.000 47.01000  ? 401 A1BI3 A C23 1 
HETATM 1226 N N06 . A1BI3 B 2 .   ? 9.51030   -11.33548 -3.08496  1.000 77.98000  ? 401 A1BI3 A N06 1 
HETATM 1227 O O09 . A1BI3 B 2 .   ? 10.42014  -8.98199  -0.43897  1.000 47.88000  ? 401 A1BI3 A O09 1 
HETATM 1228 O O12 . A1BI3 B 2 .   ? 12.12721  -8.52695  1.22386   1.000 44.39000  ? 401 A1BI3 A O12 1 
HETATM 1229 O O13 . A1BI3 B 2 .   ? 12.49428  -10.33315 -0.50934  1.000 48.01000  ? 401 A1BI3 A O13 1 
HETATM 1230 S S10 . A1BI3 B 2 .   ? 11.88624  -9.08541  -0.09281  1.000 44.23000  ? 401 A1BI3 A S10 1 
HETATM 1231 O O   . HOH   C 3 .   ? 6.96252   -7.77803  -14.35005 1.000 59.53000  ? 501 HOH   A O   1 
HETATM 1232 O O   . HOH   C 3 .   ? -8.33803  -13.18684 13.10353  1.000 39.97000  ? 502 HOH   A O   1 
HETATM 1233 O O   . HOH   C 3 .   ? -6.05978  9.20038   5.15825   1.000 46.13000  ? 503 HOH   A O   1 
HETATM 1234 O O   . HOH   C 3 .   ? -20.42305 1.34800   -1.24915  1.000 47.13000  ? 504 HOH   A O   1 
HETATM 1235 O O   . HOH   C 3 .   ? -3.09330  6.64577   11.53331  1.000 40.68000  ? 505 HOH   A O   1 
HETATM 1236 O O   . HOH   C 3 .   ? 0.69832   11.55983  8.28715   1.000 39.63000  ? 506 HOH   A O   1 
HETATM 1237 O O   . HOH   C 3 .   ? -6.59495  -12.54669 -9.26019  1.000 48.87000  ? 507 HOH   A O   1 
HETATM 1238 O O   . HOH   C 3 .   ? 11.80282  -7.87800  4.44022   1.000 47.22000  ? 508 HOH   A O   1 
HETATM 1239 O O   . HOH   C 3 .   ? -19.50097 -3.22328  2.61595   1.000 48.68000  ? 509 HOH   A O   1 
HETATM 1240 O O   . HOH   C 3 .   ? 0.67861   -8.80545  12.90545  1.000 42.03000  ? 510 HOH   A O   1 
HETATM 1241 O O   . HOH   C 3 .   ? -5.24731  -15.09000 5.48219   1.000 38.72000  ? 511 HOH   A O   1 
HETATM 1242 O O   . HOH   C 3 .   ? -1.05551  8.77495   8.35179   1.000 40.27000  ? 512 HOH   A O   1 
HETATM 1243 O O   . HOH   C 3 .   ? -2.34573  13.89717  -0.61877  1.000 39.02000  ? 513 HOH   A O   1 
HETATM 1244 O O   . HOH   C 3 .   ? -10.72008 11.05958  -4.46818  1.000 48.14000  ? 514 HOH   A O   1 
HETATM 1245 O O   . HOH   C 3 .   ? -0.48945  7.45964   10.59350  1.000 37.95000  ? 515 HOH   A O   1 
HETATM 1246 O O   . HOH   C 3 .   ? 13.17080  -3.22285  -10.68478 1.000 42.26000  ? 516 HOH   A O   1 
HETATM 1247 O O   . HOH   C 3 .   ? -4.87032  -19.87068 12.47808  1.000 41.11000  ? 517 HOH   A O   1 
HETATM 1248 O O   . HOH   C 3 .   ? -0.59024  -15.66491 2.23723   1.000 34.80000  ? 518 HOH   A O   1 
HETATM 1249 O O   . HOH   C 3 .   ? -15.40509 -13.63903 -2.76143  1.000 45.32000  ? 519 HOH   A O   1 
# 
